data_2ZBH
# 
_entry.id   2ZBH 
# 
_audit_conform.dict_name       mmcif_pdbx.dic 
_audit_conform.dict_version    5.398 
_audit_conform.dict_location   http://mmcif.pdb.org/dictionaries/ascii/mmcif_pdbx.dic 
# 
loop_
_database_2.database_id 
_database_2.database_code 
_database_2.pdbx_database_accession 
_database_2.pdbx_DOI 
PDB   2ZBH         pdb_00002zbh 10.2210/pdb2zbh/pdb 
RCSB  RCSB027761   ?            ?                   
WWPDB D_1000027761 ?            ?                   
# 
loop_
_pdbx_audit_revision_history.ordinal 
_pdbx_audit_revision_history.data_content_type 
_pdbx_audit_revision_history.major_revision 
_pdbx_audit_revision_history.minor_revision 
_pdbx_audit_revision_history.revision_date 
1 'Structure model' 1 0 2007-11-13 
2 'Structure model' 1 1 2011-07-13 
3 'Structure model' 1 2 2023-11-01 
4 'Structure model' 1 3 2024-11-13 
# 
_pdbx_audit_revision_details.ordinal             1 
_pdbx_audit_revision_details.revision_ordinal    1 
_pdbx_audit_revision_details.data_content_type   'Structure model' 
_pdbx_audit_revision_details.provider            repository 
_pdbx_audit_revision_details.type                'Initial release' 
_pdbx_audit_revision_details.description         ? 
_pdbx_audit_revision_details.details             ? 
# 
loop_
_pdbx_audit_revision_group.ordinal 
_pdbx_audit_revision_group.revision_ordinal 
_pdbx_audit_revision_group.data_content_type 
_pdbx_audit_revision_group.group 
1 2 'Structure model' 'Version format compliance' 
2 3 'Structure model' 'Data collection'           
3 3 'Structure model' 'Database references'       
4 3 'Structure model' 'Derived calculations'      
5 3 'Structure model' 'Refinement description'    
6 4 'Structure model' 'Structure summary'         
# 
loop_
_pdbx_audit_revision_category.ordinal 
_pdbx_audit_revision_category.revision_ordinal 
_pdbx_audit_revision_category.data_content_type 
_pdbx_audit_revision_category.category 
1 3 'Structure model' chem_comp_atom                
2 3 'Structure model' chem_comp_bond                
3 3 'Structure model' database_2                    
4 3 'Structure model' pdbx_initial_refinement_model 
5 3 'Structure model' struct_site                   
6 4 'Structure model' pdbx_entry_details            
7 4 'Structure model' pdbx_modification_feature     
# 
loop_
_pdbx_audit_revision_item.ordinal 
_pdbx_audit_revision_item.revision_ordinal 
_pdbx_audit_revision_item.data_content_type 
_pdbx_audit_revision_item.item 
1 3 'Structure model' '_database_2.pdbx_DOI'                
2 3 'Structure model' '_database_2.pdbx_database_accession' 
3 3 'Structure model' '_struct_site.pdbx_auth_asym_id'      
4 3 'Structure model' '_struct_site.pdbx_auth_comp_id'      
5 3 'Structure model' '_struct_site.pdbx_auth_seq_id'       
# 
_pdbx_database_status.status_code                     REL 
_pdbx_database_status.entry_id                        2ZBH 
_pdbx_database_status.recvd_initial_deposition_date   2007-10-20 
_pdbx_database_status.deposit_site                    PDBJ 
_pdbx_database_status.process_site                    PDBJ 
_pdbx_database_status.status_code_sf                  REL 
_pdbx_database_status.status_code_mr                  ? 
_pdbx_database_status.SG_entry                        ? 
_pdbx_database_status.pdb_format_compatible           Y 
_pdbx_database_status.status_code_cs                  ? 
_pdbx_database_status.status_code_nmr_data            ? 
_pdbx_database_status.methods_development_category    ? 
# 
_pdbx_database_related.db_name        PDB 
_pdbx_database_related.db_id          2QVD 
_pdbx_database_related.details        . 
_pdbx_database_related.content_type   unspecified 
# 
loop_
_audit_author.name 
_audit_author.pdbx_ordinal 
'Kumar, S.'      1 
'Damodar, N.C.'  2 
'Jain, R.'       3 
'Singh, N.'      4 
'Sharma, S.'     5 
'Kaur, P.'       6 
'Haridas, M.'    7 
'Srinivasan, A.' 8 
'Singh, T.P.'    9 
# 
_citation.id                        primary 
_citation.title                     
'Crystal structure of the complex of phospholipase A2 with Bavachalcone from Aerva lanata at 2.6 A resolution' 
_citation.journal_abbrev            'To be Published' 
_citation.journal_volume            ? 
_citation.page_first                ? 
_citation.page_last                 ? 
_citation.year                      ? 
_citation.journal_id_ASTM           ? 
_citation.country                   ? 
_citation.journal_id_ISSN           ? 
_citation.journal_id_CSD            0353 
_citation.book_publisher            ? 
_citation.pdbx_database_id_PubMed   ? 
_citation.pdbx_database_id_DOI      ? 
# 
loop_
_citation_author.citation_id 
_citation_author.name 
_citation_author.ordinal 
_citation_author.identifier_ORCID 
primary 'Kumar, S.'      1 ? 
primary 'Damodar, N.C.'  2 ? 
primary 'Jain, R.'       3 ? 
primary 'Singh, N.'      4 ? 
primary 'Sharma, S.'     5 ? 
primary 'Kaur, P.'       6 ? 
primary 'Haridas, M.'    7 ? 
primary 'Srinivasan, A.' 8 ? 
primary 'Singh, T.P.'    9 ? 
# 
loop_
_entity.id 
_entity.type 
_entity.src_method 
_entity.pdbx_description 
_entity.formula_weight 
_entity.pdbx_number_of_molecules 
_entity.pdbx_ec 
_entity.pdbx_mutation 
_entity.pdbx_fragment 
_entity.details 
1 polymer     nat 'Phospholipase A2 VRV-PL-VIIIa'                                                                   13629.767 1  
3.1.1.4 ? ? ? 
2 non-polymer syn '(2E)-1-[2-hydroxy-4-methoxy-5-(3-methylbut-2-en-1-yl)phenyl]-3-(4-hydroxyphenyl)prop-2-en-1-one' 338.397   1  ? 
? ? ? 
3 water       nat water                                                                                             18.015    44 ? 
? ? ? 
# 
_entity_name_com.entity_id   1 
_entity_name_com.name        'Phospholipase A2, Phosphatidylcholine 2- acylhydrolase, DPLA2' 
# 
_entity_poly.entity_id                      1 
_entity_poly.type                           'polypeptide(L)' 
_entity_poly.nstd_linkage                   no 
_entity_poly.nstd_monomer                   no 
_entity_poly.pdbx_seq_one_letter_code       
;SLLEFGKMILEETGKLAIPSYSSYGCYCGWGGKGTPKDATDRCCFVHDCCYGNLPDCNPKSDRYKYKRVNGAIVCEKGTS
CENRICECDKAAAICFRQNLNTYSKKYMLYPDFLCKGELKC
;
_entity_poly.pdbx_seq_one_letter_code_can   
;SLLEFGKMILEETGKLAIPSYSSYGCYCGWGGKGTPKDATDRCCFVHDCCYGNLPDCNPKSDRYKYKRVNGAIVCEKGTS
CENRICECDKAAAICFRQNLNTYSKKYMLYPDFLCKGELKC
;
_entity_poly.pdbx_strand_id                 A 
_entity_poly.pdbx_target_identifier         ? 
# 
loop_
_pdbx_entity_nonpoly.entity_id 
_pdbx_entity_nonpoly.name 
_pdbx_entity_nonpoly.comp_id 
2 '(2E)-1-[2-hydroxy-4-methoxy-5-(3-methylbut-2-en-1-yl)phenyl]-3-(4-hydroxyphenyl)prop-2-en-1-one' BVL 
3 water                                                                                             HOH 
# 
loop_
_entity_poly_seq.entity_id 
_entity_poly_seq.num 
_entity_poly_seq.mon_id 
_entity_poly_seq.hetero 
1 1   SER n 
1 2   LEU n 
1 3   LEU n 
1 4   GLU n 
1 5   PHE n 
1 6   GLY n 
1 7   LYS n 
1 8   MET n 
1 9   ILE n 
1 10  LEU n 
1 11  GLU n 
1 12  GLU n 
1 13  THR n 
1 14  GLY n 
1 15  LYS n 
1 16  LEU n 
1 17  ALA n 
1 18  ILE n 
1 19  PRO n 
1 20  SER n 
1 21  TYR n 
1 22  SER n 
1 23  SER n 
1 24  TYR n 
1 25  GLY n 
1 26  CYS n 
1 27  TYR n 
1 28  CYS n 
1 29  GLY n 
1 30  TRP n 
1 31  GLY n 
1 32  GLY n 
1 33  LYS n 
1 34  GLY n 
1 35  THR n 
1 36  PRO n 
1 37  LYS n 
1 38  ASP n 
1 39  ALA n 
1 40  THR n 
1 41  ASP n 
1 42  ARG n 
1 43  CYS n 
1 44  CYS n 
1 45  PHE n 
1 46  VAL n 
1 47  HIS n 
1 48  ASP n 
1 49  CYS n 
1 50  CYS n 
1 51  TYR n 
1 52  GLY n 
1 53  ASN n 
1 54  LEU n 
1 55  PRO n 
1 56  ASP n 
1 57  CYS n 
1 58  ASN n 
1 59  PRO n 
1 60  LYS n 
1 61  SER n 
1 62  ASP n 
1 63  ARG n 
1 64  TYR n 
1 65  LYS n 
1 66  TYR n 
1 67  LYS n 
1 68  ARG n 
1 69  VAL n 
1 70  ASN n 
1 71  GLY n 
1 72  ALA n 
1 73  ILE n 
1 74  VAL n 
1 75  CYS n 
1 76  GLU n 
1 77  LYS n 
1 78  GLY n 
1 79  THR n 
1 80  SER n 
1 81  CYS n 
1 82  GLU n 
1 83  ASN n 
1 84  ARG n 
1 85  ILE n 
1 86  CYS n 
1 87  GLU n 
1 88  CYS n 
1 89  ASP n 
1 90  LYS n 
1 91  ALA n 
1 92  ALA n 
1 93  ALA n 
1 94  ILE n 
1 95  CYS n 
1 96  PHE n 
1 97  ARG n 
1 98  GLN n 
1 99  ASN n 
1 100 LEU n 
1 101 ASN n 
1 102 THR n 
1 103 TYR n 
1 104 SER n 
1 105 LYS n 
1 106 LYS n 
1 107 TYR n 
1 108 MET n 
1 109 LEU n 
1 110 TYR n 
1 111 PRO n 
1 112 ASP n 
1 113 PHE n 
1 114 LEU n 
1 115 CYS n 
1 116 LYS n 
1 117 GLY n 
1 118 GLU n 
1 119 LEU n 
1 120 LYS n 
1 121 CYS n 
# 
_entity_src_nat.entity_id                  1 
_entity_src_nat.pdbx_src_id                1 
_entity_src_nat.pdbx_alt_source_flag       sample 
_entity_src_nat.pdbx_beg_seq_num           ? 
_entity_src_nat.pdbx_end_seq_num           ? 
_entity_src_nat.common_name                ? 
_entity_src_nat.pdbx_organism_scientific   'Daboia russellii pulchella' 
_entity_src_nat.pdbx_ncbi_taxonomy_id      97228 
_entity_src_nat.genus                      Daboia 
_entity_src_nat.species                    'Daboia russellii' 
_entity_src_nat.strain                     pulchella 
_entity_src_nat.tissue                     ? 
_entity_src_nat.tissue_fraction            ? 
_entity_src_nat.pdbx_secretion             ? 
_entity_src_nat.pdbx_fragment              ? 
_entity_src_nat.pdbx_variant               ? 
_entity_src_nat.pdbx_cell_line             ? 
_entity_src_nat.pdbx_atcc                  ? 
_entity_src_nat.pdbx_cellular_location     ? 
_entity_src_nat.pdbx_organ                 ? 
_entity_src_nat.pdbx_organelle             ? 
_entity_src_nat.pdbx_cell                  ? 
_entity_src_nat.pdbx_plasmid_name          ? 
_entity_src_nat.pdbx_plasmid_details       ? 
_entity_src_nat.details                    ? 
# 
loop_
_chem_comp.id 
_chem_comp.type 
_chem_comp.mon_nstd_flag 
_chem_comp.name 
_chem_comp.pdbx_synonyms 
_chem_comp.formula 
_chem_comp.formula_weight 
ALA 'L-peptide linking' y ALANINE                                                                                           ? 
'C3 H7 N O2'     89.093  
ARG 'L-peptide linking' y ARGININE                                                                                          ? 
'C6 H15 N4 O2 1' 175.209 
ASN 'L-peptide linking' y ASPARAGINE                                                                                        ? 
'C4 H8 N2 O3'    132.118 
ASP 'L-peptide linking' y 'ASPARTIC ACID'                                                                                   ? 
'C4 H7 N O4'     133.103 
BVL non-polymer         . '(2E)-1-[2-hydroxy-4-methoxy-5-(3-methylbut-2-en-1-yl)phenyl]-3-(4-hydroxyphenyl)prop-2-en-1-one' 
'(E)-1-[2-hydroxy-4-methoxy-5-(3-methylbut-2-enyl)phenyl]-3-(4-hydroxyphenyl)prop-2-en-1-one' 'C21 H22 O4'     338.397 
CYS 'L-peptide linking' y CYSTEINE                                                                                          ? 
'C3 H7 N O2 S'   121.158 
GLN 'L-peptide linking' y GLUTAMINE                                                                                         ? 
'C5 H10 N2 O3'   146.144 
GLU 'L-peptide linking' y 'GLUTAMIC ACID'                                                                                   ? 
'C5 H9 N O4'     147.129 
GLY 'peptide linking'   y GLYCINE                                                                                           ? 
'C2 H5 N O2'     75.067  
HIS 'L-peptide linking' y HISTIDINE                                                                                         ? 
'C6 H10 N3 O2 1' 156.162 
HOH non-polymer         . WATER                                                                                             ? 
'H2 O'           18.015  
ILE 'L-peptide linking' y ISOLEUCINE                                                                                        ? 
'C6 H13 N O2'    131.173 
LEU 'L-peptide linking' y LEUCINE                                                                                           ? 
'C6 H13 N O2'    131.173 
LYS 'L-peptide linking' y LYSINE                                                                                            ? 
'C6 H15 N2 O2 1' 147.195 
MET 'L-peptide linking' y METHIONINE                                                                                        ? 
'C5 H11 N O2 S'  149.211 
PHE 'L-peptide linking' y PHENYLALANINE                                                                                     ? 
'C9 H11 N O2'    165.189 
PRO 'L-peptide linking' y PROLINE                                                                                           ? 
'C5 H9 N O2'     115.130 
SER 'L-peptide linking' y SERINE                                                                                            ? 
'C3 H7 N O3'     105.093 
THR 'L-peptide linking' y THREONINE                                                                                         ? 
'C4 H9 N O3'     119.119 
TRP 'L-peptide linking' y TRYPTOPHAN                                                                                        ? 
'C11 H12 N2 O2'  204.225 
TYR 'L-peptide linking' y TYROSINE                                                                                          ? 
'C9 H11 N O3'    181.189 
VAL 'L-peptide linking' y VALINE                                                                                            ? 
'C5 H11 N O2'    117.146 
# 
loop_
_pdbx_poly_seq_scheme.asym_id 
_pdbx_poly_seq_scheme.entity_id 
_pdbx_poly_seq_scheme.seq_id 
_pdbx_poly_seq_scheme.mon_id 
_pdbx_poly_seq_scheme.ndb_seq_num 
_pdbx_poly_seq_scheme.pdb_seq_num 
_pdbx_poly_seq_scheme.auth_seq_num 
_pdbx_poly_seq_scheme.pdb_mon_id 
_pdbx_poly_seq_scheme.auth_mon_id 
_pdbx_poly_seq_scheme.pdb_strand_id 
_pdbx_poly_seq_scheme.pdb_ins_code 
_pdbx_poly_seq_scheme.hetero 
A 1 1   SER 1   1   1   SER SER A . n 
A 1 2   LEU 2   2   2   LEU LEU A . n 
A 1 3   LEU 3   3   3   LEU LEU A . n 
A 1 4   GLU 4   4   4   GLU GLU A . n 
A 1 5   PHE 5   5   5   PHE PHE A . n 
A 1 6   GLY 6   6   6   GLY GLY A . n 
A 1 7   LYS 7   7   7   LYS LYS A . n 
A 1 8   MET 8   8   8   MET MET A . n 
A 1 9   ILE 9   9   9   ILE ILE A . n 
A 1 10  LEU 10  10  10  LEU LEU A . n 
A 1 11  GLU 11  11  11  GLU GLU A . n 
A 1 12  GLU 12  12  12  GLU GLU A . n 
A 1 13  THR 13  13  13  THR THR A . n 
A 1 14  GLY 14  14  14  GLY GLY A . n 
A 1 15  LYS 15  16  16  LYS LYS A . n 
A 1 16  LEU 16  17  17  LEU LEU A . n 
A 1 17  ALA 17  18  18  ALA ALA A . n 
A 1 18  ILE 18  19  19  ILE ILE A . n 
A 1 19  PRO 19  20  20  PRO PRO A . n 
A 1 20  SER 20  21  21  SER SER A . n 
A 1 21  TYR 21  22  22  TYR TYR A . n 
A 1 22  SER 22  23  23  SER SER A . n 
A 1 23  SER 23  24  24  SER SER A . n 
A 1 24  TYR 24  25  25  TYR TYR A . n 
A 1 25  GLY 25  26  26  GLY GLY A . n 
A 1 26  CYS 26  27  27  CYS CYS A . n 
A 1 27  TYR 27  28  28  TYR TYR A . n 
A 1 28  CYS 28  29  29  CYS CYS A . n 
A 1 29  GLY 29  30  30  GLY GLY A . n 
A 1 30  TRP 30  31  31  TRP TRP A . n 
A 1 31  GLY 31  32  32  GLY GLY A . n 
A 1 32  GLY 32  33  33  GLY GLY A . n 
A 1 33  LYS 33  34  34  LYS LYS A . n 
A 1 34  GLY 34  35  35  GLY GLY A . n 
A 1 35  THR 35  36  36  THR THR A . n 
A 1 36  PRO 36  37  37  PRO PRO A . n 
A 1 37  LYS 37  38  38  LYS LYS A . n 
A 1 38  ASP 38  39  39  ASP ASP A . n 
A 1 39  ALA 39  40  40  ALA ALA A . n 
A 1 40  THR 40  41  41  THR THR A . n 
A 1 41  ASP 41  42  42  ASP ASP A . n 
A 1 42  ARG 42  43  43  ARG ARG A . n 
A 1 43  CYS 43  44  44  CYS CYS A . n 
A 1 44  CYS 44  45  45  CYS CYS A . n 
A 1 45  PHE 45  46  46  PHE PHE A . n 
A 1 46  VAL 46  47  47  VAL VAL A . n 
A 1 47  HIS 47  48  48  HIS HIS A . n 
A 1 48  ASP 48  49  49  ASP ASP A . n 
A 1 49  CYS 49  50  50  CYS CYS A . n 
A 1 50  CYS 50  51  51  CYS CYS A . n 
A 1 51  TYR 51  52  52  TYR TYR A . n 
A 1 52  GLY 52  53  53  GLY GLY A . n 
A 1 53  ASN 53  54  54  ASN ASN A . n 
A 1 54  LEU 54  55  55  LEU LEU A . n 
A 1 55  PRO 55  56  56  PRO PRO A . n 
A 1 56  ASP 56  59  59  ASP ASP A . n 
A 1 57  CYS 57  61  61  CYS CYS A . n 
A 1 58  ASN 58  67  67  ASN ASN A . n 
A 1 59  PRO 59  68  68  PRO PRO A . n 
A 1 60  LYS 60  69  69  LYS LYS A . n 
A 1 61  SER 61  70  70  SER SER A . n 
A 1 62  ASP 62  71  71  ASP ASP A . n 
A 1 63  ARG 63  72  72  ARG ARG A . n 
A 1 64  TYR 64  73  73  TYR TYR A . n 
A 1 65  LYS 65  74  74  LYS LYS A . n 
A 1 66  TYR 66  75  75  TYR TYR A . n 
A 1 67  LYS 67  76  76  LYS LYS A . n 
A 1 68  ARG 68  77  77  ARG ARG A . n 
A 1 69  VAL 69  78  78  VAL VAL A . n 
A 1 70  ASN 70  79  79  ASN ASN A . n 
A 1 71  GLY 71  80  80  GLY GLY A . n 
A 1 72  ALA 72  81  81  ALA ALA A . n 
A 1 73  ILE 73  82  82  ILE ILE A . n 
A 1 74  VAL 74  83  83  VAL VAL A . n 
A 1 75  CYS 75  84  84  CYS CYS A . n 
A 1 76  GLU 76  85  85  GLU GLU A . n 
A 1 77  LYS 77  86  86  LYS LYS A . n 
A 1 78  GLY 78  88  88  GLY GLY A . n 
A 1 79  THR 79  89  89  THR THR A . n 
A 1 80  SER 80  90  90  SER SER A . n 
A 1 81  CYS 81  91  91  CYS CYS A . n 
A 1 82  GLU 82  92  92  GLU GLU A . n 
A 1 83  ASN 83  93  93  ASN ASN A . n 
A 1 84  ARG 84  94  94  ARG ARG A . n 
A 1 85  ILE 85  95  95  ILE ILE A . n 
A 1 86  CYS 86  96  96  CYS CYS A . n 
A 1 87  GLU 87  97  97  GLU GLU A . n 
A 1 88  CYS 88  98  98  CYS CYS A . n 
A 1 89  ASP 89  99  99  ASP ASP A . n 
A 1 90  LYS 90  100 100 LYS LYS A . n 
A 1 91  ALA 91  101 101 ALA ALA A . n 
A 1 92  ALA 92  102 102 ALA ALA A . n 
A 1 93  ALA 93  103 103 ALA ALA A . n 
A 1 94  ILE 94  104 104 ILE ILE A . n 
A 1 95  CYS 95  105 105 CYS CYS A . n 
A 1 96  PHE 96  106 106 PHE PHE A . n 
A 1 97  ARG 97  107 107 ARG ARG A . n 
A 1 98  GLN 98  108 108 GLN GLN A . n 
A 1 99  ASN 99  109 109 ASN ASN A . n 
A 1 100 LEU 100 110 110 LEU LEU A . n 
A 1 101 ASN 101 111 111 ASN ASN A . n 
A 1 102 THR 102 112 112 THR THR A . n 
A 1 103 TYR 103 113 113 TYR TYR A . n 
A 1 104 SER 104 114 114 SER SER A . n 
A 1 105 LYS 105 115 115 LYS LYS A . n 
A 1 106 LYS 106 116 116 LYS LYS A . n 
A 1 107 TYR 107 117 117 TYR TYR A . n 
A 1 108 MET 108 118 118 MET MET A . n 
A 1 109 LEU 109 119 119 LEU LEU A . n 
A 1 110 TYR 110 120 120 TYR TYR A . n 
A 1 111 PRO 111 121 121 PRO PRO A . n 
A 1 112 ASP 112 122 122 ASP ASP A . n 
A 1 113 PHE 113 124 124 PHE PHE A . n 
A 1 114 LEU 114 125 125 LEU LEU A . n 
A 1 115 CYS 115 126 126 CYS CYS A . n 
A 1 116 LYS 116 127 127 LYS LYS A . n 
A 1 117 GLY 117 128 128 GLY GLY A . n 
A 1 118 GLU 118 129 129 GLU GLU A . n 
A 1 119 LEU 119 130 130 LEU LEU A . n 
A 1 120 LYS 120 131 131 LYS LYS A . n 
A 1 121 CYS 121 133 133 CYS CYS A . n 
# 
loop_
_pdbx_nonpoly_scheme.asym_id 
_pdbx_nonpoly_scheme.entity_id 
_pdbx_nonpoly_scheme.mon_id 
_pdbx_nonpoly_scheme.ndb_seq_num 
_pdbx_nonpoly_scheme.pdb_seq_num 
_pdbx_nonpoly_scheme.auth_seq_num 
_pdbx_nonpoly_scheme.pdb_mon_id 
_pdbx_nonpoly_scheme.auth_mon_id 
_pdbx_nonpoly_scheme.pdb_strand_id 
_pdbx_nonpoly_scheme.pdb_ins_code 
B 2 BVL 1  134 1  BVL DCT A . 
C 3 HOH 1  135 1  HOH HOH A . 
C 3 HOH 2  136 2  HOH HOH A . 
C 3 HOH 3  137 3  HOH HOH A . 
C 3 HOH 4  138 4  HOH HOH A . 
C 3 HOH 5  139 5  HOH HOH A . 
C 3 HOH 6  140 6  HOH HOH A . 
C 3 HOH 7  141 7  HOH HOH A . 
C 3 HOH 8  142 8  HOH HOH A . 
C 3 HOH 9  143 9  HOH HOH A . 
C 3 HOH 10 144 10 HOH HOH A . 
C 3 HOH 11 145 11 HOH HOH A . 
C 3 HOH 12 146 12 HOH HOH A . 
C 3 HOH 13 147 13 HOH HOH A . 
C 3 HOH 14 148 14 HOH HOH A . 
C 3 HOH 15 149 15 HOH HOH A . 
C 3 HOH 16 150 16 HOH HOH A . 
C 3 HOH 17 151 17 HOH HOH A . 
C 3 HOH 18 152 18 HOH HOH A . 
C 3 HOH 19 153 19 HOH HOH A . 
C 3 HOH 20 154 20 HOH HOH A . 
C 3 HOH 21 155 21 HOH HOH A . 
C 3 HOH 22 156 22 HOH HOH A . 
C 3 HOH 23 157 23 HOH HOH A . 
C 3 HOH 24 158 24 HOH HOH A . 
C 3 HOH 25 159 25 HOH HOH A . 
C 3 HOH 26 160 26 HOH HOH A . 
C 3 HOH 27 161 27 HOH HOH A . 
C 3 HOH 28 162 28 HOH HOH A . 
C 3 HOH 29 163 29 HOH HOH A . 
C 3 HOH 30 164 30 HOH HOH A . 
C 3 HOH 31 165 31 HOH HOH A . 
C 3 HOH 32 166 32 HOH HOH A . 
C 3 HOH 33 167 33 HOH HOH A . 
C 3 HOH 34 168 34 HOH HOH A . 
C 3 HOH 35 169 35 HOH HOH A . 
C 3 HOH 36 170 36 HOH HOH A . 
C 3 HOH 37 171 37 HOH HOH A . 
C 3 HOH 38 172 38 HOH HOH A . 
C 3 HOH 39 173 39 HOH HOH A . 
C 3 HOH 40 174 40 HOH HOH A . 
C 3 HOH 41 175 41 HOH HOH A . 
C 3 HOH 42 176 42 HOH HOH A . 
C 3 HOH 43 177 43 HOH HOH A . 
C 3 HOH 44 178 44 HOH HOH A . 
# 
loop_
_software.name 
_software.classification 
_software.version 
_software.citation_id 
_software.pdbx_ordinal 
CNS       refinement        1.1 ? 1 
MAR345dtb 'data collection' .   ? 2 
AUTOMAR   'data reduction'  .   ? 3 
SCALEPACK 'data scaling'    .   ? 4 
AMoRE     phasing           .   ? 5 
# 
_cell.entry_id           2ZBH 
_cell.length_a           52.926 
_cell.length_b           52.926 
_cell.length_c           48.477 
_cell.angle_alpha        90.00 
_cell.angle_beta         90.00 
_cell.angle_gamma        90.00 
_cell.Z_PDB              4 
_cell.pdbx_unique_axis   ? 
_cell.length_a_esd       ? 
_cell.length_b_esd       ? 
_cell.length_c_esd       ? 
_cell.angle_alpha_esd    ? 
_cell.angle_beta_esd     ? 
_cell.angle_gamma_esd    ? 
# 
_symmetry.entry_id                         2ZBH 
_symmetry.space_group_name_H-M             'P 43' 
_symmetry.pdbx_full_space_group_name_H-M   ? 
_symmetry.cell_setting                     ? 
_symmetry.Int_Tables_number                78 
_symmetry.space_group_name_Hall            ? 
# 
_exptl.entry_id          2ZBH 
_exptl.method            'X-RAY DIFFRACTION' 
_exptl.crystals_number   1 
# 
_exptl_crystal.id                    1 
_exptl_crystal.density_meas          ? 
_exptl_crystal.density_Matthews      2.49 
_exptl_crystal.density_percent_sol   50.62 
_exptl_crystal.description           ? 
_exptl_crystal.F_000                 ? 
_exptl_crystal.preparation           ? 
# 
_exptl_crystal_grow.crystal_id      1 
_exptl_crystal_grow.method          'VAPOR DIFFUSION, HANGING DROP' 
_exptl_crystal_grow.temp            298 
_exptl_crystal_grow.temp_details    ? 
_exptl_crystal_grow.pH              6.8 
_exptl_crystal_grow.pdbx_details    
'50mm Ammonium acetate, 0.2M ammonium sulphate, 30%PEG 4000, pH 6.8, VAPOR DIFFUSION, HANGING DROP, temperature 298K' 
_exptl_crystal_grow.pdbx_pH_range   ? 
# 
_diffrn.id                     1 
_diffrn.ambient_temp           298 
_diffrn.ambient_temp_details   ? 
_diffrn.crystal_id             1 
# 
_diffrn_detector.diffrn_id              1 
_diffrn_detector.detector               'IMAGE PLATE' 
_diffrn_detector.type                   'MAR scanner 345 mm plate' 
_diffrn_detector.pdbx_collection_date   2007-08-18 
_diffrn_detector.details                Mirror 
# 
_diffrn_radiation.diffrn_id                        1 
_diffrn_radiation.wavelength_id                    1 
_diffrn_radiation.pdbx_monochromatic_or_laue_m_l   M 
_diffrn_radiation.monochromator                    Graphite 
_diffrn_radiation.pdbx_diffrn_protocol             'SINGLE WAVELENGTH' 
_diffrn_radiation.pdbx_scattering_type             x-ray 
# 
_diffrn_radiation_wavelength.id           1 
_diffrn_radiation_wavelength.wavelength   1.5418 
_diffrn_radiation_wavelength.wt           1.0 
# 
_diffrn_source.diffrn_id                   1 
_diffrn_source.source                      'ROTATING ANODE' 
_diffrn_source.type                        'RIGAKU RU300' 
_diffrn_source.pdbx_synchrotron_site       ? 
_diffrn_source.pdbx_synchrotron_beamline   ? 
_diffrn_source.pdbx_wavelength             ? 
_diffrn_source.pdbx_wavelength_list        1.5418 
# 
_reflns.entry_id                     2ZBH 
_reflns.observed_criterion_sigma_I   0.0 
_reflns.observed_criterion_sigma_F   0.0 
_reflns.d_resolution_low             17.87 
_reflns.d_resolution_high            2.6 
_reflns.number_obs                   4094 
_reflns.number_all                   ? 
_reflns.percent_possible_obs         ? 
_reflns.pdbx_Rmerge_I_obs            ? 
_reflns.pdbx_Rsym_value              0.126 
_reflns.pdbx_netI_over_sigmaI        5.4 
_reflns.B_iso_Wilson_estimate        50.4 
_reflns.pdbx_redundancy              4.6 
_reflns.R_free_details               ? 
_reflns.limit_h_max                  ? 
_reflns.limit_h_min                  ? 
_reflns.limit_k_max                  ? 
_reflns.limit_k_min                  ? 
_reflns.limit_l_max                  ? 
_reflns.limit_l_min                  ? 
_reflns.observed_criterion_F_max     ? 
_reflns.observed_criterion_F_min     ? 
_reflns.pdbx_chi_squared             ? 
_reflns.pdbx_scaling_rejects         ? 
_reflns.pdbx_diffrn_id               1 
_reflns.pdbx_ordinal                 1 
# 
_reflns_shell.d_res_high             2.60 
_reflns_shell.d_res_low              2.69 
_reflns_shell.percent_possible_all   ? 
_reflns_shell.Rmerge_I_obs           ? 
_reflns_shell.pdbx_Rsym_value        0.482 
_reflns_shell.meanI_over_sigI_obs    1.4 
_reflns_shell.pdbx_redundancy        4.6 
_reflns_shell.percent_possible_obs   ? 
_reflns_shell.number_unique_all      19057 
_reflns_shell.number_measured_all    ? 
_reflns_shell.number_measured_obs    ? 
_reflns_shell.number_unique_obs      ? 
_reflns_shell.pdbx_chi_squared       ? 
_reflns_shell.pdbx_diffrn_id         ? 
_reflns_shell.pdbx_ordinal           1 
# 
_refine.entry_id                                 2ZBH 
_refine.ls_number_reflns_obs                     4094 
_refine.ls_number_reflns_all                     ? 
_refine.pdbx_ls_sigma_I                          0.0 
_refine.pdbx_ls_sigma_F                          0.0 
_refine.pdbx_data_cutoff_high_absF               55110.44 
_refine.pdbx_data_cutoff_low_absF                0.000000 
_refine.pdbx_data_cutoff_high_rms_absF           ? 
_refine.ls_d_res_low                             17.87 
_refine.ls_d_res_high                            2.60 
_refine.ls_percent_reflns_obs                    97.4 
_refine.ls_R_factor_obs                          0.197 
_refine.ls_R_factor_all                          ? 
_refine.ls_R_factor_R_work                       0.197 
_refine.ls_R_factor_R_free                       0.227 
_refine.ls_R_factor_R_free_error                 0.015 
_refine.ls_R_factor_R_free_error_details         ? 
_refine.ls_percent_reflns_R_free                 5.3 
_refine.ls_number_reflns_R_free                  216 
_refine.ls_number_parameters                     ? 
_refine.ls_number_restraints                     ? 
_refine.occupancy_min                            ? 
_refine.occupancy_max                            ? 
_refine.correlation_coeff_Fo_to_Fc               ? 
_refine.correlation_coeff_Fo_to_Fc_free          ? 
_refine.B_iso_mean                               39.7 
_refine.aniso_B[1][1]                            2.24 
_refine.aniso_B[2][2]                            2.24 
_refine.aniso_B[3][3]                            -4.48 
_refine.aniso_B[1][2]                            0.00 
_refine.aniso_B[1][3]                            0.00 
_refine.aniso_B[2][3]                            0.00 
_refine.solvent_model_details                    'FLAT MODEL' 
_refine.solvent_model_param_ksol                 0.309582 
_refine.solvent_model_param_bsol                 44.4875 
_refine.pdbx_solvent_vdw_probe_radii             ? 
_refine.pdbx_solvent_ion_probe_radii             ? 
_refine.pdbx_solvent_shrinkage_radii             ? 
_refine.pdbx_ls_cross_valid_method               THROUGHOUT 
_refine.details                                  ? 
_refine.pdbx_starting_model                      2QVD 
_refine.pdbx_method_to_determine_struct          'MOLECULAR REPLACEMENT' 
_refine.pdbx_isotropic_thermal_model             RESTRAINED 
_refine.pdbx_stereochemistry_target_values       'Engh & Huber' 
_refine.pdbx_stereochem_target_val_spec_case     ? 
_refine.pdbx_R_Free_selection_details            RANDOM 
_refine.pdbx_overall_ESU_R                       ? 
_refine.pdbx_overall_ESU_R_Free                  ? 
_refine.overall_SU_ML                            ? 
_refine.overall_SU_B                             ? 
_refine.ls_redundancy_reflns_obs                 ? 
_refine.B_iso_min                                ? 
_refine.B_iso_max                                ? 
_refine.overall_SU_R_Cruickshank_DPI             ? 
_refine.overall_SU_R_free                        ? 
_refine.ls_wR_factor_R_free                      ? 
_refine.ls_wR_factor_R_work                      ? 
_refine.overall_FOM_free_R_set                   ? 
_refine.overall_FOM_work_R_set                   ? 
_refine.pdbx_overall_phase_error                 ? 
_refine.pdbx_refine_id                           'X-RAY DIFFRACTION' 
_refine.pdbx_diffrn_id                           1 
_refine.pdbx_TLS_residual_ADP_flag               ? 
_refine.pdbx_overall_SU_R_free_Cruickshank_DPI   ? 
_refine.pdbx_overall_SU_R_Blow_DPI               ? 
_refine.pdbx_overall_SU_R_free_Blow_DPI          ? 
# 
_refine_analyze.entry_id                        2ZBH 
_refine_analyze.Luzzati_coordinate_error_obs    0.28 
_refine_analyze.Luzzati_sigma_a_obs             0.35 
_refine_analyze.Luzzati_d_res_low_obs           5.00 
_refine_analyze.Luzzati_coordinate_error_free   0.35 
_refine_analyze.Luzzati_sigma_a_free            0.39 
_refine_analyze.Luzzati_d_res_low_free          ? 
_refine_analyze.number_disordered_residues      ? 
_refine_analyze.occupancy_sum_hydrogen          ? 
_refine_analyze.occupancy_sum_non_hydrogen      ? 
_refine_analyze.pdbx_Luzzati_d_res_high_obs     ? 
_refine_analyze.pdbx_refine_id                  'X-RAY DIFFRACTION' 
# 
_refine_hist.pdbx_refine_id                   'X-RAY DIFFRACTION' 
_refine_hist.cycle_id                         LAST 
_refine_hist.pdbx_number_atoms_protein        944 
_refine_hist.pdbx_number_atoms_nucleic_acid   0 
_refine_hist.pdbx_number_atoms_ligand         25 
_refine_hist.number_atoms_solvent             44 
_refine_hist.number_atoms_total               1013 
_refine_hist.d_res_high                       2.60 
_refine_hist.d_res_low                        17.87 
# 
loop_
_refine_ls_restr.type 
_refine_ls_restr.dev_ideal 
_refine_ls_restr.dev_ideal_target 
_refine_ls_restr.weight 
_refine_ls_restr.number 
_refine_ls_restr.pdbx_refine_id 
_refine_ls_restr.pdbx_restraint_function 
c_bond_d           0.015 ?    ? ? 'X-RAY DIFFRACTION' ? 
c_angle_deg        2.5   ?    ? ? 'X-RAY DIFFRACTION' ? 
c_dihedral_angle_d 23.9  ?    ? ? 'X-RAY DIFFRACTION' ? 
c_improper_angle_d 1.61  ?    ? ? 'X-RAY DIFFRACTION' ? 
c_mcbond_it        2.21  1.50 ? ? 'X-RAY DIFFRACTION' ? 
c_mcangle_it       3.63  2.00 ? ? 'X-RAY DIFFRACTION' ? 
c_scbond_it        3.05  2.00 ? ? 'X-RAY DIFFRACTION' ? 
c_scangle_it       4.52  2.50 ? ? 'X-RAY DIFFRACTION' ? 
# 
_refine_ls_shell.pdbx_total_number_of_bins_used   6 
_refine_ls_shell.d_res_high                       2.60 
_refine_ls_shell.d_res_low                        2.76 
_refine_ls_shell.number_reflns_R_work             634 
_refine_ls_shell.R_factor_R_work                  0.298 
_refine_ls_shell.percent_reflns_obs               94.7 
_refine_ls_shell.R_factor_R_free                  0.308 
_refine_ls_shell.R_factor_R_free_error            0.054 
_refine_ls_shell.percent_reflns_R_free            4.9 
_refine_ls_shell.number_reflns_R_free             33 
_refine_ls_shell.number_reflns_all                ? 
_refine_ls_shell.R_factor_all                     ? 
_refine_ls_shell.number_reflns_obs                19057 
_refine_ls_shell.redundancy_reflns_obs            ? 
_refine_ls_shell.pdbx_refine_id                   'X-RAY DIFFRACTION' 
# 
loop_
_pdbx_xplor_file.serial_no 
_pdbx_xplor_file.param_file 
_pdbx_xplor_file.topol_file 
_pdbx_xplor_file.pdbx_refine_id 
1 protein_rep.param protein.top 'X-RAY DIFFRACTION' 
2 ion.param         water.top   'X-RAY DIFFRACTION' 
3 water_rep.param   dct.top     'X-RAY DIFFRACTION' 
4 dct.param         ion.top     'X-RAY DIFFRACTION' 
# 
_struct.entry_id                  2ZBH 
_struct.title                     
'Crystal structure of the complex of phospholipase A2 with Bavachalcone from Aerva lanata at 2.6 A resolution' 
_struct.pdbx_model_details        ? 
_struct.pdbx_CASP_flag            ? 
_struct.pdbx_model_type_details   ? 
# 
_struct_keywords.entry_id        2ZBH 
_struct_keywords.pdbx_keywords   HYDROLASE 
_struct_keywords.text            
;complex, Daucosterol, Aerva lanata, phospholipse A2, Calcium, Hydrolase, Lipid degradation, Metal-binding, Neurotoxin, Presynaptic neurotoxin, Secreted, Toxin
;
# 
loop_
_struct_asym.id 
_struct_asym.pdbx_blank_PDB_chainid_flag 
_struct_asym.pdbx_modified 
_struct_asym.entity_id 
_struct_asym.details 
A N N 1 ? 
B N N 2 ? 
C N N 3 ? 
# 
_struct_ref.id                         1 
_struct_ref.db_name                    UNP 
_struct_ref.db_code                    PA28_DABRP 
_struct_ref.pdbx_db_accession          P59071 
_struct_ref.entity_id                  1 
_struct_ref.pdbx_seq_one_letter_code   
;SLLEFGKMILEETGKLAIPSYSSYGCYCGWGGKGTPKDATDRCCFVHDCCYGNLPDCNPKSDRYKYKRVNGAIVCEKGTS
CENRICECDKAAAICFRQNLNTYSKKYMLYPDFLCKGELKC
;
_struct_ref.pdbx_align_begin           1 
_struct_ref.pdbx_db_isoform            ? 
# 
_struct_ref_seq.align_id                      1 
_struct_ref_seq.ref_id                        1 
_struct_ref_seq.pdbx_PDB_id_code              2ZBH 
_struct_ref_seq.pdbx_strand_id                A 
_struct_ref_seq.seq_align_beg                 1 
_struct_ref_seq.pdbx_seq_align_beg_ins_code   ? 
_struct_ref_seq.seq_align_end                 121 
_struct_ref_seq.pdbx_seq_align_end_ins_code   ? 
_struct_ref_seq.pdbx_db_accession             P59071 
_struct_ref_seq.db_align_beg                  1 
_struct_ref_seq.pdbx_db_align_beg_ins_code    ? 
_struct_ref_seq.db_align_end                  121 
_struct_ref_seq.pdbx_db_align_end_ins_code    ? 
_struct_ref_seq.pdbx_auth_seq_align_beg       1 
_struct_ref_seq.pdbx_auth_seq_align_end       133 
# 
_pdbx_struct_assembly.id                   1 
_pdbx_struct_assembly.details              author_and_software_defined_assembly 
_pdbx_struct_assembly.method_details       PISA 
_pdbx_struct_assembly.oligomeric_details   monomeric 
_pdbx_struct_assembly.oligomeric_count     1 
# 
_pdbx_struct_assembly_gen.assembly_id       1 
_pdbx_struct_assembly_gen.oper_expression   1 
_pdbx_struct_assembly_gen.asym_id_list      A,B,C 
# 
_pdbx_struct_oper_list.id                   1 
_pdbx_struct_oper_list.type                 'identity operation' 
_pdbx_struct_oper_list.name                 1_555 
_pdbx_struct_oper_list.symmetry_operation   x,y,z 
_pdbx_struct_oper_list.matrix[1][1]         1.0000000000 
_pdbx_struct_oper_list.matrix[1][2]         0.0000000000 
_pdbx_struct_oper_list.matrix[1][3]         0.0000000000 
_pdbx_struct_oper_list.vector[1]            0.0000000000 
_pdbx_struct_oper_list.matrix[2][1]         0.0000000000 
_pdbx_struct_oper_list.matrix[2][2]         1.0000000000 
_pdbx_struct_oper_list.matrix[2][3]         0.0000000000 
_pdbx_struct_oper_list.vector[2]            0.0000000000 
_pdbx_struct_oper_list.matrix[3][1]         0.0000000000 
_pdbx_struct_oper_list.matrix[3][2]         0.0000000000 
_pdbx_struct_oper_list.matrix[3][3]         1.0000000000 
_pdbx_struct_oper_list.vector[3]            0.0000000000 
# 
_struct_biol.id        1 
_struct_biol.details   ? 
# 
loop_
_struct_conf.conf_type_id 
_struct_conf.id 
_struct_conf.pdbx_PDB_helix_id 
_struct_conf.beg_label_comp_id 
_struct_conf.beg_label_asym_id 
_struct_conf.beg_label_seq_id 
_struct_conf.pdbx_beg_PDB_ins_code 
_struct_conf.end_label_comp_id 
_struct_conf.end_label_asym_id 
_struct_conf.end_label_seq_id 
_struct_conf.pdbx_end_PDB_ins_code 
_struct_conf.beg_auth_comp_id 
_struct_conf.beg_auth_asym_id 
_struct_conf.beg_auth_seq_id 
_struct_conf.end_auth_comp_id 
_struct_conf.end_auth_asym_id 
_struct_conf.end_auth_seq_id 
_struct_conf.pdbx_PDB_helix_class 
_struct_conf.details 
_struct_conf.pdbx_PDB_helix_length 
HELX_P HELX_P1 1 SER A 1   ? GLY A 14  ? SER A 1   GLY A 14  1 ? 14 
HELX_P HELX_P2 2 LEU A 16  ? TYR A 21  ? LEU A 17  TYR A 22  1 ? 6  
HELX_P HELX_P3 3 ASP A 38  ? ASN A 53  ? ASP A 39  ASN A 54  1 ? 16 
HELX_P HELX_P4 4 THR A 79  ? GLN A 98  ? THR A 89  GLN A 108 1 ? 20 
HELX_P HELX_P5 5 ASN A 99  ? TYR A 103 ? ASN A 109 TYR A 113 5 ? 5  
HELX_P HELX_P6 6 SER A 104 ? MET A 108 ? SER A 114 MET A 118 5 ? 5  
HELX_P HELX_P7 7 PRO A 111 ? CYS A 115 ? PRO A 121 CYS A 126 5 ? 5  
# 
_struct_conf_type.id          HELX_P 
_struct_conf_type.criteria    ? 
_struct_conf_type.reference   ? 
# 
loop_
_struct_conn.id 
_struct_conn.conn_type_id 
_struct_conn.pdbx_leaving_atom_flag 
_struct_conn.pdbx_PDB_id 
_struct_conn.ptnr1_label_asym_id 
_struct_conn.ptnr1_label_comp_id 
_struct_conn.ptnr1_label_seq_id 
_struct_conn.ptnr1_label_atom_id 
_struct_conn.pdbx_ptnr1_label_alt_id 
_struct_conn.pdbx_ptnr1_PDB_ins_code 
_struct_conn.pdbx_ptnr1_standard_comp_id 
_struct_conn.ptnr1_symmetry 
_struct_conn.ptnr2_label_asym_id 
_struct_conn.ptnr2_label_comp_id 
_struct_conn.ptnr2_label_seq_id 
_struct_conn.ptnr2_label_atom_id 
_struct_conn.pdbx_ptnr2_label_alt_id 
_struct_conn.pdbx_ptnr2_PDB_ins_code 
_struct_conn.ptnr1_auth_asym_id 
_struct_conn.ptnr1_auth_comp_id 
_struct_conn.ptnr1_auth_seq_id 
_struct_conn.ptnr2_auth_asym_id 
_struct_conn.ptnr2_auth_comp_id 
_struct_conn.ptnr2_auth_seq_id 
_struct_conn.ptnr2_symmetry 
_struct_conn.pdbx_ptnr3_label_atom_id 
_struct_conn.pdbx_ptnr3_label_seq_id 
_struct_conn.pdbx_ptnr3_label_comp_id 
_struct_conn.pdbx_ptnr3_label_asym_id 
_struct_conn.pdbx_ptnr3_label_alt_id 
_struct_conn.pdbx_ptnr3_PDB_ins_code 
_struct_conn.details 
_struct_conn.pdbx_dist_value 
_struct_conn.pdbx_value_order 
_struct_conn.pdbx_role 
disulf1 disulf ? ? A CYS 26 SG ? ? ? 1_555 A CYS 115 SG ? ? A CYS 27 A CYS 126 1_555 ? ? ? ? ? ? ? 2.011 ? ? 
disulf2 disulf ? ? A CYS 28 SG ? ? ? 1_555 A CYS 44  SG ? ? A CYS 29 A CYS 45  1_555 ? ? ? ? ? ? ? 2.027 ? ? 
disulf3 disulf ? ? A CYS 43 SG ? ? ? 1_555 A CYS 95  SG ? ? A CYS 44 A CYS 105 1_555 ? ? ? ? ? ? ? 2.030 ? ? 
disulf4 disulf ? ? A CYS 49 SG ? ? ? 1_555 A CYS 121 SG ? ? A CYS 50 A CYS 133 1_555 ? ? ? ? ? ? ? 2.032 ? ? 
disulf5 disulf ? ? A CYS 50 SG ? ? ? 1_555 A CYS 88  SG ? ? A CYS 51 A CYS 98  1_555 ? ? ? ? ? ? ? 2.022 ? ? 
disulf6 disulf ? ? A CYS 57 SG ? ? ? 1_555 A CYS 81  SG ? ? A CYS 61 A CYS 91  1_555 ? ? ? ? ? ? ? 2.030 ? ? 
disulf7 disulf ? ? A CYS 75 SG ? ? ? 1_555 A CYS 86  SG ? ? A CYS 84 A CYS 96  1_555 ? ? ? ? ? ? ? 2.022 ? ? 
# 
_struct_conn_type.id          disulf 
_struct_conn_type.criteria    ? 
_struct_conn_type.reference   ? 
# 
loop_
_pdbx_modification_feature.ordinal 
_pdbx_modification_feature.label_comp_id 
_pdbx_modification_feature.label_asym_id 
_pdbx_modification_feature.label_seq_id 
_pdbx_modification_feature.label_alt_id 
_pdbx_modification_feature.modified_residue_label_comp_id 
_pdbx_modification_feature.modified_residue_label_asym_id 
_pdbx_modification_feature.modified_residue_label_seq_id 
_pdbx_modification_feature.modified_residue_label_alt_id 
_pdbx_modification_feature.auth_comp_id 
_pdbx_modification_feature.auth_asym_id 
_pdbx_modification_feature.auth_seq_id 
_pdbx_modification_feature.PDB_ins_code 
_pdbx_modification_feature.symmetry 
_pdbx_modification_feature.modified_residue_auth_comp_id 
_pdbx_modification_feature.modified_residue_auth_asym_id 
_pdbx_modification_feature.modified_residue_auth_seq_id 
_pdbx_modification_feature.modified_residue_PDB_ins_code 
_pdbx_modification_feature.modified_residue_symmetry 
_pdbx_modification_feature.comp_id_linking_atom 
_pdbx_modification_feature.modified_residue_id_linking_atom 
_pdbx_modification_feature.modified_residue_id 
_pdbx_modification_feature.ref_pcm_id 
_pdbx_modification_feature.ref_comp_id 
_pdbx_modification_feature.type 
_pdbx_modification_feature.category 
1 CYS A 26 ? CYS A 115 ? CYS A 27 ? 1_555 CYS A 126 ? 1_555 SG SG . . . None 'Disulfide bridge' 
2 CYS A 28 ? CYS A 44  ? CYS A 29 ? 1_555 CYS A 45  ? 1_555 SG SG . . . None 'Disulfide bridge' 
3 CYS A 43 ? CYS A 95  ? CYS A 44 ? 1_555 CYS A 105 ? 1_555 SG SG . . . None 'Disulfide bridge' 
4 CYS A 49 ? CYS A 121 ? CYS A 50 ? 1_555 CYS A 133 ? 1_555 SG SG . . . None 'Disulfide bridge' 
5 CYS A 50 ? CYS A 88  ? CYS A 51 ? 1_555 CYS A 98  ? 1_555 SG SG . . . None 'Disulfide bridge' 
6 CYS A 57 ? CYS A 81  ? CYS A 61 ? 1_555 CYS A 91  ? 1_555 SG SG . . . None 'Disulfide bridge' 
7 CYS A 75 ? CYS A 86  ? CYS A 84 ? 1_555 CYS A 96  ? 1_555 SG SG . . . None 'Disulfide bridge' 
# 
_struct_mon_prot_cis.pdbx_id                1 
_struct_mon_prot_cis.label_comp_id          ILE 
_struct_mon_prot_cis.label_seq_id           18 
_struct_mon_prot_cis.label_asym_id          A 
_struct_mon_prot_cis.label_alt_id           . 
_struct_mon_prot_cis.pdbx_PDB_ins_code      ? 
_struct_mon_prot_cis.auth_comp_id           ILE 
_struct_mon_prot_cis.auth_seq_id            19 
_struct_mon_prot_cis.auth_asym_id           A 
_struct_mon_prot_cis.pdbx_label_comp_id_2   PRO 
_struct_mon_prot_cis.pdbx_label_seq_id_2    19 
_struct_mon_prot_cis.pdbx_label_asym_id_2   A 
_struct_mon_prot_cis.pdbx_PDB_ins_code_2    ? 
_struct_mon_prot_cis.pdbx_auth_comp_id_2    PRO 
_struct_mon_prot_cis.pdbx_auth_seq_id_2     20 
_struct_mon_prot_cis.pdbx_auth_asym_id_2    A 
_struct_mon_prot_cis.pdbx_PDB_model_num     1 
_struct_mon_prot_cis.pdbx_omega_angle       -0.53 
# 
_struct_sheet.id               A 
_struct_sheet.type             ? 
_struct_sheet.number_strands   2 
_struct_sheet.details          ? 
# 
_struct_sheet_order.sheet_id     A 
_struct_sheet_order.range_id_1   1 
_struct_sheet_order.range_id_2   2 
_struct_sheet_order.offset       ? 
_struct_sheet_order.sense        anti-parallel 
# 
loop_
_struct_sheet_range.sheet_id 
_struct_sheet_range.id 
_struct_sheet_range.beg_label_comp_id 
_struct_sheet_range.beg_label_asym_id 
_struct_sheet_range.beg_label_seq_id 
_struct_sheet_range.pdbx_beg_PDB_ins_code 
_struct_sheet_range.end_label_comp_id 
_struct_sheet_range.end_label_asym_id 
_struct_sheet_range.end_label_seq_id 
_struct_sheet_range.pdbx_end_PDB_ins_code 
_struct_sheet_range.beg_auth_comp_id 
_struct_sheet_range.beg_auth_asym_id 
_struct_sheet_range.beg_auth_seq_id 
_struct_sheet_range.end_auth_comp_id 
_struct_sheet_range.end_auth_asym_id 
_struct_sheet_range.end_auth_seq_id 
A 1 TYR A 66 ? VAL A 69 ? TYR A 75 VAL A 78 
A 2 ALA A 72 ? CYS A 75 ? ALA A 81 CYS A 84 
# 
_pdbx_struct_sheet_hbond.sheet_id                A 
_pdbx_struct_sheet_hbond.range_id_1              1 
_pdbx_struct_sheet_hbond.range_id_2              2 
_pdbx_struct_sheet_hbond.range_1_label_atom_id   N 
_pdbx_struct_sheet_hbond.range_1_label_comp_id   LYS 
_pdbx_struct_sheet_hbond.range_1_label_asym_id   A 
_pdbx_struct_sheet_hbond.range_1_label_seq_id    67 
_pdbx_struct_sheet_hbond.range_1_PDB_ins_code    ? 
_pdbx_struct_sheet_hbond.range_1_auth_atom_id    N 
_pdbx_struct_sheet_hbond.range_1_auth_comp_id    LYS 
_pdbx_struct_sheet_hbond.range_1_auth_asym_id    A 
_pdbx_struct_sheet_hbond.range_1_auth_seq_id     76 
_pdbx_struct_sheet_hbond.range_2_label_atom_id   O 
_pdbx_struct_sheet_hbond.range_2_label_comp_id   VAL 
_pdbx_struct_sheet_hbond.range_2_label_asym_id   A 
_pdbx_struct_sheet_hbond.range_2_label_seq_id    74 
_pdbx_struct_sheet_hbond.range_2_PDB_ins_code    ? 
_pdbx_struct_sheet_hbond.range_2_auth_atom_id    O 
_pdbx_struct_sheet_hbond.range_2_auth_comp_id    VAL 
_pdbx_struct_sheet_hbond.range_2_auth_asym_id    A 
_pdbx_struct_sheet_hbond.range_2_auth_seq_id     83 
# 
_struct_site.id                   AC1 
_struct_site.pdbx_evidence_code   Software 
_struct_site.pdbx_auth_asym_id    A 
_struct_site.pdbx_auth_comp_id    BVL 
_struct_site.pdbx_auth_seq_id     134 
_struct_site.pdbx_auth_ins_code   ? 
_struct_site.pdbx_num_residues    4 
_struct_site.details              'BINDING SITE FOR RESIDUE BVL A 134' 
# 
loop_
_struct_site_gen.id 
_struct_site_gen.site_id 
_struct_site_gen.pdbx_num_res 
_struct_site_gen.label_comp_id 
_struct_site_gen.label_asym_id 
_struct_site_gen.label_seq_id 
_struct_site_gen.pdbx_auth_ins_code 
_struct_site_gen.auth_comp_id 
_struct_site_gen.auth_asym_id 
_struct_site_gen.auth_seq_id 
_struct_site_gen.label_atom_id 
_struct_site_gen.label_alt_id 
_struct_site_gen.symmetry 
_struct_site_gen.details 
1 AC1 4 LEU A 3   ? LEU A 3   . ? 1_555 ? 
2 AC1 4 GLY A 29  ? GLY A 30  . ? 1_555 ? 
3 AC1 4 TRP A 30  ? TRP A 31  . ? 1_555 ? 
4 AC1 4 ASN A 101 ? ASN A 111 . ? 2_655 ? 
# 
_pdbx_entry_details.entry_id                   2ZBH 
_pdbx_entry_details.compound_details           ? 
_pdbx_entry_details.source_details             ? 
_pdbx_entry_details.nonpolymer_details         ? 
_pdbx_entry_details.sequence_details           ? 
_pdbx_entry_details.has_ligand_of_interest     ? 
_pdbx_entry_details.has_protein_modification   Y 
# 
_pdbx_validate_rmsd_bond.id                        1 
_pdbx_validate_rmsd_bond.PDB_model_num             1 
_pdbx_validate_rmsd_bond.auth_atom_id_1            C 
_pdbx_validate_rmsd_bond.auth_asym_id_1            A 
_pdbx_validate_rmsd_bond.auth_comp_id_1            GLY 
_pdbx_validate_rmsd_bond.auth_seq_id_1             30 
_pdbx_validate_rmsd_bond.PDB_ins_code_1            ? 
_pdbx_validate_rmsd_bond.label_alt_id_1            ? 
_pdbx_validate_rmsd_bond.auth_atom_id_2            N 
_pdbx_validate_rmsd_bond.auth_asym_id_2            A 
_pdbx_validate_rmsd_bond.auth_comp_id_2            TRP 
_pdbx_validate_rmsd_bond.auth_seq_id_2             31 
_pdbx_validate_rmsd_bond.PDB_ins_code_2            ? 
_pdbx_validate_rmsd_bond.label_alt_id_2            ? 
_pdbx_validate_rmsd_bond.bond_value                1.559 
_pdbx_validate_rmsd_bond.bond_target_value         1.336 
_pdbx_validate_rmsd_bond.bond_deviation            0.223 
_pdbx_validate_rmsd_bond.bond_standard_deviation   0.023 
_pdbx_validate_rmsd_bond.linker_flag               Y 
# 
loop_
_pdbx_validate_rmsd_angle.id 
_pdbx_validate_rmsd_angle.PDB_model_num 
_pdbx_validate_rmsd_angle.auth_atom_id_1 
_pdbx_validate_rmsd_angle.auth_asym_id_1 
_pdbx_validate_rmsd_angle.auth_comp_id_1 
_pdbx_validate_rmsd_angle.auth_seq_id_1 
_pdbx_validate_rmsd_angle.PDB_ins_code_1 
_pdbx_validate_rmsd_angle.label_alt_id_1 
_pdbx_validate_rmsd_angle.auth_atom_id_2 
_pdbx_validate_rmsd_angle.auth_asym_id_2 
_pdbx_validate_rmsd_angle.auth_comp_id_2 
_pdbx_validate_rmsd_angle.auth_seq_id_2 
_pdbx_validate_rmsd_angle.PDB_ins_code_2 
_pdbx_validate_rmsd_angle.label_alt_id_2 
_pdbx_validate_rmsd_angle.auth_atom_id_3 
_pdbx_validate_rmsd_angle.auth_asym_id_3 
_pdbx_validate_rmsd_angle.auth_comp_id_3 
_pdbx_validate_rmsd_angle.auth_seq_id_3 
_pdbx_validate_rmsd_angle.PDB_ins_code_3 
_pdbx_validate_rmsd_angle.label_alt_id_3 
_pdbx_validate_rmsd_angle.angle_value 
_pdbx_validate_rmsd_angle.angle_target_value 
_pdbx_validate_rmsd_angle.angle_deviation 
_pdbx_validate_rmsd_angle.angle_standard_deviation 
_pdbx_validate_rmsd_angle.linker_flag 
1 1 CA A TRP 31 ? ? C A TRP 31 ? ? N  A GLY 32 ? ? 139.61 116.20 23.41  2.00 Y 
2 1 O  A TRP 31 ? ? C A TRP 31 ? ? N  A GLY 32 ? ? 99.41  123.20 -23.79 1.70 Y 
3 1 C  A TRP 31 ? ? N A GLY 32 ? ? CA A GLY 32 ? ? 163.93 122.30 41.63  2.10 Y 
4 1 C  A ASN 67 ? ? N A PRO 68 ? ? CA A PRO 68 ? ? 129.06 119.30 9.76   1.50 Y 
# 
loop_
_pdbx_validate_torsion.id 
_pdbx_validate_torsion.PDB_model_num 
_pdbx_validate_torsion.auth_comp_id 
_pdbx_validate_torsion.auth_asym_id 
_pdbx_validate_torsion.auth_seq_id 
_pdbx_validate_torsion.PDB_ins_code 
_pdbx_validate_torsion.label_alt_id 
_pdbx_validate_torsion.phi 
_pdbx_validate_torsion.psi 
1 1 SER A 24 ? ? -146.28 38.81 
2 1 ASN A 54 ? ? -99.37  32.57 
3 1 ASN A 79 ? ? 52.08   70.29 
# 
_pdbx_validate_peptide_omega.id               1 
_pdbx_validate_peptide_omega.PDB_model_num    1 
_pdbx_validate_peptide_omega.auth_comp_id_1   TRP 
_pdbx_validate_peptide_omega.auth_asym_id_1   A 
_pdbx_validate_peptide_omega.auth_seq_id_1    31 
_pdbx_validate_peptide_omega.PDB_ins_code_1   ? 
_pdbx_validate_peptide_omega.label_alt_id_1   ? 
_pdbx_validate_peptide_omega.auth_comp_id_2   GLY 
_pdbx_validate_peptide_omega.auth_asym_id_2   A 
_pdbx_validate_peptide_omega.auth_seq_id_2    32 
_pdbx_validate_peptide_omega.PDB_ins_code_2   ? 
_pdbx_validate_peptide_omega.label_alt_id_2   ? 
_pdbx_validate_peptide_omega.omega            -104.52 
# 
loop_
_chem_comp_atom.comp_id 
_chem_comp_atom.atom_id 
_chem_comp_atom.type_symbol 
_chem_comp_atom.pdbx_aromatic_flag 
_chem_comp_atom.pdbx_stereo_config 
_chem_comp_atom.pdbx_ordinal 
ALA N    N N N 1   
ALA CA   C N S 2   
ALA C    C N N 3   
ALA O    O N N 4   
ALA CB   C N N 5   
ALA OXT  O N N 6   
ALA H    H N N 7   
ALA H2   H N N 8   
ALA HA   H N N 9   
ALA HB1  H N N 10  
ALA HB2  H N N 11  
ALA HB3  H N N 12  
ALA HXT  H N N 13  
ARG N    N N N 14  
ARG CA   C N S 15  
ARG C    C N N 16  
ARG O    O N N 17  
ARG CB   C N N 18  
ARG CG   C N N 19  
ARG CD   C N N 20  
ARG NE   N N N 21  
ARG CZ   C N N 22  
ARG NH1  N N N 23  
ARG NH2  N N N 24  
ARG OXT  O N N 25  
ARG H    H N N 26  
ARG H2   H N N 27  
ARG HA   H N N 28  
ARG HB2  H N N 29  
ARG HB3  H N N 30  
ARG HG2  H N N 31  
ARG HG3  H N N 32  
ARG HD2  H N N 33  
ARG HD3  H N N 34  
ARG HE   H N N 35  
ARG HH11 H N N 36  
ARG HH12 H N N 37  
ARG HH21 H N N 38  
ARG HH22 H N N 39  
ARG HXT  H N N 40  
ASN N    N N N 41  
ASN CA   C N S 42  
ASN C    C N N 43  
ASN O    O N N 44  
ASN CB   C N N 45  
ASN CG   C N N 46  
ASN OD1  O N N 47  
ASN ND2  N N N 48  
ASN OXT  O N N 49  
ASN H    H N N 50  
ASN H2   H N N 51  
ASN HA   H N N 52  
ASN HB2  H N N 53  
ASN HB3  H N N 54  
ASN HD21 H N N 55  
ASN HD22 H N N 56  
ASN HXT  H N N 57  
ASP N    N N N 58  
ASP CA   C N S 59  
ASP C    C N N 60  
ASP O    O N N 61  
ASP CB   C N N 62  
ASP CG   C N N 63  
ASP OD1  O N N 64  
ASP OD2  O N N 65  
ASP OXT  O N N 66  
ASP H    H N N 67  
ASP H2   H N N 68  
ASP HA   H N N 69  
ASP HB2  H N N 70  
ASP HB3  H N N 71  
ASP HD2  H N N 72  
ASP HXT  H N N 73  
BVL C2   C Y N 74  
BVL C4   C Y N 75  
BVL C5   C Y N 76  
BVL C6   C Y N 77  
BVL O24  O N N 78  
BVL C9   C N N 79  
BVL C8   C N N 80  
BVL C7   C N N 81  
BVL C1   C Y N 82  
BVL C3   C Y N 83  
BVL O25  O N N 84  
BVL C10  C Y N 85  
BVL C11  C Y N 86  
BVL O23  O N N 87  
BVL C12  C Y N 88  
BVL C13  C Y N 89  
BVL O21  O N N 90  
BVL C22  C N N 91  
BVL C14  C Y N 92  
BVL C15  C Y N 93  
BVL C16  C N N 94  
BVL C17  C N N 95  
BVL C18  C N N 96  
BVL C20  C N N 97  
BVL C19  C N N 98  
BVL H2   H N N 99  
BVL H5   H N N 100 
BVL H6   H N N 101 
BVL H8   H N N 102 
BVL H7   H N N 103 
BVL H3   H N N 104 
BVL HO25 H N N 105 
BVL HO23 H N N 106 
BVL H12  H N N 107 
BVL H22  H N N 108 
BVL H22A H N N 109 
BVL H22B H N N 110 
BVL H15  H N N 111 
BVL H16  H N N 112 
BVL H16A H N N 113 
BVL H17  H N N 114 
BVL H20  H N N 115 
BVL H20A H N N 116 
BVL H20B H N N 117 
BVL H19  H N N 118 
BVL H19A H N N 119 
BVL H19B H N N 120 
CYS N    N N N 121 
CYS CA   C N R 122 
CYS C    C N N 123 
CYS O    O N N 124 
CYS CB   C N N 125 
CYS SG   S N N 126 
CYS OXT  O N N 127 
CYS H    H N N 128 
CYS H2   H N N 129 
CYS HA   H N N 130 
CYS HB2  H N N 131 
CYS HB3  H N N 132 
CYS HG   H N N 133 
CYS HXT  H N N 134 
GLN N    N N N 135 
GLN CA   C N S 136 
GLN C    C N N 137 
GLN O    O N N 138 
GLN CB   C N N 139 
GLN CG   C N N 140 
GLN CD   C N N 141 
GLN OE1  O N N 142 
GLN NE2  N N N 143 
GLN OXT  O N N 144 
GLN H    H N N 145 
GLN H2   H N N 146 
GLN HA   H N N 147 
GLN HB2  H N N 148 
GLN HB3  H N N 149 
GLN HG2  H N N 150 
GLN HG3  H N N 151 
GLN HE21 H N N 152 
GLN HE22 H N N 153 
GLN HXT  H N N 154 
GLU N    N N N 155 
GLU CA   C N S 156 
GLU C    C N N 157 
GLU O    O N N 158 
GLU CB   C N N 159 
GLU CG   C N N 160 
GLU CD   C N N 161 
GLU OE1  O N N 162 
GLU OE2  O N N 163 
GLU OXT  O N N 164 
GLU H    H N N 165 
GLU H2   H N N 166 
GLU HA   H N N 167 
GLU HB2  H N N 168 
GLU HB3  H N N 169 
GLU HG2  H N N 170 
GLU HG3  H N N 171 
GLU HE2  H N N 172 
GLU HXT  H N N 173 
GLY N    N N N 174 
GLY CA   C N N 175 
GLY C    C N N 176 
GLY O    O N N 177 
GLY OXT  O N N 178 
GLY H    H N N 179 
GLY H2   H N N 180 
GLY HA2  H N N 181 
GLY HA3  H N N 182 
GLY HXT  H N N 183 
HIS N    N N N 184 
HIS CA   C N S 185 
HIS C    C N N 186 
HIS O    O N N 187 
HIS CB   C N N 188 
HIS CG   C Y N 189 
HIS ND1  N Y N 190 
HIS CD2  C Y N 191 
HIS CE1  C Y N 192 
HIS NE2  N Y N 193 
HIS OXT  O N N 194 
HIS H    H N N 195 
HIS H2   H N N 196 
HIS HA   H N N 197 
HIS HB2  H N N 198 
HIS HB3  H N N 199 
HIS HD1  H N N 200 
HIS HD2  H N N 201 
HIS HE1  H N N 202 
HIS HE2  H N N 203 
HIS HXT  H N N 204 
HOH O    O N N 205 
HOH H1   H N N 206 
HOH H2   H N N 207 
ILE N    N N N 208 
ILE CA   C N S 209 
ILE C    C N N 210 
ILE O    O N N 211 
ILE CB   C N S 212 
ILE CG1  C N N 213 
ILE CG2  C N N 214 
ILE CD1  C N N 215 
ILE OXT  O N N 216 
ILE H    H N N 217 
ILE H2   H N N 218 
ILE HA   H N N 219 
ILE HB   H N N 220 
ILE HG12 H N N 221 
ILE HG13 H N N 222 
ILE HG21 H N N 223 
ILE HG22 H N N 224 
ILE HG23 H N N 225 
ILE HD11 H N N 226 
ILE HD12 H N N 227 
ILE HD13 H N N 228 
ILE HXT  H N N 229 
LEU N    N N N 230 
LEU CA   C N S 231 
LEU C    C N N 232 
LEU O    O N N 233 
LEU CB   C N N 234 
LEU CG   C N N 235 
LEU CD1  C N N 236 
LEU CD2  C N N 237 
LEU OXT  O N N 238 
LEU H    H N N 239 
LEU H2   H N N 240 
LEU HA   H N N 241 
LEU HB2  H N N 242 
LEU HB3  H N N 243 
LEU HG   H N N 244 
LEU HD11 H N N 245 
LEU HD12 H N N 246 
LEU HD13 H N N 247 
LEU HD21 H N N 248 
LEU HD22 H N N 249 
LEU HD23 H N N 250 
LEU HXT  H N N 251 
LYS N    N N N 252 
LYS CA   C N S 253 
LYS C    C N N 254 
LYS O    O N N 255 
LYS CB   C N N 256 
LYS CG   C N N 257 
LYS CD   C N N 258 
LYS CE   C N N 259 
LYS NZ   N N N 260 
LYS OXT  O N N 261 
LYS H    H N N 262 
LYS H2   H N N 263 
LYS HA   H N N 264 
LYS HB2  H N N 265 
LYS HB3  H N N 266 
LYS HG2  H N N 267 
LYS HG3  H N N 268 
LYS HD2  H N N 269 
LYS HD3  H N N 270 
LYS HE2  H N N 271 
LYS HE3  H N N 272 
LYS HZ1  H N N 273 
LYS HZ2  H N N 274 
LYS HZ3  H N N 275 
LYS HXT  H N N 276 
MET N    N N N 277 
MET CA   C N S 278 
MET C    C N N 279 
MET O    O N N 280 
MET CB   C N N 281 
MET CG   C N N 282 
MET SD   S N N 283 
MET CE   C N N 284 
MET OXT  O N N 285 
MET H    H N N 286 
MET H2   H N N 287 
MET HA   H N N 288 
MET HB2  H N N 289 
MET HB3  H N N 290 
MET HG2  H N N 291 
MET HG3  H N N 292 
MET HE1  H N N 293 
MET HE2  H N N 294 
MET HE3  H N N 295 
MET HXT  H N N 296 
PHE N    N N N 297 
PHE CA   C N S 298 
PHE C    C N N 299 
PHE O    O N N 300 
PHE CB   C N N 301 
PHE CG   C Y N 302 
PHE CD1  C Y N 303 
PHE CD2  C Y N 304 
PHE CE1  C Y N 305 
PHE CE2  C Y N 306 
PHE CZ   C Y N 307 
PHE OXT  O N N 308 
PHE H    H N N 309 
PHE H2   H N N 310 
PHE HA   H N N 311 
PHE HB2  H N N 312 
PHE HB3  H N N 313 
PHE HD1  H N N 314 
PHE HD2  H N N 315 
PHE HE1  H N N 316 
PHE HE2  H N N 317 
PHE HZ   H N N 318 
PHE HXT  H N N 319 
PRO N    N N N 320 
PRO CA   C N S 321 
PRO C    C N N 322 
PRO O    O N N 323 
PRO CB   C N N 324 
PRO CG   C N N 325 
PRO CD   C N N 326 
PRO OXT  O N N 327 
PRO H    H N N 328 
PRO HA   H N N 329 
PRO HB2  H N N 330 
PRO HB3  H N N 331 
PRO HG2  H N N 332 
PRO HG3  H N N 333 
PRO HD2  H N N 334 
PRO HD3  H N N 335 
PRO HXT  H N N 336 
SER N    N N N 337 
SER CA   C N S 338 
SER C    C N N 339 
SER O    O N N 340 
SER CB   C N N 341 
SER OG   O N N 342 
SER OXT  O N N 343 
SER H    H N N 344 
SER H2   H N N 345 
SER HA   H N N 346 
SER HB2  H N N 347 
SER HB3  H N N 348 
SER HG   H N N 349 
SER HXT  H N N 350 
THR N    N N N 351 
THR CA   C N S 352 
THR C    C N N 353 
THR O    O N N 354 
THR CB   C N R 355 
THR OG1  O N N 356 
THR CG2  C N N 357 
THR OXT  O N N 358 
THR H    H N N 359 
THR H2   H N N 360 
THR HA   H N N 361 
THR HB   H N N 362 
THR HG1  H N N 363 
THR HG21 H N N 364 
THR HG22 H N N 365 
THR HG23 H N N 366 
THR HXT  H N N 367 
TRP N    N N N 368 
TRP CA   C N S 369 
TRP C    C N N 370 
TRP O    O N N 371 
TRP CB   C N N 372 
TRP CG   C Y N 373 
TRP CD1  C Y N 374 
TRP CD2  C Y N 375 
TRP NE1  N Y N 376 
TRP CE2  C Y N 377 
TRP CE3  C Y N 378 
TRP CZ2  C Y N 379 
TRP CZ3  C Y N 380 
TRP CH2  C Y N 381 
TRP OXT  O N N 382 
TRP H    H N N 383 
TRP H2   H N N 384 
TRP HA   H N N 385 
TRP HB2  H N N 386 
TRP HB3  H N N 387 
TRP HD1  H N N 388 
TRP HE1  H N N 389 
TRP HE3  H N N 390 
TRP HZ2  H N N 391 
TRP HZ3  H N N 392 
TRP HH2  H N N 393 
TRP HXT  H N N 394 
TYR N    N N N 395 
TYR CA   C N S 396 
TYR C    C N N 397 
TYR O    O N N 398 
TYR CB   C N N 399 
TYR CG   C Y N 400 
TYR CD1  C Y N 401 
TYR CD2  C Y N 402 
TYR CE1  C Y N 403 
TYR CE2  C Y N 404 
TYR CZ   C Y N 405 
TYR OH   O N N 406 
TYR OXT  O N N 407 
TYR H    H N N 408 
TYR H2   H N N 409 
TYR HA   H N N 410 
TYR HB2  H N N 411 
TYR HB3  H N N 412 
TYR HD1  H N N 413 
TYR HD2  H N N 414 
TYR HE1  H N N 415 
TYR HE2  H N N 416 
TYR HH   H N N 417 
TYR HXT  H N N 418 
VAL N    N N N 419 
VAL CA   C N S 420 
VAL C    C N N 421 
VAL O    O N N 422 
VAL CB   C N N 423 
VAL CG1  C N N 424 
VAL CG2  C N N 425 
VAL OXT  O N N 426 
VAL H    H N N 427 
VAL H2   H N N 428 
VAL HA   H N N 429 
VAL HB   H N N 430 
VAL HG11 H N N 431 
VAL HG12 H N N 432 
VAL HG13 H N N 433 
VAL HG21 H N N 434 
VAL HG22 H N N 435 
VAL HG23 H N N 436 
VAL HXT  H N N 437 
# 
loop_
_chem_comp_bond.comp_id 
_chem_comp_bond.atom_id_1 
_chem_comp_bond.atom_id_2 
_chem_comp_bond.value_order 
_chem_comp_bond.pdbx_aromatic_flag 
_chem_comp_bond.pdbx_stereo_config 
_chem_comp_bond.pdbx_ordinal 
ALA N   CA   sing N N 1   
ALA N   H    sing N N 2   
ALA N   H2   sing N N 3   
ALA CA  C    sing N N 4   
ALA CA  CB   sing N N 5   
ALA CA  HA   sing N N 6   
ALA C   O    doub N N 7   
ALA C   OXT  sing N N 8   
ALA CB  HB1  sing N N 9   
ALA CB  HB2  sing N N 10  
ALA CB  HB3  sing N N 11  
ALA OXT HXT  sing N N 12  
ARG N   CA   sing N N 13  
ARG N   H    sing N N 14  
ARG N   H2   sing N N 15  
ARG CA  C    sing N N 16  
ARG CA  CB   sing N N 17  
ARG CA  HA   sing N N 18  
ARG C   O    doub N N 19  
ARG C   OXT  sing N N 20  
ARG CB  CG   sing N N 21  
ARG CB  HB2  sing N N 22  
ARG CB  HB3  sing N N 23  
ARG CG  CD   sing N N 24  
ARG CG  HG2  sing N N 25  
ARG CG  HG3  sing N N 26  
ARG CD  NE   sing N N 27  
ARG CD  HD2  sing N N 28  
ARG CD  HD3  sing N N 29  
ARG NE  CZ   sing N N 30  
ARG NE  HE   sing N N 31  
ARG CZ  NH1  sing N N 32  
ARG CZ  NH2  doub N N 33  
ARG NH1 HH11 sing N N 34  
ARG NH1 HH12 sing N N 35  
ARG NH2 HH21 sing N N 36  
ARG NH2 HH22 sing N N 37  
ARG OXT HXT  sing N N 38  
ASN N   CA   sing N N 39  
ASN N   H    sing N N 40  
ASN N   H2   sing N N 41  
ASN CA  C    sing N N 42  
ASN CA  CB   sing N N 43  
ASN CA  HA   sing N N 44  
ASN C   O    doub N N 45  
ASN C   OXT  sing N N 46  
ASN CB  CG   sing N N 47  
ASN CB  HB2  sing N N 48  
ASN CB  HB3  sing N N 49  
ASN CG  OD1  doub N N 50  
ASN CG  ND2  sing N N 51  
ASN ND2 HD21 sing N N 52  
ASN ND2 HD22 sing N N 53  
ASN OXT HXT  sing N N 54  
ASP N   CA   sing N N 55  
ASP N   H    sing N N 56  
ASP N   H2   sing N N 57  
ASP CA  C    sing N N 58  
ASP CA  CB   sing N N 59  
ASP CA  HA   sing N N 60  
ASP C   O    doub N N 61  
ASP C   OXT  sing N N 62  
ASP CB  CG   sing N N 63  
ASP CB  HB2  sing N N 64  
ASP CB  HB3  sing N N 65  
ASP CG  OD1  doub N N 66  
ASP CG  OD2  sing N N 67  
ASP OD2 HD2  sing N N 68  
ASP OXT HXT  sing N N 69  
BVL C22 O21  sing N N 70  
BVL O21 C13  sing N N 71  
BVL C3  C2   doub Y N 72  
BVL C3  C4   sing Y N 73  
BVL O23 C11  sing N N 74  
BVL C12 C13  doub Y N 75  
BVL C12 C11  sing Y N 76  
BVL C2  C1   sing Y N 77  
BVL O25 C4   sing N N 78  
BVL C4  C5   doub Y E 79  
BVL C13 C14  sing Y N 80  
BVL C11 C10  doub Y N 81  
BVL C1  C7   sing N N 82  
BVL C1  C6   doub Y N 83  
BVL C5  C6   sing Y N 84  
BVL C14 C16  sing N N 85  
BVL C14 C15  doub Y N 86  
BVL C7  C8   doub N N 87  
BVL C16 C17  sing N N 88  
BVL C10 C15  sing Y N 89  
BVL C10 C9   sing N N 90  
BVL C9  C8   sing N N 91  
BVL C9  O24  doub N N 92  
BVL C20 C18  sing N N 93  
BVL C17 C18  doub N N 94  
BVL C18 C19  sing N N 95  
BVL C2  H2   sing N N 96  
BVL C5  H5   sing N N 97  
BVL C6  H6   sing N N 98  
BVL C8  H8   sing N N 99  
BVL C7  H7   sing N N 100 
BVL C3  H3   sing N N 101 
BVL O25 HO25 sing N N 102 
BVL O23 HO23 sing N N 103 
BVL C12 H12  sing N N 104 
BVL C22 H22  sing N N 105 
BVL C22 H22A sing N N 106 
BVL C22 H22B sing N N 107 
BVL C15 H15  sing N N 108 
BVL C16 H16  sing N N 109 
BVL C16 H16A sing N N 110 
BVL C17 H17  sing N N 111 
BVL C20 H20  sing N N 112 
BVL C20 H20A sing N N 113 
BVL C20 H20B sing N N 114 
BVL C19 H19  sing N N 115 
BVL C19 H19A sing N N 116 
BVL C19 H19B sing N N 117 
CYS N   CA   sing N N 118 
CYS N   H    sing N N 119 
CYS N   H2   sing N N 120 
CYS CA  C    sing N N 121 
CYS CA  CB   sing N N 122 
CYS CA  HA   sing N N 123 
CYS C   O    doub N N 124 
CYS C   OXT  sing N N 125 
CYS CB  SG   sing N N 126 
CYS CB  HB2  sing N N 127 
CYS CB  HB3  sing N N 128 
CYS SG  HG   sing N N 129 
CYS OXT HXT  sing N N 130 
GLN N   CA   sing N N 131 
GLN N   H    sing N N 132 
GLN N   H2   sing N N 133 
GLN CA  C    sing N N 134 
GLN CA  CB   sing N N 135 
GLN CA  HA   sing N N 136 
GLN C   O    doub N N 137 
GLN C   OXT  sing N N 138 
GLN CB  CG   sing N N 139 
GLN CB  HB2  sing N N 140 
GLN CB  HB3  sing N N 141 
GLN CG  CD   sing N N 142 
GLN CG  HG2  sing N N 143 
GLN CG  HG3  sing N N 144 
GLN CD  OE1  doub N N 145 
GLN CD  NE2  sing N N 146 
GLN NE2 HE21 sing N N 147 
GLN NE2 HE22 sing N N 148 
GLN OXT HXT  sing N N 149 
GLU N   CA   sing N N 150 
GLU N   H    sing N N 151 
GLU N   H2   sing N N 152 
GLU CA  C    sing N N 153 
GLU CA  CB   sing N N 154 
GLU CA  HA   sing N N 155 
GLU C   O    doub N N 156 
GLU C   OXT  sing N N 157 
GLU CB  CG   sing N N 158 
GLU CB  HB2  sing N N 159 
GLU CB  HB3  sing N N 160 
GLU CG  CD   sing N N 161 
GLU CG  HG2  sing N N 162 
GLU CG  HG3  sing N N 163 
GLU CD  OE1  doub N N 164 
GLU CD  OE2  sing N N 165 
GLU OE2 HE2  sing N N 166 
GLU OXT HXT  sing N N 167 
GLY N   CA   sing N N 168 
GLY N   H    sing N N 169 
GLY N   H2   sing N N 170 
GLY CA  C    sing N N 171 
GLY CA  HA2  sing N N 172 
GLY CA  HA3  sing N N 173 
GLY C   O    doub N N 174 
GLY C   OXT  sing N N 175 
GLY OXT HXT  sing N N 176 
HIS N   CA   sing N N 177 
HIS N   H    sing N N 178 
HIS N   H2   sing N N 179 
HIS CA  C    sing N N 180 
HIS CA  CB   sing N N 181 
HIS CA  HA   sing N N 182 
HIS C   O    doub N N 183 
HIS C   OXT  sing N N 184 
HIS CB  CG   sing N N 185 
HIS CB  HB2  sing N N 186 
HIS CB  HB3  sing N N 187 
HIS CG  ND1  sing Y N 188 
HIS CG  CD2  doub Y N 189 
HIS ND1 CE1  doub Y N 190 
HIS ND1 HD1  sing N N 191 
HIS CD2 NE2  sing Y N 192 
HIS CD2 HD2  sing N N 193 
HIS CE1 NE2  sing Y N 194 
HIS CE1 HE1  sing N N 195 
HIS NE2 HE2  sing N N 196 
HIS OXT HXT  sing N N 197 
HOH O   H1   sing N N 198 
HOH O   H2   sing N N 199 
ILE N   CA   sing N N 200 
ILE N   H    sing N N 201 
ILE N   H2   sing N N 202 
ILE CA  C    sing N N 203 
ILE CA  CB   sing N N 204 
ILE CA  HA   sing N N 205 
ILE C   O    doub N N 206 
ILE C   OXT  sing N N 207 
ILE CB  CG1  sing N N 208 
ILE CB  CG2  sing N N 209 
ILE CB  HB   sing N N 210 
ILE CG1 CD1  sing N N 211 
ILE CG1 HG12 sing N N 212 
ILE CG1 HG13 sing N N 213 
ILE CG2 HG21 sing N N 214 
ILE CG2 HG22 sing N N 215 
ILE CG2 HG23 sing N N 216 
ILE CD1 HD11 sing N N 217 
ILE CD1 HD12 sing N N 218 
ILE CD1 HD13 sing N N 219 
ILE OXT HXT  sing N N 220 
LEU N   CA   sing N N 221 
LEU N   H    sing N N 222 
LEU N   H2   sing N N 223 
LEU CA  C    sing N N 224 
LEU CA  CB   sing N N 225 
LEU CA  HA   sing N N 226 
LEU C   O    doub N N 227 
LEU C   OXT  sing N N 228 
LEU CB  CG   sing N N 229 
LEU CB  HB2  sing N N 230 
LEU CB  HB3  sing N N 231 
LEU CG  CD1  sing N N 232 
LEU CG  CD2  sing N N 233 
LEU CG  HG   sing N N 234 
LEU CD1 HD11 sing N N 235 
LEU CD1 HD12 sing N N 236 
LEU CD1 HD13 sing N N 237 
LEU CD2 HD21 sing N N 238 
LEU CD2 HD22 sing N N 239 
LEU CD2 HD23 sing N N 240 
LEU OXT HXT  sing N N 241 
LYS N   CA   sing N N 242 
LYS N   H    sing N N 243 
LYS N   H2   sing N N 244 
LYS CA  C    sing N N 245 
LYS CA  CB   sing N N 246 
LYS CA  HA   sing N N 247 
LYS C   O    doub N N 248 
LYS C   OXT  sing N N 249 
LYS CB  CG   sing N N 250 
LYS CB  HB2  sing N N 251 
LYS CB  HB3  sing N N 252 
LYS CG  CD   sing N N 253 
LYS CG  HG2  sing N N 254 
LYS CG  HG3  sing N N 255 
LYS CD  CE   sing N N 256 
LYS CD  HD2  sing N N 257 
LYS CD  HD3  sing N N 258 
LYS CE  NZ   sing N N 259 
LYS CE  HE2  sing N N 260 
LYS CE  HE3  sing N N 261 
LYS NZ  HZ1  sing N N 262 
LYS NZ  HZ2  sing N N 263 
LYS NZ  HZ3  sing N N 264 
LYS OXT HXT  sing N N 265 
MET N   CA   sing N N 266 
MET N   H    sing N N 267 
MET N   H2   sing N N 268 
MET CA  C    sing N N 269 
MET CA  CB   sing N N 270 
MET CA  HA   sing N N 271 
MET C   O    doub N N 272 
MET C   OXT  sing N N 273 
MET CB  CG   sing N N 274 
MET CB  HB2  sing N N 275 
MET CB  HB3  sing N N 276 
MET CG  SD   sing N N 277 
MET CG  HG2  sing N N 278 
MET CG  HG3  sing N N 279 
MET SD  CE   sing N N 280 
MET CE  HE1  sing N N 281 
MET CE  HE2  sing N N 282 
MET CE  HE3  sing N N 283 
MET OXT HXT  sing N N 284 
PHE N   CA   sing N N 285 
PHE N   H    sing N N 286 
PHE N   H2   sing N N 287 
PHE CA  C    sing N N 288 
PHE CA  CB   sing N N 289 
PHE CA  HA   sing N N 290 
PHE C   O    doub N N 291 
PHE C   OXT  sing N N 292 
PHE CB  CG   sing N N 293 
PHE CB  HB2  sing N N 294 
PHE CB  HB3  sing N N 295 
PHE CG  CD1  doub Y N 296 
PHE CG  CD2  sing Y N 297 
PHE CD1 CE1  sing Y N 298 
PHE CD1 HD1  sing N N 299 
PHE CD2 CE2  doub Y N 300 
PHE CD2 HD2  sing N N 301 
PHE CE1 CZ   doub Y N 302 
PHE CE1 HE1  sing N N 303 
PHE CE2 CZ   sing Y N 304 
PHE CE2 HE2  sing N N 305 
PHE CZ  HZ   sing N N 306 
PHE OXT HXT  sing N N 307 
PRO N   CA   sing N N 308 
PRO N   CD   sing N N 309 
PRO N   H    sing N N 310 
PRO CA  C    sing N N 311 
PRO CA  CB   sing N N 312 
PRO CA  HA   sing N N 313 
PRO C   O    doub N N 314 
PRO C   OXT  sing N N 315 
PRO CB  CG   sing N N 316 
PRO CB  HB2  sing N N 317 
PRO CB  HB3  sing N N 318 
PRO CG  CD   sing N N 319 
PRO CG  HG2  sing N N 320 
PRO CG  HG3  sing N N 321 
PRO CD  HD2  sing N N 322 
PRO CD  HD3  sing N N 323 
PRO OXT HXT  sing N N 324 
SER N   CA   sing N N 325 
SER N   H    sing N N 326 
SER N   H2   sing N N 327 
SER CA  C    sing N N 328 
SER CA  CB   sing N N 329 
SER CA  HA   sing N N 330 
SER C   O    doub N N 331 
SER C   OXT  sing N N 332 
SER CB  OG   sing N N 333 
SER CB  HB2  sing N N 334 
SER CB  HB3  sing N N 335 
SER OG  HG   sing N N 336 
SER OXT HXT  sing N N 337 
THR N   CA   sing N N 338 
THR N   H    sing N N 339 
THR N   H2   sing N N 340 
THR CA  C    sing N N 341 
THR CA  CB   sing N N 342 
THR CA  HA   sing N N 343 
THR C   O    doub N N 344 
THR C   OXT  sing N N 345 
THR CB  OG1  sing N N 346 
THR CB  CG2  sing N N 347 
THR CB  HB   sing N N 348 
THR OG1 HG1  sing N N 349 
THR CG2 HG21 sing N N 350 
THR CG2 HG22 sing N N 351 
THR CG2 HG23 sing N N 352 
THR OXT HXT  sing N N 353 
TRP N   CA   sing N N 354 
TRP N   H    sing N N 355 
TRP N   H2   sing N N 356 
TRP CA  C    sing N N 357 
TRP CA  CB   sing N N 358 
TRP CA  HA   sing N N 359 
TRP C   O    doub N N 360 
TRP C   OXT  sing N N 361 
TRP CB  CG   sing N N 362 
TRP CB  HB2  sing N N 363 
TRP CB  HB3  sing N N 364 
TRP CG  CD1  doub Y N 365 
TRP CG  CD2  sing Y N 366 
TRP CD1 NE1  sing Y N 367 
TRP CD1 HD1  sing N N 368 
TRP CD2 CE2  doub Y N 369 
TRP CD2 CE3  sing Y N 370 
TRP NE1 CE2  sing Y N 371 
TRP NE1 HE1  sing N N 372 
TRP CE2 CZ2  sing Y N 373 
TRP CE3 CZ3  doub Y N 374 
TRP CE3 HE3  sing N N 375 
TRP CZ2 CH2  doub Y N 376 
TRP CZ2 HZ2  sing N N 377 
TRP CZ3 CH2  sing Y N 378 
TRP CZ3 HZ3  sing N N 379 
TRP CH2 HH2  sing N N 380 
TRP OXT HXT  sing N N 381 
TYR N   CA   sing N N 382 
TYR N   H    sing N N 383 
TYR N   H2   sing N N 384 
TYR CA  C    sing N N 385 
TYR CA  CB   sing N N 386 
TYR CA  HA   sing N N 387 
TYR C   O    doub N N 388 
TYR C   OXT  sing N N 389 
TYR CB  CG   sing N N 390 
TYR CB  HB2  sing N N 391 
TYR CB  HB3  sing N N 392 
TYR CG  CD1  doub Y N 393 
TYR CG  CD2  sing Y N 394 
TYR CD1 CE1  sing Y N 395 
TYR CD1 HD1  sing N N 396 
TYR CD2 CE2  doub Y N 397 
TYR CD2 HD2  sing N N 398 
TYR CE1 CZ   doub Y N 399 
TYR CE1 HE1  sing N N 400 
TYR CE2 CZ   sing Y N 401 
TYR CE2 HE2  sing N N 402 
TYR CZ  OH   sing N N 403 
TYR OH  HH   sing N N 404 
TYR OXT HXT  sing N N 405 
VAL N   CA   sing N N 406 
VAL N   H    sing N N 407 
VAL N   H2   sing N N 408 
VAL CA  C    sing N N 409 
VAL CA  CB   sing N N 410 
VAL CA  HA   sing N N 411 
VAL C   O    doub N N 412 
VAL C   OXT  sing N N 413 
VAL CB  CG1  sing N N 414 
VAL CB  CG2  sing N N 415 
VAL CB  HB   sing N N 416 
VAL CG1 HG11 sing N N 417 
VAL CG1 HG12 sing N N 418 
VAL CG1 HG13 sing N N 419 
VAL CG2 HG21 sing N N 420 
VAL CG2 HG22 sing N N 421 
VAL CG2 HG23 sing N N 422 
VAL OXT HXT  sing N N 423 
# 
_pdbx_initial_refinement_model.id               1 
_pdbx_initial_refinement_model.entity_id_list   ? 
_pdbx_initial_refinement_model.type             'experimental model' 
_pdbx_initial_refinement_model.source_name      PDB 
_pdbx_initial_refinement_model.accession_code   2QVD 
_pdbx_initial_refinement_model.details          ? 
# 
_atom_sites.entry_id                    2ZBH 
_atom_sites.fract_transf_matrix[1][1]   0.01634733 
_atom_sites.fract_transf_matrix[1][2]   -0.00847355 
_atom_sites.fract_transf_matrix[1][3]   -0.00423640 
_atom_sites.fract_transf_matrix[2][1]   0.00311171 
_atom_sites.fract_transf_matrix[2][2]   -0.00317757 
_atom_sites.fract_transf_matrix[2][3]   0.01836310 
_atom_sites.fract_transf_matrix[3][1]   -0.00976912 
_atom_sites.fract_transf_matrix[3][2]   -0.01810785 
_atom_sites.fract_transf_matrix[3][3]   -0.00147799 
_atom_sites.fract_transf_vector[1]      0.469886 
_atom_sites.fract_transf_vector[2]      0.162619 
_atom_sites.fract_transf_vector[3]      0.015011 
# 
loop_
_atom_type.symbol 
C 
N 
O 
S 
# 
loop_
_atom_site.group_PDB 
_atom_site.id 
_atom_site.type_symbol 
_atom_site.label_atom_id 
_atom_site.label_alt_id 
_atom_site.label_comp_id 
_atom_site.label_asym_id 
_atom_site.label_entity_id 
_atom_site.label_seq_id 
_atom_site.pdbx_PDB_ins_code 
_atom_site.Cartn_x 
_atom_site.Cartn_y 
_atom_site.Cartn_z 
_atom_site.occupancy 
_atom_site.B_iso_or_equiv 
_atom_site.pdbx_formal_charge 
_atom_site.auth_seq_id 
_atom_site.auth_comp_id 
_atom_site.auth_asym_id 
_atom_site.auth_atom_id 
_atom_site.pdbx_PDB_model_num 
ATOM   1    N N   . SER A 1 1   ? -9.023  0.263   7.022   1.00 31.51 ? 1   SER A N   1 
ATOM   2    C CA  . SER A 1 1   ? -9.760  -0.726  6.184   1.00 32.75 ? 1   SER A CA  1 
ATOM   3    C C   . SER A 1 1   ? -9.478  -0.362  4.744   1.00 32.73 ? 1   SER A C   1 
ATOM   4    O O   . SER A 1 1   ? -8.981  0.726   4.476   1.00 33.19 ? 1   SER A O   1 
ATOM   5    C CB  . SER A 1 1   ? -11.262 -0.646  6.451   1.00 33.00 ? 1   SER A CB  1 
ATOM   6    O OG  . SER A 1 1   ? -11.823 0.479   5.810   1.00 34.79 ? 1   SER A OG  1 
ATOM   7    N N   . LEU A 1 2   ? -9.793  -1.253  3.813   1.00 33.36 ? 2   LEU A N   1 
ATOM   8    C CA  . LEU A 1 2   ? -9.516  -0.950  2.424   1.00 34.66 ? 2   LEU A CA  1 
ATOM   9    C C   . LEU A 1 2   ? -10.197 0.299   1.901   1.00 35.36 ? 2   LEU A C   1 
ATOM   10   O O   . LEU A 1 2   ? -9.740  0.883   0.923   1.00 37.55 ? 2   LEU A O   1 
ATOM   11   C CB  . LEU A 1 2   ? -9.809  -2.170  1.544   1.00 34.99 ? 2   LEU A CB  1 
ATOM   12   C CG  . LEU A 1 2   ? -8.500  -2.955  1.335   1.00 41.07 ? 2   LEU A CG  1 
ATOM   13   C CD1 . LEU A 1 2   ? -7.590  -2.802  2.568   1.00 44.23 ? 2   LEU A CD1 1 
ATOM   14   C CD2 . LEU A 1 2   ? -8.790  -4.419  1.058   1.00 40.12 ? 2   LEU A CD2 1 
ATOM   15   N N   . LEU A 1 3   ? -11.264 0.735   2.564   1.00 37.11 ? 3   LEU A N   1 
ATOM   16   C CA  . LEU A 1 3   ? -11.951 1.946   2.136   1.00 38.58 ? 3   LEU A CA  1 
ATOM   17   C C   . LEU A 1 3   ? -11.105 3.191   2.419   1.00 38.91 ? 3   LEU A C   1 
ATOM   18   O O   . LEU A 1 3   ? -10.933 4.031   1.535   1.00 39.62 ? 3   LEU A O   1 
ATOM   19   C CB  . LEU A 1 3   ? -13.314 2.078   2.815   1.00 39.24 ? 3   LEU A CB  1 
ATOM   20   C CG  . LEU A 1 3   ? -14.362 1.003   2.507   1.00 46.52 ? 3   LEU A CG  1 
ATOM   21   C CD1 . LEU A 1 3   ? -15.744 1.649   2.596   1.00 46.56 ? 3   LEU A CD1 1 
ATOM   22   C CD2 . LEU A 1 3   ? -14.157 0.403   1.115   1.00 45.10 ? 3   LEU A CD2 1 
ATOM   23   N N   . GLU A 1 4   ? -10.576 3.314   3.638   1.00 36.29 ? 4   GLU A N   1 
ATOM   24   C CA  . GLU A 1 4   ? -9.743  4.468   3.985   1.00 34.50 ? 4   GLU A CA  1 
ATOM   25   C C   . GLU A 1 4   ? -8.496  4.480   3.128   1.00 34.86 ? 4   GLU A C   1 
ATOM   26   O O   . GLU A 1 4   ? -8.035  5.536   2.688   1.00 35.26 ? 4   GLU A O   1 
ATOM   27   C CB  . GLU A 1 4   ? -9.272  4.429   5.439   1.00 35.45 ? 4   GLU A CB  1 
ATOM   28   C CG  . GLU A 1 4   ? -10.287 4.788   6.487   1.00 39.26 ? 4   GLU A CG  1 
ATOM   29   C CD  . GLU A 1 4   ? -11.198 3.637   6.815   1.00 44.25 ? 4   GLU A CD  1 
ATOM   30   O OE1 . GLU A 1 4   ? -10.922 2.510   6.360   1.00 44.85 ? 4   GLU A OE1 1 
ATOM   31   O OE2 . GLU A 1 4   ? -12.184 3.858   7.537   1.00 48.79 ? 4   GLU A OE2 1 
ATOM   32   N N   . PHE A 1 5   ? -7.935  3.296   2.912   1.00 32.67 ? 5   PHE A N   1 
ATOM   33   C CA  . PHE A 1 5   ? -6.726  3.186   2.125   1.00 29.09 ? 5   PHE A CA  1 
ATOM   34   C C   . PHE A 1 5   ? -6.956  3.625   0.685   1.00 31.37 ? 5   PHE A C   1 
ATOM   35   O O   . PHE A 1 5   ? -6.204  4.448   0.157   1.00 32.07 ? 5   PHE A O   1 
ATOM   36   C CB  . PHE A 1 5   ? -6.190  1.755   2.170   1.00 21.91 ? 5   PHE A CB  1 
ATOM   37   C CG  . PHE A 1 5   ? -4.793  1.628   1.650   1.00 15.20 ? 5   PHE A CG  1 
ATOM   38   C CD1 . PHE A 1 5   ? -3.900  2.686   1.781   1.00 18.61 ? 5   PHE A CD1 1 
ATOM   39   C CD2 . PHE A 1 5   ? -4.359  0.461   1.052   1.00 8.05  ? 5   PHE A CD2 1 
ATOM   40   C CE1 . PHE A 1 5   ? -2.595  2.588   1.318   1.00 17.75 ? 5   PHE A CE1 1 
ATOM   41   C CE2 . PHE A 1 5   ? -3.060  0.347   0.586   1.00 15.86 ? 5   PHE A CE2 1 
ATOM   42   C CZ  . PHE A 1 5   ? -2.173  1.415   0.721   1.00 17.30 ? 5   PHE A CZ  1 
ATOM   43   N N   . GLY A 1 6   ? -7.997  3.086   0.055   1.00 30.95 ? 6   GLY A N   1 
ATOM   44   C CA  . GLY A 1 6   ? -8.293  3.452   -1.320  1.00 33.44 ? 6   GLY A CA  1 
ATOM   45   C C   . GLY A 1 6   ? -8.498  4.949   -1.494  1.00 34.95 ? 6   GLY A C   1 
ATOM   46   O O   . GLY A 1 6   ? -8.095  5.530   -2.498  1.00 35.13 ? 6   GLY A O   1 
ATOM   47   N N   . LYS A 1 7   ? -9.134  5.580   -0.517  1.00 33.43 ? 7   LYS A N   1 
ATOM   48   C CA  . LYS A 1 7   ? -9.372  7.009   -0.579  1.00 34.52 ? 7   LYS A CA  1 
ATOM   49   C C   . LYS A 1 7   ? -8.025  7.724   -0.465  1.00 34.95 ? 7   LYS A C   1 
ATOM   50   O O   . LYS A 1 7   ? -7.718  8.629   -1.241  1.00 34.62 ? 7   LYS A O   1 
ATOM   51   C CB  . LYS A 1 7   ? -10.313 7.420   0.561   1.00 35.02 ? 7   LYS A CB  1 
ATOM   52   C CG  . LYS A 1 7   ? -10.625 8.906   0.652   1.00 39.16 ? 7   LYS A CG  1 
ATOM   53   C CD  . LYS A 1 7   ? -11.797 9.143   1.586   1.00 43.65 ? 7   LYS A CD  1 
ATOM   54   C CE  . LYS A 1 7   ? -11.930 10.601  1.991   1.00 48.01 ? 7   LYS A CE  1 
ATOM   55   N NZ  . LYS A 1 7   ? -11.356 10.852  3.347   1.00 51.97 ? 7   LYS A NZ  1 
ATOM   56   N N   . MET A 1 8   ? -7.225  7.294   0.506   1.00 34.35 ? 8   MET A N   1 
ATOM   57   C CA  . MET A 1 8   ? -5.899  7.856   0.761   1.00 32.53 ? 8   MET A CA  1 
ATOM   58   C C   . MET A 1 8   ? -5.038  7.857   -0.518  1.00 30.65 ? 8   MET A C   1 
ATOM   59   O O   . MET A 1 8   ? -4.488  8.889   -0.901  1.00 26.55 ? 8   MET A O   1 
ATOM   60   C CB  . MET A 1 8   ? -5.224  7.034   1.867   1.00 32.87 ? 8   MET A CB  1 
ATOM   61   C CG  . MET A 1 8   ? -4.245  7.787   2.740   1.00 31.39 ? 8   MET A CG  1 
ATOM   62   S SD  . MET A 1 8   ? -3.603  6.771   4.102   1.00 30.10 ? 8   MET A SD  1 
ATOM   63   C CE  . MET A 1 8   ? -4.513  7.396   5.495   1.00 27.82 ? 8   MET A CE  1 
ATOM   64   N N   . ILE A 1 9   ? -4.941  6.698   -1.174  1.00 29.06 ? 9   ILE A N   1 
ATOM   65   C CA  . ILE A 1 9   ? -4.172  6.547   -2.414  1.00 29.71 ? 9   ILE A CA  1 
ATOM   66   C C   . ILE A 1 9   ? -4.630  7.516   -3.499  1.00 32.71 ? 9   ILE A C   1 
ATOM   67   O O   . ILE A 1 9   ? -3.817  8.100   -4.213  1.00 33.66 ? 9   ILE A O   1 
ATOM   68   C CB  . ILE A 1 9   ? -4.314  5.131   -3.009  1.00 29.89 ? 9   ILE A CB  1 
ATOM   69   C CG1 . ILE A 1 9   ? -3.676  4.081   -2.085  1.00 33.17 ? 9   ILE A CG1 1 
ATOM   70   C CG2 . ILE A 1 9   ? -3.723  5.111   -4.403  1.00 23.33 ? 9   ILE A CG2 1 
ATOM   71   C CD1 . ILE A 1 9   ? -2.266  4.422   -1.617  1.00 40.93 ? 9   ILE A CD1 1 
ATOM   72   N N   . LEU A 1 10  ? -5.946  7.656   -3.626  1.00 34.54 ? 10  LEU A N   1 
ATOM   73   C CA  . LEU A 1 10  ? -6.551  8.535   -4.610  1.00 32.90 ? 10  LEU A CA  1 
ATOM   74   C C   . LEU A 1 10  ? -6.206  9.984   -4.322  1.00 33.87 ? 10  LEU A C   1 
ATOM   75   O O   . LEU A 1 10  ? -5.773  10.716  -5.209  1.00 37.01 ? 10  LEU A O   1 
ATOM   76   C CB  . LEU A 1 10  ? -8.066  8.344   -4.607  1.00 34.22 ? 10  LEU A CB  1 
ATOM   77   C CG  . LEU A 1 10  ? -8.918  9.324   -5.423  1.00 36.72 ? 10  LEU A CG  1 
ATOM   78   C CD1 . LEU A 1 10  ? -8.455  9.370   -6.873  1.00 34.19 ? 10  LEU A CD1 1 
ATOM   79   C CD2 . LEU A 1 10  ? -10.374 8.901   -5.343  1.00 35.55 ? 10  LEU A CD2 1 
ATOM   80   N N   . GLU A 1 11  ? -6.399  10.404  -3.079  1.00 34.20 ? 11  GLU A N   1 
ATOM   81   C CA  . GLU A 1 11  ? -6.091  11.781  -2.698  1.00 34.43 ? 11  GLU A CA  1 
ATOM   82   C C   . GLU A 1 11  ? -4.632  12.143  -3.000  1.00 34.05 ? 11  GLU A C   1 
ATOM   83   O O   . GLU A 1 11  ? -4.339  13.251  -3.398  1.00 33.49 ? 11  GLU A O   1 
ATOM   84   C CB  . GLU A 1 11  ? -6.306  12.002  -1.201  1.00 36.08 ? 11  GLU A CB  1 
ATOM   85   C CG  . GLU A 1 11  ? -7.608  11.521  -0.620  1.00 38.27 ? 11  GLU A CG  1 
ATOM   86   C CD  . GLU A 1 11  ? -7.819  12.100  0.754   1.00 40.56 ? 11  GLU A CD  1 
ATOM   87   O OE1 . GLU A 1 11  ? -6.814  12.279  1.479   1.00 40.93 ? 11  GLU A OE1 1 
ATOM   88   O OE2 . GLU A 1 11  ? -8.979  12.375  1.110   1.00 40.82 ? 11  GLU A OE2 1 
ATOM   89   N N   . GLU A 1 12  ? -3.733  11.185  -2.790  1.00 35.97 ? 12  GLU A N   1 
ATOM   90   C CA  . GLU A 1 12  ? -2.285  11.350  -2.981  1.00 37.23 ? 12  GLU A CA  1 
ATOM   91   C C   . GLU A 1 12  ? -1.784  11.344  -4.408  1.00 39.55 ? 12  GLU A C   1 
ATOM   92   O O   . GLU A 1 12  ? -1.109  12.280  -4.846  1.00 39.68 ? 12  GLU A O   1 
ATOM   93   C CB  . GLU A 1 12  ? -1.518  10.243  -2.262  1.00 35.76 ? 12  GLU A CB  1 
ATOM   94   C CG  . GLU A 1 12  ? -1.324  10.397  -0.781  1.00 32.87 ? 12  GLU A CG  1 
ATOM   95   C CD  . GLU A 1 12  ? -0.616  11.675  -0.418  1.00 29.42 ? 12  GLU A CD  1 
ATOM   96   O OE1 . GLU A 1 12  ? 0.509   11.891  -0.893  1.00 31.48 ? 12  GLU A OE1 1 
ATOM   97   O OE2 . GLU A 1 12  ? -1.187  12.469  0.347   1.00 27.07 ? 12  GLU A OE2 1 
ATOM   98   N N   . THR A 1 13  ? -2.099  10.264  -5.116  1.00 40.98 ? 13  THR A N   1 
ATOM   99   C CA  . THR A 1 13  ? -1.630  10.057  -6.477  1.00 42.73 ? 13  THR A CA  1 
ATOM   100  C C   . THR A 1 13  ? -2.597  10.503  -7.559  1.00 44.56 ? 13  THR A C   1 
ATOM   101  O O   . THR A 1 13  ? -2.193  10.770  -8.688  1.00 49.10 ? 13  THR A O   1 
ATOM   102  C CB  . THR A 1 13  ? -1.344  8.573   -6.722  1.00 42.52 ? 13  THR A CB  1 
ATOM   103  O OG1 . THR A 1 13  ? -2.589  7.863   -6.751  1.00 42.92 ? 13  THR A OG1 1 
ATOM   104  C CG2 . THR A 1 13  ? -0.480  8.006   -5.607  1.00 39.74 ? 13  THR A CG2 1 
ATOM   105  N N   . GLY A 1 14  ? -3.878  10.570  -7.227  1.00 44.22 ? 14  GLY A N   1 
ATOM   106  C CA  . GLY A 1 14  ? -4.858  10.957  -8.219  1.00 43.42 ? 14  GLY A CA  1 
ATOM   107  C C   . GLY A 1 14  ? -5.429  9.721   -8.890  1.00 44.47 ? 14  GLY A C   1 
ATOM   108  O O   . GLY A 1 14  ? -6.500  9.773   -9.497  1.00 48.63 ? 14  GLY A O   1 
ATOM   109  N N   . LYS A 1 15  ? -4.713  8.605   -8.776  1.00 42.14 ? 16  LYS A N   1 
ATOM   110  C CA  . LYS A 1 15  ? -5.154  7.344   -9.367  1.00 42.18 ? 16  LYS A CA  1 
ATOM   111  C C   . LYS A 1 15  ? -6.025  6.557   -8.394  1.00 43.13 ? 16  LYS A C   1 
ATOM   112  O O   . LYS A 1 15  ? -5.957  6.750   -7.178  1.00 43.15 ? 16  LYS A O   1 
ATOM   113  C CB  . LYS A 1 15  ? -3.957  6.474   -9.742  1.00 38.30 ? 16  LYS A CB  1 
ATOM   114  C CG  . LYS A 1 15  ? -3.063  7.017   -10.833 1.00 37.82 ? 16  LYS A CG  1 
ATOM   115  C CD  . LYS A 1 15  ? -1.663  6.463   -10.631 1.00 37.97 ? 16  LYS A CD  1 
ATOM   116  C CE  . LYS A 1 15  ? -0.769  6.688   -11.829 1.00 40.75 ? 16  LYS A CE  1 
ATOM   117  N NZ  . LYS A 1 15  ? -1.494  6.419   -13.101 1.00 45.30 ? 16  LYS A NZ  1 
ATOM   118  N N   . LEU A 1 16  ? -6.841  5.663   -8.940  1.00 44.16 ? 17  LEU A N   1 
ATOM   119  C CA  . LEU A 1 16  ? -7.722  4.819   -8.134  1.00 44.48 ? 17  LEU A CA  1 
ATOM   120  C C   . LEU A 1 16  ? -6.989  3.529   -7.780  1.00 43.99 ? 17  LEU A C   1 
ATOM   121  O O   . LEU A 1 16  ? -6.390  2.900   -8.651  1.00 44.25 ? 17  LEU A O   1 
ATOM   122  C CB  . LEU A 1 16  ? -8.993  4.475   -8.920  1.00 45.07 ? 17  LEU A CB  1 
ATOM   123  C CG  . LEU A 1 16  ? -9.993  5.588   -9.248  1.00 45.07 ? 17  LEU A CG  1 
ATOM   124  C CD1 . LEU A 1 16  ? -10.399 5.487   -10.711 1.00 44.54 ? 17  LEU A CD1 1 
ATOM   125  C CD2 . LEU A 1 16  ? -11.210 5.474   -8.342  1.00 43.86 ? 17  LEU A CD2 1 
ATOM   126  N N   . ALA A 1 17  ? -7.042  3.138   -6.510  1.00 42.60 ? 18  ALA A N   1 
ATOM   127  C CA  . ALA A 1 17  ? -6.378  1.918   -6.054  1.00 42.41 ? 18  ALA A CA  1 
ATOM   128  C C   . ALA A 1 17  ? -6.629  0.753   -7.010  1.00 42.72 ? 18  ALA A C   1 
ATOM   129  O O   . ALA A 1 17  ? -5.705  0.024   -7.374  1.00 41.55 ? 18  ALA A O   1 
ATOM   130  C CB  . ALA A 1 17  ? -6.850  1.563   -4.656  1.00 42.46 ? 18  ALA A CB  1 
ATOM   131  N N   . ILE A 1 18  ? -7.884  0.581   -7.408  1.00 44.20 ? 19  ILE A N   1 
ATOM   132  C CA  . ILE A 1 18  ? -8.271  -0.471  -8.351  1.00 47.80 ? 19  ILE A CA  1 
ATOM   133  C C   . ILE A 1 18  ? -8.603  0.261   -9.649  1.00 46.36 ? 19  ILE A C   1 
ATOM   134  O O   . ILE A 1 18  ? -9.440  1.159   -9.642  1.00 46.18 ? 19  ILE A O   1 
ATOM   135  C CB  . ILE A 1 18  ? -9.548  -1.217  -7.886  1.00 51.34 ? 19  ILE A CB  1 
ATOM   136  C CG1 . ILE A 1 18  ? -9.370  -1.780  -6.471  1.00 52.74 ? 19  ILE A CG1 1 
ATOM   137  C CG2 . ILE A 1 18  ? -9.873  -2.331  -8.864  1.00 51.98 ? 19  ILE A CG2 1 
ATOM   138  C CD1 . ILE A 1 18  ? -9.499  -0.741  -5.375  1.00 58.09 ? 19  ILE A CD1 1 
ATOM   139  N N   . PRO A 1 19  ? -8.001  -0.128  -10.791 1.00 46.32 ? 20  PRO A N   1 
ATOM   140  C CA  . PRO A 1 19  ? -7.016  -1.155  -11.146 1.00 45.75 ? 20  PRO A CA  1 
ATOM   141  C C   . PRO A 1 19  ? -5.545  -0.727  -11.156 1.00 44.02 ? 20  PRO A C   1 
ATOM   142  O O   . PRO A 1 19  ? -4.679  -1.493  -11.584 1.00 44.83 ? 20  PRO A O   1 
ATOM   143  C CB  . PRO A 1 19  ? -7.464  -1.578  -12.551 1.00 47.69 ? 20  PRO A CB  1 
ATOM   144  C CG  . PRO A 1 19  ? -8.376  -0.409  -13.059 1.00 47.55 ? 20  PRO A CG  1 
ATOM   145  C CD  . PRO A 1 19  ? -8.351  0.651   -11.988 1.00 47.27 ? 20  PRO A CD  1 
ATOM   146  N N   . SER A 1 20  ? -5.260  0.483   -10.691 1.00 40.80 ? 21  SER A N   1 
ATOM   147  C CA  . SER A 1 20  ? -3.889  0.991   -10.696 1.00 39.54 ? 21  SER A CA  1 
ATOM   148  C C   . SER A 1 20  ? -2.933  0.317   -9.735  1.00 38.72 ? 21  SER A C   1 
ATOM   149  O O   . SER A 1 20  ? -1.793  0.023   -10.082 1.00 39.53 ? 21  SER A O   1 
ATOM   150  C CB  . SER A 1 20  ? -3.891  2.485   -10.416 1.00 40.25 ? 21  SER A CB  1 
ATOM   151  O OG  . SER A 1 20  ? -4.484  3.195   -11.480 1.00 42.10 ? 21  SER A OG  1 
ATOM   152  N N   . TYR A 1 21  ? -3.409  0.079   -8.512  1.00 31.13 ? 22  TYR A N   1 
ATOM   153  C CA  . TYR A 1 21  ? -2.530  -0.510  -7.505  1.00 31.26 ? 22  TYR A CA  1 
ATOM   154  C C   . TYR A 1 21  ? -3.028  -1.835  -6.937  1.00 32.76 ? 22  TYR A C   1 
ATOM   155  O O   . TYR A 1 21  ? -2.575  -2.257  -5.869  1.00 34.78 ? 22  TYR A O   1 
ATOM   156  C CB  . TYR A 1 21  ? -2.328  0.484   -6.356  1.00 28.78 ? 22  TYR A CB  1 
ATOM   157  C CG  . TYR A 1 21  ? -1.578  1.736   -6.740  1.00 27.27 ? 22  TYR A CG  1 
ATOM   158  C CD1 . TYR A 1 21  ? -0.192  1.720   -6.908  1.00 27.58 ? 22  TYR A CD1 1 
ATOM   159  C CD2 . TYR A 1 21  ? -2.253  2.939   -6.942  1.00 24.72 ? 22  TYR A CD2 1 
ATOM   160  C CE1 . TYR A 1 21  ? 0.506   2.876   -7.268  1.00 26.70 ? 22  TYR A CE1 1 
ATOM   161  C CE2 . TYR A 1 21  ? -1.568  4.096   -7.303  1.00 27.23 ? 22  TYR A CE2 1 
ATOM   162  C CZ  . TYR A 1 21  ? -0.190  4.059   -7.460  1.00 26.40 ? 22  TYR A CZ  1 
ATOM   163  O OH  . TYR A 1 21  ? 0.484   5.206   -7.802  1.00 24.55 ? 22  TYR A OH  1 
ATOM   164  N N   . SER A 1 22  ? -4.072  -2.451  -7.646  1.00 42.95 ? 23  SER A N   1 
ATOM   165  C CA  . SER A 1 22  ? -4.712  -3.732  -7.255  1.00 41.53 ? 23  SER A CA  1 
ATOM   166  C C   . SER A 1 22  ? -4.072  -4.980  -7.882  1.00 40.65 ? 23  SER A C   1 
ATOM   167  O O   . SER A 1 22  ? -4.252  -6.098  -7.396  1.00 42.07 ? 23  SER A O   1 
ATOM   168  C CB  . SER A 1 22  ? -6.200  -3.704  -7.602  1.00 41.47 ? 23  SER A CB  1 
ATOM   169  O OG  . SER A 1 22  ? -6.469  -3.353  -8.961  1.00 42.93 ? 23  SER A OG  1 
ATOM   170  N N   . SER A 1 23  ? -3.344  -4.780  -8.977  1.00 40.95 ? 24  SER A N   1 
ATOM   171  C CA  . SER A 1 23  ? -2.688  -5.876  -9.714  1.00 40.30 ? 24  SER A CA  1 
ATOM   172  C C   . SER A 1 23  ? -1.349  -5.430  -10.335 1.00 38.68 ? 24  SER A C   1 
ATOM   173  O O   . SER A 1 23  ? -1.021  -5.815  -11.453 1.00 40.39 ? 24  SER A O   1 
ATOM   174  C CB  . SER A 1 23  ? -3.599  -6.365  -10.818 1.00 40.27 ? 24  SER A CB  1 
ATOM   175  O OG  . SER A 1 23  ? -3.869  -5.319  -11.744 1.00 46.88 ? 24  SER A OG  1 
ATOM   176  N N   . TYR A 1 24  ? -0.588  -4.612  -9.611  1.00 36.94 ? 25  TYR A N   1 
ATOM   177  C CA  . TYR A 1 24  ? 0.693   -4.080  -10.094 1.00 35.01 ? 25  TYR A CA  1 
ATOM   178  C C   . TYR A 1 24  ? 1.918   -4.867  -9.605  1.00 33.70 ? 25  TYR A C   1 
ATOM   179  O O   . TYR A 1 24  ? 1.996   -5.260  -8.445  1.00 32.48 ? 25  TYR A O   1 
ATOM   180  C CB  . TYR A 1 24  ? 0.798   -2.614  -9.667  1.00 32.98 ? 25  TYR A CB  1 
ATOM   181  C CG  . TYR A 1 24  ? 1.911   -1.826  -10.330 1.00 32.76 ? 25  TYR A CG  1 
ATOM   182  C CD1 . TYR A 1 24  ? 3.234   -1.928  -9.892  1.00 31.60 ? 25  TYR A CD1 1 
ATOM   183  C CD2 . TYR A 1 24  ? 1.636   -0.960  -11.388 1.00 35.10 ? 25  TYR A CD2 1 
ATOM   184  C CE1 . TYR A 1 24  ? 4.253   -1.181  -10.491 1.00 32.29 ? 25  TYR A CE1 1 
ATOM   185  C CE2 . TYR A 1 24  ? 2.648   -0.212  -11.992 1.00 35.41 ? 25  TYR A CE2 1 
ATOM   186  C CZ  . TYR A 1 24  ? 3.950   -0.326  -11.536 1.00 33.63 ? 25  TYR A CZ  1 
ATOM   187  O OH  . TYR A 1 24  ? 4.945   0.418   -12.120 1.00 28.96 ? 25  TYR A OH  1 
ATOM   188  N N   . GLY A 1 25  ? 2.872   -5.088  -10.501 1.00 33.82 ? 26  GLY A N   1 
ATOM   189  C CA  . GLY A 1 25  ? 4.078   -5.815  -10.145 1.00 33.02 ? 26  GLY A CA  1 
ATOM   190  C C   . GLY A 1 25  ? 3.799   -7.109  -9.398  1.00 34.60 ? 26  GLY A C   1 
ATOM   191  O O   . GLY A 1 25  ? 2.801   -7.777  -9.657  1.00 36.73 ? 26  GLY A O   1 
ATOM   192  N N   . CYS A 1 26  ? 4.670   -7.451  -8.454  1.00 35.08 ? 27  CYS A N   1 
ATOM   193  C CA  . CYS A 1 26  ? 4.538   -8.669  -7.671  1.00 33.32 ? 27  CYS A CA  1 
ATOM   194  C C   . CYS A 1 26  ? 3.914   -8.541  -6.292  1.00 33.40 ? 27  CYS A C   1 
ATOM   195  O O   . CYS A 1 26  ? 3.515   -9.558  -5.708  1.00 35.22 ? 27  CYS A O   1 
ATOM   196  C CB  . CYS A 1 26  ? 5.911   -9.329  -7.507  1.00 33.80 ? 27  CYS A CB  1 
ATOM   197  S SG  . CYS A 1 26  ? 6.623   -9.844  -9.099  1.00 38.99 ? 27  CYS A SG  1 
ATOM   198  N N   . TYR A 1 27  ? 3.816   -7.326  -5.750  1.00 35.22 ? 28  TYR A N   1 
ATOM   199  C CA  . TYR A 1 27  ? 3.269   -7.142  -4.403  1.00 34.04 ? 28  TYR A CA  1 
ATOM   200  C C   . TYR A 1 27  ? 2.071   -6.245  -4.237  1.00 34.77 ? 28  TYR A C   1 
ATOM   201  O O   . TYR A 1 27  ? 1.335   -6.357  -3.252  1.00 36.89 ? 28  TYR A O   1 
ATOM   202  C CB  . TYR A 1 27  ? 4.358   -6.673  -3.436  1.00 30.37 ? 28  TYR A CB  1 
ATOM   203  C CG  . TYR A 1 27  ? 5.387   -7.722  -3.186  1.00 28.82 ? 28  TYR A CG  1 
ATOM   204  C CD1 . TYR A 1 27  ? 6.477   -7.877  -4.046  1.00 27.36 ? 28  TYR A CD1 1 
ATOM   205  C CD2 . TYR A 1 27  ? 5.234   -8.619  -2.129  1.00 30.00 ? 28  TYR A CD2 1 
ATOM   206  C CE1 . TYR A 1 27  ? 7.389   -8.915  -3.859  1.00 26.61 ? 28  TYR A CE1 1 
ATOM   207  C CE2 . TYR A 1 27  ? 6.136   -9.658  -1.930  1.00 28.40 ? 28  TYR A CE2 1 
ATOM   208  C CZ  . TYR A 1 27  ? 7.206   -9.803  -2.796  1.00 27.78 ? 28  TYR A CZ  1 
ATOM   209  O OH  . TYR A 1 27  ? 8.066   -10.853 -2.593  1.00 25.68 ? 28  TYR A OH  1 
ATOM   210  N N   . CYS A 1 28  ? 1.848   -5.364  -5.191  1.00 35.69 ? 29  CYS A N   1 
ATOM   211  C CA  . CYS A 1 28  ? 0.694   -4.507  -5.084  1.00 37.65 ? 29  CYS A CA  1 
ATOM   212  C C   . CYS A 1 28  ? -0.470  -5.452  -5.299  1.00 42.40 ? 29  CYS A C   1 
ATOM   213  O O   . CYS A 1 28  ? -0.448  -6.252  -6.228  1.00 45.71 ? 29  CYS A O   1 
ATOM   214  C CB  . CYS A 1 28  ? 0.748   -3.441  -6.164  1.00 33.75 ? 29  CYS A CB  1 
ATOM   215  S SG  . CYS A 1 28  ? 2.224   -2.407  -5.972  1.00 32.41 ? 29  CYS A SG  1 
ATOM   216  N N   . GLY A 1 29  ? -1.474  -5.404  -4.436  1.00 46.39 ? 30  GLY A N   1 
ATOM   217  C CA  . GLY A 1 29  ? -2.601  -6.306  -4.607  1.00 52.54 ? 30  GLY A CA  1 
ATOM   218  C C   . GLY A 1 29  ? -2.516  -7.591  -3.805  1.00 56.46 ? 30  GLY A C   1 
ATOM   219  O O   . GLY A 1 29  ? -2.130  -7.553  -2.646  1.00 56.27 ? 30  GLY A O   1 
ATOM   220  N N   . TRP A 1 30  ? -3.323  -8.802  -4.365  1.00 58.68 ? 31  TRP A N   1 
ATOM   221  C CA  . TRP A 1 30  ? -3.268  -10.221 -3.943  1.00 60.65 ? 31  TRP A CA  1 
ATOM   222  C C   . TRP A 1 30  ? -1.836  -10.772 -3.767  1.00 60.92 ? 31  TRP A C   1 
ATOM   223  O O   . TRP A 1 30  ? -0.998  -10.712 -4.707  1.00 61.64 ? 31  TRP A O   1 
ATOM   224  C CB  . TRP A 1 30  ? -4.091  -11.137 -4.899  1.00 63.00 ? 31  TRP A CB  1 
ATOM   225  C CG  . TRP A 1 30  ? -4.332  -12.604 -4.370  1.00 63.47 ? 31  TRP A CG  1 
ATOM   226  C CD1 . TRP A 1 30  ? -5.298  -13.011 -3.460  1.00 67.78 ? 31  TRP A CD1 1 
ATOM   227  C CD2 . TRP A 1 30  ? -3.599  -13.811 -4.732  1.00 67.79 ? 31  TRP A CD2 1 
ATOM   228  N NE1 . TRP A 1 30  ? -5.211  -14.378 -3.252  1.00 69.24 ? 31  TRP A NE1 1 
ATOM   229  C CE2 . TRP A 1 30  ? -4.185  -14.895 -4.005  1.00 68.57 ? 31  TRP A CE2 1 
ATOM   230  C CE3 . TRP A 1 30  ? -2.511  -14.078 -5.594  1.00 68.64 ? 31  TRP A CE3 1 
ATOM   231  C CZ2 . TRP A 1 30  ? -3.720  -16.226 -4.114  1.00 67.87 ? 31  TRP A CZ2 1 
ATOM   232  C CZ3 . TRP A 1 30  ? -2.046  -15.417 -5.709  1.00 68.05 ? 31  TRP A CZ3 1 
ATOM   233  C CH2 . TRP A 1 30  ? -2.658  -16.466 -4.967  1.00 67.75 ? 31  TRP A CH2 1 
ATOM   234  N N   . GLY A 1 31  ? -1.090  -11.311 -2.852  1.00 58.65 ? 32  GLY A N   1 
ATOM   235  C CA  . GLY A 1 31  ? -0.093  -11.542 -1.830  1.00 54.87 ? 32  GLY A CA  1 
ATOM   236  C C   . GLY A 1 31  ? 1.228   -10.992 -2.310  1.00 52.21 ? 32  GLY A C   1 
ATOM   237  O O   . GLY A 1 31  ? 1.510   -9.794  -2.215  1.00 49.65 ? 32  GLY A O   1 
ATOM   238  N N   . GLY A 1 32  ? 2.040   -11.883 -2.849  1.00 50.74 ? 33  GLY A N   1 
ATOM   239  C CA  . GLY A 1 32  ? 3.328   -11.470 -3.343  1.00 50.30 ? 33  GLY A CA  1 
ATOM   240  C C   . GLY A 1 32  ? 4.381   -12.480 -2.972  1.00 49.28 ? 33  GLY A C   1 
ATOM   241  O O   . GLY A 1 32  ? 4.287   -13.161 -1.950  1.00 47.96 ? 33  GLY A O   1 
ATOM   242  N N   . LYS A 1 33  ? 5.374   -12.579 -3.839  1.00 49.20 ? 34  LYS A N   1 
ATOM   243  C CA  . LYS A 1 33  ? 6.501   -13.472 -3.664  1.00 48.65 ? 34  LYS A CA  1 
ATOM   244  C C   . LYS A 1 33  ? 7.405   -12.992 -4.786  1.00 46.99 ? 34  LYS A C   1 
ATOM   245  O O   . LYS A 1 33  ? 6.929   -12.397 -5.752  1.00 46.36 ? 34  LYS A O   1 
ATOM   246  C CB  . LYS A 1 33  ? 6.077   -14.944 -3.842  1.00 49.31 ? 34  LYS A CB  1 
ATOM   247  C CG  . LYS A 1 33  ? 6.233   -15.535 -5.242  1.00 53.47 ? 34  LYS A CG  1 
ATOM   248  C CD  . LYS A 1 33  ? 4.920   -16.147 -5.738  1.00 55.70 ? 34  LYS A CD  1 
ATOM   249  C CE  . LYS A 1 33  ? 5.122   -17.040 -6.961  1.00 53.47 ? 34  LYS A CE  1 
ATOM   250  N NZ  . LYS A 1 33  ? 3.876   -17.790 -7.302  1.00 49.77 ? 34  LYS A NZ  1 
ATOM   251  N N   . GLY A 1 34  ? 8.704   -13.204 -4.651  1.00 45.12 ? 35  GLY A N   1 
ATOM   252  C CA  . GLY A 1 34  ? 9.602   -12.746 -5.688  1.00 43.59 ? 35  GLY A CA  1 
ATOM   253  C C   . GLY A 1 34  ? 10.204  -11.386 -5.393  1.00 43.05 ? 35  GLY A C   1 
ATOM   254  O O   . GLY A 1 34  ? 10.034  -10.827 -4.314  1.00 42.25 ? 35  GLY A O   1 
ATOM   255  N N   . THR A 1 35  ? 10.906  -10.855 -6.386  1.00 44.51 ? 36  THR A N   1 
ATOM   256  C CA  . THR A 1 35  ? 11.596  -9.570  -6.309  1.00 44.61 ? 36  THR A CA  1 
ATOM   257  C C   . THR A 1 35  ? 10.697  -8.401  -6.703  1.00 42.79 ? 36  THR A C   1 
ATOM   258  O O   . THR A 1 35  ? 10.109  -8.419  -7.781  1.00 42.36 ? 36  THR A O   1 
ATOM   259  C CB  . THR A 1 35  ? 12.792  -9.574  -7.278  1.00 46.43 ? 36  THR A CB  1 
ATOM   260  O OG1 . THR A 1 35  ? 13.556  -10.771 -7.086  1.00 45.74 ? 36  THR A OG1 1 
ATOM   261  C CG2 . THR A 1 35  ? 13.672  -8.347  -7.058  1.00 46.74 ? 36  THR A CG2 1 
ATOM   262  N N   . PRO A 1 36  ? 10.570  -7.371  -5.842  1.00 43.09 ? 37  PRO A N   1 
ATOM   263  C CA  . PRO A 1 36  ? 9.702   -6.273  -6.280  1.00 43.58 ? 37  PRO A CA  1 
ATOM   264  C C   . PRO A 1 36  ? 10.272  -5.797  -7.612  1.00 43.23 ? 37  PRO A C   1 
ATOM   265  O O   . PRO A 1 36  ? 11.486  -5.730  -7.781  1.00 44.66 ? 37  PRO A O   1 
ATOM   266  C CB  . PRO A 1 36  ? 9.844   -5.247  -5.161  1.00 42.62 ? 37  PRO A CB  1 
ATOM   267  C CG  . PRO A 1 36  ? 10.064  -6.108  -3.951  1.00 43.07 ? 37  PRO A CG  1 
ATOM   268  C CD  . PRO A 1 36  ? 11.062  -7.131  -4.475  1.00 44.64 ? 37  PRO A CD  1 
ATOM   269  N N   . LYS A 1 37  ? 9.398   -5.485  -8.557  1.00 42.26 ? 38  LYS A N   1 
ATOM   270  C CA  . LYS A 1 37  ? 9.824   -5.085  -9.892  1.00 41.92 ? 38  LYS A CA  1 
ATOM   271  C C   . LYS A 1 37  ? 10.362  -3.662  -10.043 1.00 42.05 ? 38  LYS A C   1 
ATOM   272  O O   . LYS A 1 37  ? 11.282  -3.432  -10.815 1.00 44.37 ? 38  LYS A O   1 
ATOM   273  C CB  . LYS A 1 37  ? 8.671   -5.315  -10.855 1.00 44.06 ? 38  LYS A CB  1 
ATOM   274  C CG  . LYS A 1 37  ? 8.068   -6.712  -10.764 1.00 45.86 ? 38  LYS A CG  1 
ATOM   275  C CD  . LYS A 1 37  ? 8.706   -7.693  -11.743 1.00 47.87 ? 38  LYS A CD  1 
ATOM   276  C CE  . LYS A 1 37  ? 10.040  -8.222  -11.275 1.00 49.71 ? 38  LYS A CE  1 
ATOM   277  N NZ  . LYS A 1 37  ? 10.661  -9.065  -12.334 1.00 51.50 ? 38  LYS A NZ  1 
ATOM   278  N N   . ASP A 1 38  ? 9.787   -2.717  -9.310  1.00 40.78 ? 39  ASP A N   1 
ATOM   279  C CA  . ASP A 1 38  ? 10.245  -1.325  -9.355  1.00 39.25 ? 39  ASP A CA  1 
ATOM   280  C C   . ASP A 1 38  ? 9.961   -0.628  -8.016  1.00 39.11 ? 39  ASP A C   1 
ATOM   281  O O   . ASP A 1 38  ? 9.607   -1.285  -7.032  1.00 40.72 ? 39  ASP A O   1 
ATOM   282  C CB  . ASP A 1 38  ? 9.591   -0.554  -10.524 1.00 37.53 ? 39  ASP A CB  1 
ATOM   283  C CG  . ASP A 1 38  ? 8.111   -0.380  -10.365 1.00 36.94 ? 39  ASP A CG  1 
ATOM   284  O OD1 . ASP A 1 38  ? 7.525   -0.958  -9.431  1.00 37.48 ? 39  ASP A OD1 1 
ATOM   285  O OD2 . ASP A 1 38  ? 7.530   0.341   -11.199 1.00 42.17 ? 39  ASP A OD2 1 
ATOM   286  N N   . ALA A 1 39  ? 10.122  0.689   -7.970  1.00 34.05 ? 40  ALA A N   1 
ATOM   287  C CA  . ALA A 1 39  ? 9.895   1.430   -6.735  1.00 30.13 ? 40  ALA A CA  1 
ATOM   288  C C   . ALA A 1 39  ? 8.455   1.313   -6.224  1.00 29.78 ? 40  ALA A C   1 
ATOM   289  O O   . ALA A 1 39  ? 8.233   1.092   -5.037  1.00 28.24 ? 40  ALA A O   1 
ATOM   290  C CB  . ALA A 1 39  ? 10.268  2.898   -6.936  1.00 25.33 ? 40  ALA A CB  1 
ATOM   291  N N   . THR A 1 40  ? 7.482   1.475   -7.115  1.00 28.89 ? 41  THR A N   1 
ATOM   292  C CA  . THR A 1 40  ? 6.071   1.380   -6.750  1.00 26.86 ? 41  THR A CA  1 
ATOM   293  C C   . THR A 1 40  ? 5.744   -0.007  -6.191  1.00 27.04 ? 41  THR A C   1 
ATOM   294  O O   . THR A 1 40  ? 4.825   -0.169  -5.385  1.00 26.41 ? 41  THR A O   1 
ATOM   295  C CB  . THR A 1 40  ? 5.171   1.659   -7.977  1.00 26.81 ? 41  THR A CB  1 
ATOM   296  O OG1 . THR A 1 40  ? 5.203   3.059   -8.274  1.00 30.94 ? 41  THR A OG1 1 
ATOM   297  C CG2 . THR A 1 40  ? 3.728   1.238   -7.717  1.00 25.99 ? 41  THR A CG2 1 
ATOM   298  N N   . ASP A 1 41  ? 6.512   -0.997  -6.626  1.00 25.53 ? 42  ASP A N   1 
ATOM   299  C CA  . ASP A 1 41  ? 6.328   -2.369  -6.200  1.00 25.51 ? 42  ASP A CA  1 
ATOM   300  C C   . ASP A 1 41  ? 7.006   -2.546  -4.847  1.00 26.14 ? 42  ASP A C   1 
ATOM   301  O O   . ASP A 1 41  ? 6.585   -3.364  -4.033  1.00 25.77 ? 42  ASP A O   1 
ATOM   302  C CB  . ASP A 1 41  ? 6.937   -3.306  -7.245  1.00 27.46 ? 42  ASP A CB  1 
ATOM   303  C CG  . ASP A 1 41  ? 6.302   -4.684  -7.246  1.00 29.92 ? 42  ASP A CG  1 
ATOM   304  O OD1 . ASP A 1 41  ? 5.144   -4.811  -6.807  1.00 28.99 ? 42  ASP A OD1 1 
ATOM   305  O OD2 . ASP A 1 41  ? 6.955   -5.641  -7.703  1.00 32.57 ? 42  ASP A OD2 1 
ATOM   306  N N   . ARG A 1 42  ? 8.052   -1.762  -4.608  1.00 28.93 ? 43  ARG A N   1 
ATOM   307  C CA  . ARG A 1 42  ? 8.786   -1.818  -3.347  1.00 29.09 ? 43  ARG A CA  1 
ATOM   308  C C   . ARG A 1 42  ? 7.878   -1.254  -2.255  1.00 26.45 ? 43  ARG A C   1 
ATOM   309  O O   . ARG A 1 42  ? 7.897   -1.726  -1.123  1.00 27.40 ? 43  ARG A O   1 
ATOM   310  C CB  . ARG A 1 42  ? 10.084  -1.006  -3.448  1.00 32.94 ? 43  ARG A CB  1 
ATOM   311  C CG  . ARG A 1 42  ? 11.303  -1.636  -2.766  1.00 39.59 ? 43  ARG A CG  1 
ATOM   312  C CD  . ARG A 1 42  ? 12.420  -1.887  -3.781  1.00 48.91 ? 43  ARG A CD  1 
ATOM   313  N NE  . ARG A 1 42  ? 12.720  -0.702  -4.591  1.00 55.30 ? 43  ARG A NE  1 
ATOM   314  C CZ  . ARG A 1 42  ? 13.285  -0.741  -5.796  1.00 55.92 ? 43  ARG A CZ  1 
ATOM   315  N NH1 . ARG A 1 42  ? 13.617  -1.912  -6.338  1.00 53.46 ? 43  ARG A NH1 1 
ATOM   316  N NH2 . ARG A 1 42  ? 13.505  0.387   -6.468  1.00 52.36 ? 43  ARG A NH2 1 
ATOM   317  N N   . CYS A 1 43  ? 7.072   -0.256  -2.613  1.00 23.13 ? 44  CYS A N   1 
ATOM   318  C CA  . CYS A 1 43  ? 6.130   0.353   -1.682  1.00 23.39 ? 44  CYS A CA  1 
ATOM   319  C C   . CYS A 1 43  ? 5.125   -0.705  -1.209  1.00 25.63 ? 44  CYS A C   1 
ATOM   320  O O   . CYS A 1 43  ? 4.773   -0.775  -0.035  1.00 27.34 ? 44  CYS A O   1 
ATOM   321  C CB  . CYS A 1 43  ? 5.347   1.480   -2.360  1.00 22.05 ? 44  CYS A CB  1 
ATOM   322  S SG  . CYS A 1 43  ? 6.253   2.941   -2.973  1.00 29.20 ? 44  CYS A SG  1 
ATOM   323  N N   . CYS A 1 44  ? 4.653   -1.520  -2.143  1.00 26.49 ? 45  CYS A N   1 
ATOM   324  C CA  . CYS A 1 44  ? 3.688   -2.560  -1.830  1.00 27.58 ? 45  CYS A CA  1 
ATOM   325  C C   . CYS A 1 44  ? 4.292   -3.620  -0.921  1.00 27.92 ? 45  CYS A C   1 
ATOM   326  O O   . CYS A 1 44  ? 3.679   -4.025  0.075   1.00 24.28 ? 45  CYS A O   1 
ATOM   327  C CB  . CYS A 1 44  ? 3.146   -3.168  -3.131  1.00 25.01 ? 45  CYS A CB  1 
ATOM   328  S SG  . CYS A 1 44  ? 2.144   -1.924  -4.005  1.00 28.55 ? 45  CYS A SG  1 
ATOM   329  N N   . PHE A 1 45  ? 5.504   -4.045  -1.257  1.00 26.80 ? 46  PHE A N   1 
ATOM   330  C CA  . PHE A 1 45  ? 6.216   -5.040  -0.471  1.00 27.16 ? 46  PHE A CA  1 
ATOM   331  C C   . PHE A 1 45  ? 6.401   -4.581  0.984   1.00 27.92 ? 46  PHE A C   1 
ATOM   332  O O   . PHE A 1 45  ? 6.218   -5.367  1.917   1.00 25.83 ? 46  PHE A O   1 
ATOM   333  C CB  . PHE A 1 45  ? 7.581   -5.297  -1.104  1.00 30.12 ? 46  PHE A CB  1 
ATOM   334  C CG  . PHE A 1 45  ? 8.502   -6.119  -0.253  1.00 31.99 ? 46  PHE A CG  1 
ATOM   335  C CD1 . PHE A 1 45  ? 8.380   -7.511  -0.198  1.00 32.48 ? 46  PHE A CD1 1 
ATOM   336  C CD2 . PHE A 1 45  ? 9.501   -5.500  0.494   1.00 29.36 ? 46  PHE A CD2 1 
ATOM   337  C CE1 . PHE A 1 45  ? 9.248   -8.277  0.596   1.00 31.96 ? 46  PHE A CE1 1 
ATOM   338  C CE2 . PHE A 1 45  ? 10.368  -6.251  1.287   1.00 32.07 ? 46  PHE A CE2 1 
ATOM   339  C CZ  . PHE A 1 45  ? 10.243  -7.645  1.339   1.00 29.45 ? 46  PHE A CZ  1 
ATOM   340  N N   . VAL A 1 46  ? 6.770   -3.309  1.165   1.00 24.80 ? 47  VAL A N   1 
ATOM   341  C CA  . VAL A 1 46  ? 6.978   -2.757  2.491   1.00 22.36 ? 47  VAL A CA  1 
ATOM   342  C C   . VAL A 1 46  ? 5.654   -2.643  3.215   1.00 23.87 ? 47  VAL A C   1 
ATOM   343  O O   . VAL A 1 46  ? 5.573   -2.898  4.416   1.00 26.17 ? 47  VAL A O   1 
ATOM   344  C CB  . VAL A 1 46  ? 7.663   -1.373  2.424   1.00 22.82 ? 47  VAL A CB  1 
ATOM   345  C CG1 . VAL A 1 46  ? 7.716   -0.731  3.809   1.00 17.69 ? 47  VAL A CG1 1 
ATOM   346  C CG2 . VAL A 1 46  ? 9.073   -1.533  1.884   1.00 21.65 ? 47  VAL A CG2 1 
ATOM   347  N N   . HIS A 1 47  ? 4.614   -2.263  2.481   1.00 26.12 ? 48  HIS A N   1 
ATOM   348  C CA  . HIS A 1 47  ? 3.281   -2.144  3.056   1.00 25.36 ? 48  HIS A CA  1 
ATOM   349  C C   . HIS A 1 47  ? 2.895   -3.534  3.579   1.00 27.38 ? 48  HIS A C   1 
ATOM   350  O O   . HIS A 1 47  ? 2.519   -3.678  4.742   1.00 29.10 ? 48  HIS A O   1 
ATOM   351  C CB  . HIS A 1 47  ? 2.286   -1.668  1.989   1.00 21.94 ? 48  HIS A CB  1 
ATOM   352  C CG  . HIS A 1 47  ? 0.954   -1.255  2.541   1.00 23.39 ? 48  HIS A CG  1 
ATOM   353  N ND1 . HIS A 1 47  ? -0.225  -1.886  2.203   1.00 20.01 ? 48  HIS A ND1 1 
ATOM   354  C CD2 . HIS A 1 47  ? 0.615   -0.268  3.404   1.00 22.93 ? 48  HIS A CD2 1 
ATOM   355  C CE1 . HIS A 1 47  ? -1.228  -1.305  2.832   1.00 19.31 ? 48  HIS A CE1 1 
ATOM   356  N NE2 . HIS A 1 47  ? -0.747  -0.319  3.568   1.00 21.10 ? 48  HIS A NE2 1 
ATOM   357  N N   . ASP A 1 48  ? 3.005   -4.552  2.723   1.00 25.07 ? 49  ASP A N   1 
ATOM   358  C CA  . ASP A 1 48  ? 2.689   -5.916  3.124   1.00 26.60 ? 49  ASP A CA  1 
ATOM   359  C C   . ASP A 1 48  ? 3.467   -6.247  4.397   1.00 26.93 ? 49  ASP A C   1 
ATOM   360  O O   . ASP A 1 48  ? 2.921   -6.800  5.356   1.00 26.61 ? 49  ASP A O   1 
ATOM   361  C CB  . ASP A 1 48  ? 3.075   -6.896  2.022   1.00 29.13 ? 49  ASP A CB  1 
ATOM   362  C CG  . ASP A 1 48  ? 2.061   -6.950  0.904   1.00 30.49 ? 49  ASP A CG  1 
ATOM   363  O OD1 . ASP A 1 48  ? 1.198   -6.052  0.817   1.00 32.06 ? 49  ASP A OD1 1 
ATOM   364  O OD2 . ASP A 1 48  ? 2.141   -7.898  0.099   1.00 34.01 ? 49  ASP A OD2 1 
ATOM   365  N N   . CYS A 1 49  ? 4.749   -5.900  4.400   1.00 25.77 ? 50  CYS A N   1 
ATOM   366  C CA  . CYS A 1 49  ? 5.598   -6.139  5.560   1.00 24.36 ? 50  CYS A CA  1 
ATOM   367  C C   . CYS A 1 49  ? 5.082   -5.378  6.763   1.00 22.34 ? 50  CYS A C   1 
ATOM   368  O O   . CYS A 1 49  ? 5.180   -5.838  7.894   1.00 20.04 ? 50  CYS A O   1 
ATOM   369  C CB  . CYS A 1 49  ? 7.029   -5.697  5.286   1.00 27.65 ? 50  CYS A CB  1 
ATOM   370  S SG  . CYS A 1 49  ? 7.935   -6.754  4.127   1.00 33.40 ? 50  CYS A SG  1 
ATOM   371  N N   . CYS A 1 50  ? 4.543   -4.196  6.513   1.00 21.99 ? 51  CYS A N   1 
ATOM   372  C CA  . CYS A 1 50  ? 4.011   -3.391  7.586   1.00 22.14 ? 51  CYS A CA  1 
ATOM   373  C C   . CYS A 1 50  ? 2.818   -4.133  8.211   1.00 24.39 ? 51  CYS A C   1 
ATOM   374  O O   . CYS A 1 50  ? 2.783   -4.354  9.417   1.00 26.13 ? 51  CYS A O   1 
ATOM   375  C CB  . CYS A 1 50  ? 3.602   -2.036  7.035   1.00 19.84 ? 51  CYS A CB  1 
ATOM   376  S SG  . CYS A 1 50  ? 3.499   -0.708  8.273   1.00 22.07 ? 51  CYS A SG  1 
ATOM   377  N N   . TYR A 1 51  ? 1.846   -4.523  7.391   1.00 25.95 ? 52  TYR A N   1 
ATOM   378  C CA  . TYR A 1 51  ? 0.691   -5.273  7.883   1.00 26.55 ? 52  TYR A CA  1 
ATOM   379  C C   . TYR A 1 51  ? 1.202   -6.537  8.593   1.00 26.29 ? 52  TYR A C   1 
ATOM   380  O O   . TYR A 1 51  ? 0.593   -7.032  9.547   1.00 21.53 ? 52  TYR A O   1 
ATOM   381  C CB  . TYR A 1 51  ? -0.215  -5.686  6.713   1.00 25.76 ? 52  TYR A CB  1 
ATOM   382  C CG  . TYR A 1 51  ? -1.180  -4.623  6.219   1.00 26.40 ? 52  TYR A CG  1 
ATOM   383  C CD1 . TYR A 1 51  ? -1.277  -3.369  6.849   1.00 26.49 ? 52  TYR A CD1 1 
ATOM   384  C CD2 . TYR A 1 51  ? -2.010  -4.875  5.121   1.00 24.74 ? 52  TYR A CD2 1 
ATOM   385  C CE1 . TYR A 1 51  ? -2.180  -2.390  6.392   1.00 23.66 ? 52  TYR A CE1 1 
ATOM   386  C CE2 . TYR A 1 51  ? -2.910  -3.915  4.660   1.00 23.23 ? 52  TYR A CE2 1 
ATOM   387  C CZ  . TYR A 1 51  ? -2.987  -2.676  5.294   1.00 25.03 ? 52  TYR A CZ  1 
ATOM   388  O OH  . TYR A 1 51  ? -3.859  -1.724  4.809   1.00 30.08 ? 52  TYR A OH  1 
ATOM   389  N N   . GLY A 1 52  ? 2.334   -7.037  8.101   1.00 27.44 ? 53  GLY A N   1 
ATOM   390  C CA  . GLY A 1 52  ? 2.963   -8.230  8.638   1.00 25.96 ? 53  GLY A CA  1 
ATOM   391  C C   . GLY A 1 52  ? 3.312   -8.241  10.109  1.00 27.79 ? 53  GLY A C   1 
ATOM   392  O O   . GLY A 1 52  ? 3.282   -9.312  10.723  1.00 26.92 ? 53  GLY A O   1 
ATOM   393  N N   . ASN A 1 53  ? 3.680   -7.102  10.692  1.00 29.29 ? 54  ASN A N   1 
ATOM   394  C CA  . ASN A 1 53  ? 3.970   -7.151  12.120  1.00 35.90 ? 54  ASN A CA  1 
ATOM   395  C C   . ASN A 1 53  ? 2.805   -6.661  12.992  1.00 37.04 ? 54  ASN A C   1 
ATOM   396  O O   . ASN A 1 53  ? 2.991   -6.138  14.073  1.00 40.02 ? 54  ASN A O   1 
ATOM   397  C CB  . ASN A 1 53  ? 5.311   -6.483  12.494  1.00 41.01 ? 54  ASN A CB  1 
ATOM   398  C CG  . ASN A 1 53  ? 5.633   -5.264  11.680  1.00 47.14 ? 54  ASN A CG  1 
ATOM   399  O OD1 . ASN A 1 53  ? 6.756   -5.136  11.172  1.00 44.39 ? 54  ASN A OD1 1 
ATOM   400  N ND2 . ASN A 1 53  ? 4.683   -4.345  11.571  1.00 50.10 ? 54  ASN A ND2 1 
ATOM   401  N N   . LEU A 1 54  ? 1.594   -6.908  12.505  1.00 36.13 ? 55  LEU A N   1 
ATOM   402  C CA  . LEU A 1 54  ? 0.341   -6.598  13.237  1.00 34.98 ? 55  LEU A CA  1 
ATOM   403  C C   . LEU A 1 54  ? -0.458  -7.919  13.089  1.00 34.38 ? 55  LEU A C   1 
ATOM   404  O O   . LEU A 1 54  ? -1.507  -7.968  12.451  1.00 29.81 ? 55  LEU A O   1 
ATOM   405  C CB  . LEU A 1 54  ? -0.463  -5.473  12.547  1.00 34.11 ? 55  LEU A CB  1 
ATOM   406  C CG  . LEU A 1 54  ? 0.351   -4.219  12.327  1.00 31.18 ? 55  LEU A CG  1 
ATOM   407  C CD1 . LEU A 1 54  ? -0.518  -3.231  11.601  1.00 30.02 ? 55  LEU A CD1 1 
ATOM   408  C CD2 . LEU A 1 54  ? 0.859   -3.681  13.652  1.00 31.46 ? 55  LEU A CD2 1 
ATOM   409  N N   . PRO A 1 55  ? 0.060   -9.006  13.646  1.00 36.68 ? 56  PRO A N   1 
ATOM   410  C CA  . PRO A 1 55  ? -0.621  -10.295 13.549  1.00 38.57 ? 56  PRO A CA  1 
ATOM   411  C C   . PRO A 1 55  ? -2.060  -10.369 14.044  1.00 36.77 ? 56  PRO A C   1 
ATOM   412  O O   . PRO A 1 55  ? -2.898  -11.068 13.456  1.00 34.12 ? 56  PRO A O   1 
ATOM   413  C CB  . PRO A 1 55  ? 0.257   -11.239 14.371  1.00 39.36 ? 56  PRO A CB  1 
ATOM   414  C CG  . PRO A 1 55  ? 1.540   -10.438 14.619  1.00 38.53 ? 56  PRO A CG  1 
ATOM   415  C CD  . PRO A 1 55  ? 1.033   -9.035  14.737  1.00 38.37 ? 56  PRO A CD  1 
ATOM   416  N N   . ASP A 1 56  ? -2.346  -9.650  15.126  1.00 35.08 ? 59  ASP A N   1 
ATOM   417  C CA  . ASP A 1 56  ? -3.657  -9.716  15.685  1.00 37.84 ? 59  ASP A CA  1 
ATOM   418  C C   . ASP A 1 56  ? -4.561  -8.548  15.332  1.00 35.21 ? 59  ASP A C   1 
ATOM   419  O O   . ASP A 1 56  ? -5.519  -8.257  16.060  1.00 36.08 ? 59  ASP A O   1 
ATOM   420  C CB  . ASP A 1 56  ? -3.524  -9.921  17.192  1.00 41.90 ? 59  ASP A CB  1 
ATOM   421  C CG  . ASP A 1 56  ? -3.013  -11.338 17.534  1.00 45.58 ? 59  ASP A CG  1 
ATOM   422  O OD1 . ASP A 1 56  ? -2.478  -11.509 18.643  1.00 49.64 ? 59  ASP A OD1 1 
ATOM   423  O OD2 . ASP A 1 56  ? -3.164  -12.289 16.716  1.00 48.04 ? 59  ASP A OD2 1 
ATOM   424  N N   . CYS A 1 57  ? -4.277  -7.878  14.215  1.00 29.60 ? 61  CYS A N   1 
ATOM   425  C CA  . CYS A 1 57  ? -5.089  -6.761  13.741  1.00 25.86 ? 61  CYS A CA  1 
ATOM   426  C C   . CYS A 1 57  ? -5.744  -7.222  12.451  1.00 27.05 ? 61  CYS A C   1 
ATOM   427  O O   . CYS A 1 57  ? -5.364  -8.259  11.918  1.00 25.13 ? 61  CYS A O   1 
ATOM   428  C CB  . CYS A 1 57  ? -4.232  -5.532  13.452  1.00 24.27 ? 61  CYS A CB  1 
ATOM   429  S SG  . CYS A 1 57  ? -3.430  -4.773  14.898  1.00 25.67 ? 61  CYS A SG  1 
ATOM   430  N N   . ASN A 1 58  ? -6.679  -6.443  11.906  1.00 28.80 ? 67  ASN A N   1 
ATOM   431  C CA  . ASN A 1 58  ? -7.366  -6.832  10.671  1.00 31.47 ? 67  ASN A CA  1 
ATOM   432  C C   . ASN A 1 58  ? -7.430  -5.593  9.757   1.00 34.23 ? 67  ASN A C   1 
ATOM   433  O O   . ASN A 1 58  ? -8.473  -4.943  9.663   1.00 37.00 ? 67  ASN A O   1 
ATOM   434  C CB  . ASN A 1 58  ? -8.774  -7.346  11.002  1.00 32.71 ? 67  ASN A CB  1 
ATOM   435  C CG  . ASN A 1 58  ? -8.756  -8.637  11.876  1.00 33.70 ? 67  ASN A CG  1 
ATOM   436  O OD1 . ASN A 1 58  ? -8.725  -9.742  11.348  1.00 40.73 ? 67  ASN A OD1 1 
ATOM   437  N ND2 . ASN A 1 58  ? -8.798  -8.483  13.201  1.00 31.53 ? 67  ASN A ND2 1 
ATOM   438  N N   . PRO A 1 59  ? -6.311  -5.247  9.054   1.00 34.77 ? 68  PRO A N   1 
ATOM   439  C CA  . PRO A 1 59  ? -6.103  -4.103  8.131   1.00 34.06 ? 68  PRO A CA  1 
ATOM   440  C C   . PRO A 1 59  ? -7.162  -3.867  7.066   1.00 36.03 ? 68  PRO A C   1 
ATOM   441  O O   . PRO A 1 59  ? -7.568  -2.729  6.809   1.00 36.05 ? 68  PRO A O   1 
ATOM   442  C CB  . PRO A 1 59  ? -4.747  -4.398  7.501   1.00 32.24 ? 68  PRO A CB  1 
ATOM   443  C CG  . PRO A 1 59  ? -4.071  -5.287  8.444   1.00 32.00 ? 68  PRO A CG  1 
ATOM   444  C CD  . PRO A 1 59  ? -5.190  -6.191  8.913   1.00 35.16 ? 68  PRO A CD  1 
ATOM   445  N N   . LYS A 1 60  ? -7.559  -4.947  6.405   1.00 36.01 ? 69  LYS A N   1 
ATOM   446  C CA  . LYS A 1 60  ? -8.554  -4.868  5.335   1.00 37.29 ? 69  LYS A CA  1 
ATOM   447  C C   . LYS A 1 60  ? -9.953  -4.452  5.799   1.00 35.21 ? 69  LYS A C   1 
ATOM   448  O O   . LYS A 1 60  ? -10.697 -3.870  5.019   1.00 35.84 ? 69  LYS A O   1 
ATOM   449  C CB  . LYS A 1 60  ? -8.649  -6.212  4.601   1.00 41.05 ? 69  LYS A CB  1 
ATOM   450  C CG  . LYS A 1 60  ? -7.572  -6.443  3.543   1.00 46.10 ? 69  LYS A CG  1 
ATOM   451  C CD  . LYS A 1 60  ? -7.410  -7.928  3.246   1.00 50.46 ? 69  LYS A CD  1 
ATOM   452  C CE  . LYS A 1 60  ? -8.327  -8.446  2.149   1.00 55.27 ? 69  LYS A CE  1 
ATOM   453  N NZ  . LYS A 1 60  ? -7.978  -9.868  1.818   1.00 58.43 ? 69  LYS A NZ  1 
ATOM   454  N N   . SER A 1 61  ? -10.335 -4.748  7.149   1.00 28.63 ? 70  SER A N   1 
ATOM   455  C CA  . SER A 1 61  ? -11.684 -4.394  7.593   1.00 28.49 ? 70  SER A CA  1 
ATOM   456  C C   . SER A 1 61  ? -11.801 -3.432  8.770   1.00 27.57 ? 70  SER A C   1 
ATOM   457  O O   . SER A 1 61  ? -12.862 -2.839  8.979   1.00 28.09 ? 70  SER A O   1 
ATOM   458  C CB  . SER A 1 61  ? -12.463 -5.665  7.929   1.00 29.55 ? 70  SER A CB  1 
ATOM   459  O OG  . SER A 1 61  ? -11.826 -6.385  8.968   1.00 32.46 ? 70  SER A OG  1 
ATOM   460  N N   . ASP A 1 62  ? -10.707 -3.315  9.570   1.00 27.66 ? 71  ASP A N   1 
ATOM   461  C CA  . ASP A 1 62  ? -10.795 -2.392  10.703  1.00 29.52 ? 71  ASP A CA  1 
ATOM   462  C C   . ASP A 1 62  ? -10.717 -0.981  10.115  1.00 29.82 ? 71  ASP A C   1 
ATOM   463  O O   . ASP A 1 62  ? -9.795  -0.662  9.368   1.00 31.05 ? 71  ASP A O   1 
ATOM   464  C CB  . ASP A 1 62  ? -9.655  -2.617  11.700  1.00 24.15 ? 71  ASP A CB  1 
ATOM   465  C CG  . ASP A 1 62  ? -9.907  -1.938  13.045  1.00 24.42 ? 71  ASP A CG  1 
ATOM   466  O OD1 . ASP A 1 62  ? -10.842 -1.123  13.118  1.00 24.09 ? 71  ASP A OD1 1 
ATOM   467  O OD2 . ASP A 1 62  ? -9.178  -2.207  14.028  1.00 18.62 ? 71  ASP A OD2 1 
ATOM   468  N N   . ARG A 1 63  ? -11.706 -0.156  10.438  1.00 32.23 ? 72  ARG A N   1 
ATOM   469  C CA  . ARG A 1 63  ? -11.773 1.225   9.959   1.00 33.71 ? 72  ARG A CA  1 
ATOM   470  C C   . ARG A 1 63  ? -11.025 2.145   10.920  1.00 32.67 ? 72  ARG A C   1 
ATOM   471  O O   . ARG A 1 63  ? -10.999 1.896   12.119  1.00 33.33 ? 72  ARG A O   1 
ATOM   472  C CB  . ARG A 1 63  ? -13.230 1.715   9.904   1.00 34.88 ? 72  ARG A CB  1 
ATOM   473  C CG  . ARG A 1 63  ? -14.164 1.102   8.860   1.00 36.50 ? 72  ARG A CG  1 
ATOM   474  C CD  . ARG A 1 63  ? -14.146 1.883   7.555   1.00 43.54 ? 72  ARG A CD  1 
ATOM   475  N NE  . ARG A 1 63  ? -15.456 1.970   6.908   1.00 50.84 ? 72  ARG A NE  1 
ATOM   476  C CZ  . ARG A 1 63  ? -16.378 2.895   7.186   1.00 57.17 ? 72  ARG A CZ  1 
ATOM   477  N NH1 . ARG A 1 63  ? -17.542 2.889   6.544   1.00 60.41 ? 72  ARG A NH1 1 
ATOM   478  N NH2 . ARG A 1 63  ? -16.137 3.833   8.096   1.00 54.54 ? 72  ARG A NH2 1 
ATOM   479  N N   . TYR A 1 64  ? -10.415 3.202   10.394  1.00 32.12 ? 73  TYR A N   1 
ATOM   480  C CA  . TYR A 1 64  ? -9.732  4.180   11.239  1.00 31.19 ? 73  TYR A CA  1 
ATOM   481  C C   . TYR A 1 64  ? -10.053 5.580   10.721  1.00 32.09 ? 73  TYR A C   1 
ATOM   482  O O   . TYR A 1 64  ? -10.685 5.738   9.675   1.00 31.55 ? 73  TYR A O   1 
ATOM   483  C CB  . TYR A 1 64  ? -8.218  3.945   11.269  1.00 26.29 ? 73  TYR A CB  1 
ATOM   484  C CG  . TYR A 1 64  ? -7.558  3.972   9.920   1.00 23.84 ? 73  TYR A CG  1 
ATOM   485  C CD1 . TYR A 1 64  ? -7.244  5.178   9.291   1.00 23.77 ? 73  TYR A CD1 1 
ATOM   486  C CD2 . TYR A 1 64  ? -7.276  2.788   9.250   1.00 26.30 ? 73  TYR A CD2 1 
ATOM   487  C CE1 . TYR A 1 64  ? -6.667  5.198   8.023   1.00 22.78 ? 73  TYR A CE1 1 
ATOM   488  C CE2 . TYR A 1 64  ? -6.698  2.793   7.978   1.00 25.05 ? 73  TYR A CE2 1 
ATOM   489  C CZ  . TYR A 1 64  ? -6.400  3.998   7.373   1.00 24.09 ? 73  TYR A CZ  1 
ATOM   490  O OH  . TYR A 1 64  ? -5.855  3.989   6.118   1.00 23.91 ? 73  TYR A OH  1 
ATOM   491  N N   . LYS A 1 65  ? -9.617  6.590   11.462  1.00 32.92 ? 74  LYS A N   1 
ATOM   492  C CA  . LYS A 1 65  ? -9.877  7.978   11.106  1.00 35.01 ? 74  LYS A CA  1 
ATOM   493  C C   . LYS A 1 65  ? -8.601  8.771   10.847  1.00 34.68 ? 74  LYS A C   1 
ATOM   494  O O   . LYS A 1 65  ? -7.608  8.613   11.553  1.00 34.09 ? 74  LYS A O   1 
ATOM   495  C CB  . LYS A 1 65  ? -10.638 8.657   12.245  1.00 38.36 ? 74  LYS A CB  1 
ATOM   496  C CG  . LYS A 1 65  ? -11.952 8.023   12.588  1.00 40.90 ? 74  LYS A CG  1 
ATOM   497  C CD  . LYS A 1 65  ? -13.079 8.870   12.059  1.00 48.62 ? 74  LYS A CD  1 
ATOM   498  C CE  . LYS A 1 65  ? -14.211 8.008   11.534  1.00 50.39 ? 74  LYS A CE  1 
ATOM   499  N NZ  . LYS A 1 65  ? -14.691 8.524   10.216  1.00 54.69 ? 74  LYS A NZ  1 
ATOM   500  N N   . TYR A 1 66  ? -8.627  9.632   9.836   1.00 33.16 ? 75  TYR A N   1 
ATOM   501  C CA  . TYR A 1 66  ? -7.463  10.459  9.561   1.00 36.23 ? 75  TYR A CA  1 
ATOM   502  C C   . TYR A 1 66  ? -7.898  11.808  9.015   1.00 36.59 ? 75  TYR A C   1 
ATOM   503  O O   . TYR A 1 66  ? -8.940  11.925  8.372   1.00 36.63 ? 75  TYR A O   1 
ATOM   504  C CB  . TYR A 1 66  ? -6.482  9.752   8.594   1.00 32.11 ? 75  TYR A CB  1 
ATOM   505  C CG  . TYR A 1 66  ? -6.872  9.744   7.127   1.00 28.96 ? 75  TYR A CG  1 
ATOM   506  C CD1 . TYR A 1 66  ? -6.451  10.758  6.263   1.00 25.96 ? 75  TYR A CD1 1 
ATOM   507  C CD2 . TYR A 1 66  ? -7.669  8.725   6.602   1.00 26.30 ? 75  TYR A CD2 1 
ATOM   508  C CE1 . TYR A 1 66  ? -6.811  10.757  4.928   1.00 20.47 ? 75  TYR A CE1 1 
ATOM   509  C CE2 . TYR A 1 66  ? -8.036  8.720   5.269   1.00 21.38 ? 75  TYR A CE2 1 
ATOM   510  C CZ  . TYR A 1 66  ? -7.606  9.737   4.439   1.00 24.37 ? 75  TYR A CZ  1 
ATOM   511  O OH  . TYR A 1 66  ? -7.988  9.739   3.118   1.00 29.58 ? 75  TYR A OH  1 
ATOM   512  N N   . LYS A 1 67  ? -7.106  12.831  9.319   1.00 38.74 ? 76  LYS A N   1 
ATOM   513  C CA  . LYS A 1 67  ? -7.379  14.178  8.854   1.00 39.42 ? 76  LYS A CA  1 
ATOM   514  C C   . LYS A 1 67  ? -6.205  14.660  8.017   1.00 42.05 ? 76  LYS A C   1 
ATOM   515  O O   . LYS A 1 67  ? -5.199  13.957  7.874   1.00 42.06 ? 76  LYS A O   1 
ATOM   516  C CB  . LYS A 1 67  ? -7.630  15.128  10.040  1.00 37.63 ? 76  LYS A CB  1 
ATOM   517  C CG  . LYS A 1 67  ? -6.606  15.051  11.159  1.00 39.97 ? 76  LYS A CG  1 
ATOM   518  C CD  . LYS A 1 67  ? -6.769  16.207  12.148  1.00 44.15 ? 76  LYS A CD  1 
ATOM   519  C CE  . LYS A 1 67  ? -5.741  16.134  13.286  1.00 47.62 ? 76  LYS A CE  1 
ATOM   520  N NZ  . LYS A 1 67  ? -5.805  17.294  14.232  1.00 47.13 ? 76  LYS A NZ  1 
ATOM   521  N N   . ARG A 1 68  ? -6.356  15.849  7.445   1.00 44.88 ? 77  ARG A N   1 
ATOM   522  C CA  . ARG A 1 68  ? -5.324  16.453  6.611   1.00 44.02 ? 77  ARG A CA  1 
ATOM   523  C C   . ARG A 1 68  ? -5.012  17.826  7.146   1.00 46.34 ? 77  ARG A C   1 
ATOM   524  O O   . ARG A 1 68  ? -5.848  18.730  7.104   1.00 45.95 ? 77  ARG A O   1 
ATOM   525  C CB  . ARG A 1 68  ? -5.834  16.605  5.173   1.00 42.43 ? 77  ARG A CB  1 
ATOM   526  C CG  . ARG A 1 68  ? -5.956  15.313  4.406   1.00 39.96 ? 77  ARG A CG  1 
ATOM   527  C CD  . ARG A 1 68  ? -4.724  15.083  3.552   1.00 39.78 ? 77  ARG A CD  1 
ATOM   528  N NE  . ARG A 1 68  ? -4.855  13.926  2.672   1.00 35.91 ? 77  ARG A NE  1 
ATOM   529  C CZ  . ARG A 1 68  ? -3.849  13.427  1.963   1.00 33.22 ? 77  ARG A CZ  1 
ATOM   530  N NH1 . ARG A 1 68  ? -2.658  13.992  2.042   1.00 29.66 ? 77  ARG A NH1 1 
ATOM   531  N NH2 . ARG A 1 68  ? -4.030  12.370  1.187   1.00 31.32 ? 77  ARG A NH2 1 
ATOM   532  N N   . VAL A 1 69  ? -3.808  17.965  7.673   1.00 50.06 ? 78  VAL A N   1 
ATOM   533  C CA  . VAL A 1 69  ? -3.380  19.230  8.210   1.00 52.89 ? 78  VAL A CA  1 
ATOM   534  C C   . VAL A 1 69  ? -2.536  19.926  7.153   1.00 55.09 ? 78  VAL A C   1 
ATOM   535  O O   . VAL A 1 69  ? -1.316  19.809  7.147   1.00 54.56 ? 78  VAL A O   1 
ATOM   536  C CB  . VAL A 1 69  ? -2.569  19.022  9.492   1.00 52.21 ? 78  VAL A CB  1 
ATOM   537  C CG1 . VAL A 1 69  ? -2.068  20.334  10.008  1.00 51.18 ? 78  VAL A CG1 1 
ATOM   538  C CG2 . VAL A 1 69  ? -3.455  18.333  10.530  1.00 51.24 ? 78  VAL A CG2 1 
ATOM   539  N N   . ASN A 1 70  ? -3.210  20.624  6.242   1.00 58.12 ? 79  ASN A N   1 
ATOM   540  C CA  . ASN A 1 70  ? -2.535  21.341  5.174   1.00 61.61 ? 79  ASN A CA  1 
ATOM   541  C C   . ASN A 1 70  ? -1.584  20.391  4.453   1.00 61.57 ? 79  ASN A C   1 
ATOM   542  O O   . ASN A 1 70  ? -0.355  20.499  4.558   1.00 66.13 ? 79  ASN A O   1 
ATOM   543  C CB  . ASN A 1 70  ? -1.806  22.552  5.771   1.00 65.37 ? 79  ASN A CB  1 
ATOM   544  C CG  . ASN A 1 70  ? -2.769  23.683  6.132   1.00 71.38 ? 79  ASN A CG  1 
ATOM   545  O OD1 . ASN A 1 70  ? -3.916  23.440  6.536   1.00 74.91 ? 79  ASN A OD1 1 
ATOM   546  N ND2 . ASN A 1 70  ? -2.305  24.923  5.997   1.00 74.80 ? 79  ASN A ND2 1 
ATOM   547  N N   . GLY A 1 71  ? -2.185  19.457  3.723   1.00 57.80 ? 80  GLY A N   1 
ATOM   548  C CA  . GLY A 1 71  ? -1.432  18.477  2.978   1.00 53.41 ? 80  GLY A CA  1 
ATOM   549  C C   . GLY A 1 71  ? -1.158  17.185  3.727   1.00 51.53 ? 80  GLY A C   1 
ATOM   550  O O   . GLY A 1 71  ? -1.392  16.076  3.208   1.00 52.05 ? 80  GLY A O   1 
ATOM   551  N N   . ALA A 1 72  ? -0.623  17.332  4.934   1.00 46.73 ? 81  ALA A N   1 
ATOM   552  C CA  . ALA A 1 72  ? -0.254  16.212  5.791   1.00 44.48 ? 81  ALA A CA  1 
ATOM   553  C C   . ALA A 1 72  ? -1.327  15.227  6.263   1.00 43.97 ? 81  ALA A C   1 
ATOM   554  O O   . ALA A 1 72  ? -2.376  15.626  6.760   1.00 42.84 ? 81  ALA A O   1 
ATOM   555  C CB  . ALA A 1 72  ? 0.499   16.732  7.001   1.00 40.03 ? 81  ALA A CB  1 
ATOM   556  N N   . ILE A 1 73  ? -1.048  13.929  6.121   1.00 42.21 ? 82  ILE A N   1 
ATOM   557  C CA  . ILE A 1 73  ? -1.987  12.914  6.586   1.00 40.93 ? 82  ILE A CA  1 
ATOM   558  C C   . ILE A 1 73  ? -1.705  12.771  8.074   1.00 38.87 ? 82  ILE A C   1 
ATOM   559  O O   . ILE A 1 73  ? -0.565  12.559  8.481   1.00 38.25 ? 82  ILE A O   1 
ATOM   560  C CB  . ILE A 1 73  ? -1.772  11.524  5.930   1.00 43.43 ? 82  ILE A CB  1 
ATOM   561  C CG1 . ILE A 1 73  ? -1.771  11.625  4.403   1.00 43.87 ? 82  ILE A CG1 1 
ATOM   562  C CG2 . ILE A 1 73  ? -2.876  10.582  6.370   1.00 41.65 ? 82  ILE A CG2 1 
ATOM   563  C CD1 . ILE A 1 73  ? -0.484  12.193  3.832   1.00 53.84 ? 82  ILE A CD1 1 
ATOM   564  N N   . VAL A 1 74  ? -2.740  12.910  8.887   1.00 37.50 ? 83  VAL A N   1 
ATOM   565  C CA  . VAL A 1 74  ? -2.585  12.790  10.329  1.00 35.10 ? 83  VAL A CA  1 
ATOM   566  C C   . VAL A 1 74  ? -3.558  11.750  10.854  1.00 34.60 ? 83  VAL A C   1 
ATOM   567  O O   . VAL A 1 74  ? -4.773  11.937  10.792  1.00 36.06 ? 83  VAL A O   1 
ATOM   568  C CB  . VAL A 1 74  ? -2.841  14.137  11.042  1.00 35.58 ? 83  VAL A CB  1 
ATOM   569  C CG1 . VAL A 1 74  ? -3.002  13.915  12.529  1.00 33.35 ? 83  VAL A CG1 1 
ATOM   570  C CG2 . VAL A 1 74  ? -1.684  15.091  10.783  1.00 35.72 ? 83  VAL A CG2 1 
ATOM   571  N N   . CYS A 1 75  ? -3.006  10.653  11.362  1.00 31.56 ? 84  CYS A N   1 
ATOM   572  C CA  . CYS A 1 75  ? -3.795  9.558   11.906  1.00 28.83 ? 84  CYS A CA  1 
ATOM   573  C C   . CYS A 1 75  ? -4.392  9.948   13.246  1.00 29.47 ? 84  CYS A C   1 
ATOM   574  O O   . CYS A 1 75  ? -3.670  10.336  14.159  1.00 30.05 ? 84  CYS A O   1 
ATOM   575  C CB  . CYS A 1 75  ? -2.923  8.313   12.090  1.00 24.62 ? 84  CYS A CB  1 
ATOM   576  S SG  . CYS A 1 75  ? -2.267  7.572   10.559  1.00 26.94 ? 84  CYS A SG  1 
ATOM   577  N N   . GLU A 1 76  ? -5.711  9.844   13.364  1.00 33.24 ? 85  GLU A N   1 
ATOM   578  C CA  . GLU A 1 76  ? -6.388  10.185  14.609  1.00 36.76 ? 85  GLU A CA  1 
ATOM   579  C C   . GLU A 1 76  ? -6.363  9.014   15.592  1.00 35.75 ? 85  GLU A C   1 
ATOM   580  O O   . GLU A 1 76  ? -6.114  7.867   15.205  1.00 36.13 ? 85  GLU A O   1 
ATOM   581  C CB  . GLU A 1 76  ? -7.821  10.643  14.313  1.00 39.28 ? 85  GLU A CB  1 
ATOM   582  C CG  . GLU A 1 76  ? -7.851  11.921  13.453  1.00 47.60 ? 85  GLU A CG  1 
ATOM   583  C CD  . GLU A 1 76  ? -9.247  12.508  13.252  1.00 51.95 ? 85  GLU A CD  1 
ATOM   584  O OE1 . GLU A 1 76  ? -10.163 11.770  12.831  1.00 55.08 ? 85  GLU A OE1 1 
ATOM   585  O OE2 . GLU A 1 76  ? -9.425  13.720  13.504  1.00 52.98 ? 85  GLU A OE2 1 
ATOM   586  N N   . LYS A 1 77  ? -6.592  9.317   16.866  1.00 36.04 ? 86  LYS A N   1 
ATOM   587  C CA  . LYS A 1 77  ? -6.570  8.304   17.918  1.00 38.43 ? 86  LYS A CA  1 
ATOM   588  C C   . LYS A 1 77  ? -7.642  7.240   17.744  1.00 35.92 ? 86  LYS A C   1 
ATOM   589  O O   . LYS A 1 77  ? -8.789  7.543   17.414  1.00 33.56 ? 86  LYS A O   1 
ATOM   590  C CB  . LYS A 1 77  ? -6.752  8.955   19.294  1.00 45.01 ? 86  LYS A CB  1 
ATOM   591  C CG  . LYS A 1 77  ? -5.646  8.648   20.295  1.00 51.08 ? 86  LYS A CG  1 
ATOM   592  C CD  . LYS A 1 77  ? -6.078  8.961   21.724  1.00 56.62 ? 86  LYS A CD  1 
ATOM   593  C CE  . LYS A 1 77  ? -6.477  7.686   22.457  1.00 60.65 ? 86  LYS A CE  1 
ATOM   594  N NZ  . LYS A 1 77  ? -5.338  6.720   22.494  1.00 62.43 ? 86  LYS A NZ  1 
ATOM   595  N N   . GLY A 1 78  ? -7.259  5.990   17.977  1.00 32.98 ? 88  GLY A N   1 
ATOM   596  C CA  . GLY A 1 78  ? -8.195  4.889   17.868  1.00 27.28 ? 88  GLY A CA  1 
ATOM   597  C C   . GLY A 1 78  ? -7.698  3.797   18.778  1.00 25.59 ? 88  GLY A C   1 
ATOM   598  O O   . GLY A 1 78  ? -7.165  4.069   19.852  1.00 26.66 ? 88  GLY A O   1 
ATOM   599  N N   . THR A 1 79  ? -7.882  2.555   18.367  1.00 25.91 ? 89  THR A N   1 
ATOM   600  C CA  . THR A 1 79  ? -7.395  1.435   19.155  1.00 24.63 ? 89  THR A CA  1 
ATOM   601  C C   . THR A 1 79  ? -5.935  1.356   18.722  1.00 26.00 ? 89  THR A C   1 
ATOM   602  O O   . THR A 1 79  ? -5.540  2.049   17.780  1.00 26.17 ? 89  THR A O   1 
ATOM   603  C CB  . THR A 1 79  ? -8.151  0.141   18.789  1.00 24.66 ? 89  THR A CB  1 
ATOM   604  O OG1 . THR A 1 79  ? -7.956  -0.159  17.400  1.00 22.04 ? 89  THR A OG1 1 
ATOM   605  C CG2 . THR A 1 79  ? -9.643  0.312   19.056  1.00 19.18 ? 89  THR A CG2 1 
ATOM   606  N N   . SER A 1 80  ? -5.120  0.547   19.385  1.00 26.65 ? 90  SER A N   1 
ATOM   607  C CA  . SER A 1 80  ? -3.723  0.483   18.979  1.00 29.02 ? 90  SER A CA  1 
ATOM   608  C C   . SER A 1 80  ? -3.578  -0.157  17.592  1.00 29.95 ? 90  SER A C   1 
ATOM   609  O O   . SER A 1 80  ? -2.610  0.112   16.884  1.00 31.00 ? 90  SER A O   1 
ATOM   610  C CB  . SER A 1 80  ? -2.889  -0.269  20.017  1.00 27.40 ? 90  SER A CB  1 
ATOM   611  O OG  . SER A 1 80  ? -2.728  -1.621  19.651  1.00 36.02 ? 90  SER A OG  1 
ATOM   612  N N   . CYS A 1 81  ? -4.541  -0.987  17.198  1.00 29.37 ? 91  CYS A N   1 
ATOM   613  C CA  . CYS A 1 81  ? -4.499  -1.608  15.878  1.00 28.62 ? 91  CYS A CA  1 
ATOM   614  C C   . CYS A 1 81  ? -4.792  -0.570  14.816  1.00 29.07 ? 91  CYS A C   1 
ATOM   615  O O   . CYS A 1 81  ? -4.131  -0.523  13.785  1.00 32.67 ? 91  CYS A O   1 
ATOM   616  C CB  . CYS A 1 81  ? -5.540  -2.722  15.735  1.00 26.79 ? 91  CYS A CB  1 
ATOM   617  S SG  . CYS A 1 81  ? -4.968  -4.392  16.168  1.00 23.55 ? 91  CYS A SG  1 
ATOM   618  N N   . GLU A 1 82  ? -5.798  0.258   15.069  1.00 27.59 ? 92  GLU A N   1 
ATOM   619  C CA  . GLU A 1 82  ? -6.180  1.276   14.112  1.00 25.75 ? 92  GLU A CA  1 
ATOM   620  C C   . GLU A 1 82  ? -5.103  2.321   13.908  1.00 27.25 ? 92  GLU A C   1 
ATOM   621  O O   . GLU A 1 82  ? -4.879  2.749   12.783  1.00 29.14 ? 92  GLU A O   1 
ATOM   622  C CB  . GLU A 1 82  ? -7.501  1.915   14.535  1.00 24.68 ? 92  GLU A CB  1 
ATOM   623  C CG  . GLU A 1 82  ? -8.685  0.999   14.272  1.00 22.78 ? 92  GLU A CG  1 
ATOM   624  C CD  . GLU A 1 82  ? -9.858  1.271   15.175  1.00 24.58 ? 92  GLU A CD  1 
ATOM   625  O OE1 . GLU A 1 82  ? -9.743  2.158   16.039  1.00 23.24 ? 92  GLU A OE1 1 
ATOM   626  O OE2 . GLU A 1 82  ? -10.894 0.592   15.023  1.00 24.36 ? 92  GLU A OE2 1 
ATOM   627  N N   . ASN A 1 83  ? -4.419  2.726   14.972  1.00 28.24 ? 93  ASN A N   1 
ATOM   628  C CA  . ASN A 1 83  ? -3.367  3.720   14.812  1.00 26.87 ? 93  ASN A CA  1 
ATOM   629  C C   . ASN A 1 83  ? -2.243  3.147   13.946  1.00 27.28 ? 93  ASN A C   1 
ATOM   630  O O   . ASN A 1 83  ? -1.815  3.772   12.973  1.00 25.89 ? 93  ASN A O   1 
ATOM   631  C CB  . ASN A 1 83  ? -2.800  4.153   16.174  1.00 30.88 ? 93  ASN A CB  1 
ATOM   632  C CG  . ASN A 1 83  ? -3.854  4.772   17.091  1.00 35.56 ? 93  ASN A CG  1 
ATOM   633  O OD1 . ASN A 1 83  ? -4.924  5.186   16.643  1.00 38.00 ? 93  ASN A OD1 1 
ATOM   634  N ND2 . ASN A 1 83  ? -3.541  4.849   18.383  1.00 39.56 ? 93  ASN A ND2 1 
ATOM   635  N N   . ARG A 1 84  ? -1.785  1.946   14.288  1.00 25.68 ? 94  ARG A N   1 
ATOM   636  C CA  . ARG A 1 84  ? -0.699  1.304   13.558  1.00 26.98 ? 94  ARG A CA  1 
ATOM   637  C C   . ARG A 1 84  ? -1.034  0.904   12.122  1.00 27.89 ? 94  ARG A C   1 
ATOM   638  O O   . ARG A 1 84  ? -0.138  0.808   11.285  1.00 30.25 ? 94  ARG A O   1 
ATOM   639  C CB  . ARG A 1 84  ? -0.207  0.080   14.331  1.00 27.78 ? 94  ARG A CB  1 
ATOM   640  C CG  . ARG A 1 84  ? 0.302   0.405   15.717  1.00 29.19 ? 94  ARG A CG  1 
ATOM   641  C CD  . ARG A 1 84  ? 0.292   -0.825  16.599  1.00 38.32 ? 94  ARG A CD  1 
ATOM   642  N NE  . ARG A 1 84  ? 1.418   -1.716  16.354  1.00 43.55 ? 94  ARG A NE  1 
ATOM   643  C CZ  . ARG A 1 84  ? 1.404   -3.018  16.623  1.00 49.09 ? 94  ARG A CZ  1 
ATOM   644  N NH1 . ARG A 1 84  ? 0.316   -3.584  17.140  1.00 48.86 ? 94  ARG A NH1 1 
ATOM   645  N NH2 . ARG A 1 84  ? 2.485   -3.753  16.389  1.00 50.45 ? 94  ARG A NH2 1 
ATOM   646  N N   . ILE A 1 85  ? -2.308  0.649   11.837  1.00 25.75 ? 95  ILE A N   1 
ATOM   647  C CA  . ILE A 1 85  ? -2.711  0.284   10.485  1.00 20.60 ? 95  ILE A CA  1 
ATOM   648  C C   . ILE A 1 85  ? -2.645  1.563   9.686   1.00 21.16 ? 95  ILE A C   1 
ATOM   649  O O   . ILE A 1 85  ? -2.125  1.600   8.576   1.00 19.87 ? 95  ILE A O   1 
ATOM   650  C CB  . ILE A 1 85  ? -4.172  -0.244  10.419  1.00 23.66 ? 95  ILE A CB  1 
ATOM   651  C CG1 . ILE A 1 85  ? -4.284  -1.647  11.032  1.00 21.37 ? 95  ILE A CG1 1 
ATOM   652  C CG2 . ILE A 1 85  ? -4.642  -0.259  8.969   1.00 20.50 ? 95  ILE A CG2 1 
ATOM   653  C CD1 . ILE A 1 85  ? -3.541  -2.725  10.263  1.00 34.18 ? 95  ILE A CD1 1 
ATOM   654  N N   . CYS A 1 86  ? -3.192  2.622   10.266  1.00 22.29 ? 96  CYS A N   1 
ATOM   655  C CA  . CYS A 1 86  ? -3.193  3.912   9.618   1.00 23.28 ? 96  CYS A CA  1 
ATOM   656  C C   . CYS A 1 86  ? -1.767  4.285   9.186   1.00 28.28 ? 96  CYS A C   1 
ATOM   657  O O   . CYS A 1 86  ? -1.538  4.631   8.026   1.00 30.29 ? 96  CYS A O   1 
ATOM   658  C CB  . CYS A 1 86  ? -3.760  4.962   10.562  1.00 22.09 ? 96  CYS A CB  1 
ATOM   659  S SG  . CYS A 1 86  ? -3.866  6.603   9.789   1.00 24.17 ? 96  CYS A SG  1 
ATOM   660  N N   . GLU A 1 87  ? -0.811  4.194   10.109  1.00 28.33 ? 97  GLU A N   1 
ATOM   661  C CA  . GLU A 1 87  ? 0.582   4.519   9.806   1.00 28.52 ? 97  GLU A CA  1 
ATOM   662  C C   . GLU A 1 87  ? 1.145   3.693   8.663   1.00 28.71 ? 97  GLU A C   1 
ATOM   663  O O   . GLU A 1 87  ? 1.965   4.187   7.896   1.00 32.45 ? 97  GLU A O   1 
ATOM   664  C CB  . GLU A 1 87  ? 1.477   4.327   11.036  1.00 29.08 ? 97  GLU A CB  1 
ATOM   665  C CG  . GLU A 1 87  ? 1.317   5.373   12.128  1.00 31.71 ? 97  GLU A CG  1 
ATOM   666  C CD  . GLU A 1 87  ? 1.572   6.787   11.646  1.00 33.42 ? 97  GLU A CD  1 
ATOM   667  O OE1 . GLU A 1 87  ? 2.418   6.968   10.746  1.00 37.93 ? 97  GLU A OE1 1 
ATOM   668  O OE2 . GLU A 1 87  ? 0.940   7.722   12.181  1.00 34.55 ? 97  GLU A OE2 1 
ATOM   669  N N   . CYS A 1 88  ? 0.730   2.434   8.559   1.00 26.26 ? 98  CYS A N   1 
ATOM   670  C CA  . CYS A 1 88  ? 1.207   1.573   7.482   1.00 25.73 ? 98  CYS A CA  1 
ATOM   671  C C   . CYS A 1 88  ? 0.721   2.093   6.138   1.00 25.91 ? 98  CYS A C   1 
ATOM   672  O O   . CYS A 1 88  ? 1.500   2.246   5.201   1.00 26.32 ? 98  CYS A O   1 
ATOM   673  C CB  . CYS A 1 88  ? 0.696   0.149   7.666   1.00 24.53 ? 98  CYS A CB  1 
ATOM   674  S SG  . CYS A 1 88  ? 1.580   -0.836  8.900   1.00 23.66 ? 98  CYS A SG  1 
ATOM   675  N N   . ASP A 1 89  ? -0.582  2.348   6.066   1.00 26.31 ? 99  ASP A N   1 
ATOM   676  C CA  . ASP A 1 89  ? -1.233  2.848   4.868   1.00 25.20 ? 99  ASP A CA  1 
ATOM   677  C C   . ASP A 1 89  ? -0.653  4.183   4.458   1.00 27.17 ? 99  ASP A C   1 
ATOM   678  O O   . ASP A 1 89  ? -0.334  4.426   3.288   1.00 25.61 ? 99  ASP A O   1 
ATOM   679  C CB  . ASP A 1 89  ? -2.719  3.043   5.134   1.00 24.66 ? 99  ASP A CB  1 
ATOM   680  C CG  . ASP A 1 89  ? -3.459  1.745   5.268   1.00 22.87 ? 99  ASP A CG  1 
ATOM   681  O OD1 . ASP A 1 89  ? -2.855  0.703   4.972   1.00 17.66 ? 99  ASP A OD1 1 
ATOM   682  O OD2 . ASP A 1 89  ? -4.646  1.773   5.656   1.00 25.05 ? 99  ASP A OD2 1 
ATOM   683  N N   . LYS A 1 90  ? -0.541  5.054   5.451   1.00 26.65 ? 100 LYS A N   1 
ATOM   684  C CA  . LYS A 1 90  ? -0.035  6.394   5.258   1.00 26.10 ? 100 LYS A CA  1 
ATOM   685  C C   . LYS A 1 90  ? 1.270   6.390   4.482   1.00 27.89 ? 100 LYS A C   1 
ATOM   686  O O   . LYS A 1 90  ? 1.395   7.074   3.470   1.00 29.03 ? 100 LYS A O   1 
ATOM   687  C CB  . LYS A 1 90  ? 0.153   7.052   6.617   1.00 25.64 ? 100 LYS A CB  1 
ATOM   688  C CG  . LYS A 1 90  ? 0.644   8.460   6.555   1.00 21.32 ? 100 LYS A CG  1 
ATOM   689  C CD  . LYS A 1 90  ? 0.830   8.989   7.944   1.00 23.76 ? 100 LYS A CD  1 
ATOM   690  C CE  . LYS A 1 90  ? 1.652   10.254  7.909   1.00 29.72 ? 100 LYS A CE  1 
ATOM   691  N NZ  . LYS A 1 90  ? 1.811   10.831  9.268   1.00 34.06 ? 100 LYS A NZ  1 
ATOM   692  N N   . ALA A 1 91  ? 2.233   5.605   4.952   1.00 26.59 ? 101 ALA A N   1 
ATOM   693  C CA  . ALA A 1 91  ? 3.535   5.520   4.303   1.00 27.17 ? 101 ALA A CA  1 
ATOM   694  C C   . ALA A 1 91  ? 3.454   4.991   2.871   1.00 27.41 ? 101 ALA A C   1 
ATOM   695  O O   . ALA A 1 91  ? 4.262   5.362   2.021   1.00 27.46 ? 101 ALA A O   1 
ATOM   696  C CB  . ALA A 1 91  ? 4.467   4.647   5.127   1.00 26.04 ? 101 ALA A CB  1 
ATOM   697  N N   . ALA A 1 92  ? 2.485   4.124   2.602   1.00 26.07 ? 102 ALA A N   1 
ATOM   698  C CA  . ALA A 1 92  ? 2.333   3.579   1.261   1.00 25.20 ? 102 ALA A CA  1 
ATOM   699  C C   . ALA A 1 92  ? 1.782   4.654   0.309   1.00 24.48 ? 102 ALA A C   1 
ATOM   700  O O   . ALA A 1 92  ? 2.208   4.749   -0.843  1.00 23.86 ? 102 ALA A O   1 
ATOM   701  C CB  . ALA A 1 92  ? 1.416   2.349   1.293   1.00 21.70 ? 102 ALA A CB  1 
ATOM   702  N N   . ALA A 1 93  ? 0.844   5.463   0.796   1.00 23.19 ? 103 ALA A N   1 
ATOM   703  C CA  . ALA A 1 93  ? 0.265   6.532   -0.013  1.00 23.14 ? 103 ALA A CA  1 
ATOM   704  C C   . ALA A 1 93  ? 1.395   7.457   -0.433  1.00 22.98 ? 103 ALA A C   1 
ATOM   705  O O   . ALA A 1 93  ? 1.518   7.811   -1.602  1.00 24.90 ? 103 ALA A O   1 
ATOM   706  C CB  . ALA A 1 93  ? -0.780  7.314   0.790   1.00 19.57 ? 103 ALA A CB  1 
ATOM   707  N N   . ILE A 1 94  ? 2.221   7.830   0.539   1.00 22.14 ? 104 ILE A N   1 
ATOM   708  C CA  . ILE A 1 94  ? 3.358   8.712   0.323   1.00 21.54 ? 104 ILE A CA  1 
ATOM   709  C C   . ILE A 1 94  ? 4.380   8.045   -0.586  1.00 21.67 ? 104 ILE A C   1 
ATOM   710  O O   . ILE A 1 94  ? 4.826   8.628   -1.568  1.00 21.35 ? 104 ILE A O   1 
ATOM   711  C CB  . ILE A 1 94  ? 4.011   9.083   1.682   1.00 21.72 ? 104 ILE A CB  1 
ATOM   712  C CG1 . ILE A 1 94  ? 3.094   10.047  2.444   1.00 23.98 ? 104 ILE A CG1 1 
ATOM   713  C CG2 . ILE A 1 94  ? 5.388   9.700   1.469   1.00 20.81 ? 104 ILE A CG2 1 
ATOM   714  C CD1 . ILE A 1 94  ? 3.450   10.218  3.906   1.00 22.45 ? 104 ILE A CD1 1 
ATOM   715  N N   . CYS A 1 95  ? 4.747   6.815   -0.258  1.00 25.21 ? 105 CYS A N   1 
ATOM   716  C CA  . CYS A 1 95  ? 5.705   6.083   -1.067  1.00 25.02 ? 105 CYS A CA  1 
ATOM   717  C C   . CYS A 1 95  ? 5.221   6.054   -2.517  1.00 28.73 ? 105 CYS A C   1 
ATOM   718  O O   . CYS A 1 95  ? 6.031   6.123   -3.448  1.00 29.10 ? 105 CYS A O   1 
ATOM   719  C CB  . CYS A 1 95  ? 5.860   4.673   -0.525  1.00 22.36 ? 105 CYS A CB  1 
ATOM   720  S SG  . CYS A 1 95  ? 7.153   3.665   -1.303  1.00 26.35 ? 105 CYS A SG  1 
ATOM   721  N N   . PHE A 1 96  ? 3.902   5.956   -2.705  1.00 28.83 ? 106 PHE A N   1 
ATOM   722  C CA  . PHE A 1 96  ? 3.320   5.945   -4.046  1.00 29.54 ? 106 PHE A CA  1 
ATOM   723  C C   . PHE A 1 96  ? 3.482   7.298   -4.721  1.00 30.62 ? 106 PHE A C   1 
ATOM   724  O O   . PHE A 1 96  ? 3.955   7.382   -5.850  1.00 31.42 ? 106 PHE A O   1 
ATOM   725  C CB  . PHE A 1 96  ? 1.829   5.588   -4.005  1.00 27.32 ? 106 PHE A CB  1 
ATOM   726  C CG  . PHE A 1 96  ? 1.558   4.130   -3.784  1.00 26.45 ? 106 PHE A CG  1 
ATOM   727  C CD1 . PHE A 1 96  ? 2.510   3.174   -4.124  1.00 27.06 ? 106 PHE A CD1 1 
ATOM   728  C CD2 . PHE A 1 96  ? 0.356   3.709   -3.229  1.00 23.25 ? 106 PHE A CD2 1 
ATOM   729  C CE1 . PHE A 1 96  ? 2.267   1.823   -3.909  1.00 26.91 ? 106 PHE A CE1 1 
ATOM   730  C CE2 . PHE A 1 96  ? 0.103   2.367   -3.013  1.00 22.35 ? 106 PHE A CE2 1 
ATOM   731  C CZ  . PHE A 1 96  ? 1.062   1.420   -3.350  1.00 26.52 ? 106 PHE A CZ  1 
ATOM   732  N N   . ARG A 1 97  ? 3.071   8.352   -4.023  1.00 32.12 ? 107 ARG A N   1 
ATOM   733  C CA  . ARG A 1 97  ? 3.173   9.720   -4.523  1.00 34.38 ? 107 ARG A CA  1 
ATOM   734  C C   . ARG A 1 97  ? 4.602   9.980   -5.008  1.00 36.80 ? 107 ARG A C   1 
ATOM   735  O O   . ARG A 1 97  ? 4.835   10.465  -6.119  1.00 37.15 ? 107 ARG A O   1 
ATOM   736  C CB  . ARG A 1 97  ? 2.839   10.700  -3.397  1.00 30.26 ? 107 ARG A CB  1 
ATOM   737  C CG  . ARG A 1 97  ? 3.122   12.136  -3.747  1.00 27.08 ? 107 ARG A CG  1 
ATOM   738  C CD  . ARG A 1 97  ? 2.195   12.611  -4.853  1.00 30.24 ? 107 ARG A CD  1 
ATOM   739  N NE  . ARG A 1 97  ? 2.601   13.904  -5.385  1.00 36.58 ? 107 ARG A NE  1 
ATOM   740  C CZ  . ARG A 1 97  ? 3.449   14.062  -6.394  1.00 39.06 ? 107 ARG A CZ  1 
ATOM   741  N NH1 . ARG A 1 97  ? 3.767   15.279  -6.804  1.00 42.57 ? 107 ARG A NH1 1 
ATOM   742  N NH2 . ARG A 1 97  ? 3.958   13.003  -7.008  1.00 44.97 ? 107 ARG A NH2 1 
ATOM   743  N N   . GLN A 1 98  ? 5.535   9.633   -4.130  1.00 37.66 ? 108 GLN A N   1 
ATOM   744  C CA  . GLN A 1 98  ? 6.959   9.778   -4.303  1.00 39.09 ? 108 GLN A CA  1 
ATOM   745  C C   . GLN A 1 98  ? 7.588   8.967   -5.418  1.00 39.79 ? 108 GLN A C   1 
ATOM   746  O O   . GLN A 1 98  ? 8.766   9.192   -5.777  1.00 40.01 ? 108 GLN A O   1 
ATOM   747  C CB  . GLN A 1 98  ? 7.607   9.479   -2.959  1.00 41.26 ? 108 GLN A CB  1 
ATOM   748  C CG  . GLN A 1 98  ? 9.091   9.339   -2.935  1.00 48.26 ? 108 GLN A CG  1 
ATOM   749  C CD  . GLN A 1 98  ? 9.603   9.456   -1.525  1.00 51.42 ? 108 GLN A CD  1 
ATOM   750  O OE1 . GLN A 1 98  ? 10.106  10.503  -1.120  1.00 53.12 ? 108 GLN A OE1 1 
ATOM   751  N NE2 . GLN A 1 98  ? 9.442   8.391   -0.749  1.00 55.93 ? 108 GLN A NE2 1 
ATOM   752  N N   . ASN A 1 99  ? 6.969   7.960   -5.924  1.00 26.70 ? 109 ASN A N   1 
ATOM   753  C CA  . ASN A 1 99  ? 7.424   7.219   -7.094  1.00 26.91 ? 109 ASN A CA  1 
ATOM   754  C C   . ASN A 1 99  ? 6.486   7.232   -8.291  1.00 26.49 ? 109 ASN A C   1 
ATOM   755  O O   . ASN A 1 99  ? 6.608   6.392   -9.184  1.00 25.73 ? 109 ASN A O   1 
ATOM   756  C CB  . ASN A 1 99  ? 7.729   5.779   -6.686  1.00 26.33 ? 109 ASN A CB  1 
ATOM   757  C CG  . ASN A 1 99  ? 8.857   5.697   -5.678  1.00 28.62 ? 109 ASN A CG  1 
ATOM   758  O OD1 . ASN A 1 99  ? 10.016  5.960   -6.004  1.00 28.11 ? 109 ASN A OD1 1 
ATOM   759  N ND2 . ASN A 1 99  ? 8.522   5.347   -4.440  1.00 28.61 ? 109 ASN A ND2 1 
ATOM   760  N N   . LEU A 1 100 ? 5.493   8.194   -8.382  1.00 37.51 ? 110 LEU A N   1 
ATOM   761  C CA  . LEU A 1 100 ? 4.560   8.276   -9.527  1.00 40.88 ? 110 LEU A CA  1 
ATOM   762  C C   . LEU A 1 100 ? 5.332   8.322   -10.847 1.00 44.51 ? 110 LEU A C   1 
ATOM   763  O O   . LEU A 1 100 ? 4.986   7.650   -11.807 1.00 46.38 ? 110 LEU A O   1 
ATOM   764  C CB  . LEU A 1 100 ? 3.681   9.540   -9.467  1.00 39.92 ? 110 LEU A CB  1 
ATOM   765  C CG  . LEU A 1 100 ? 2.361   9.492   -8.680  1.00 39.23 ? 110 LEU A CG  1 
ATOM   766  C CD1 . LEU A 1 100 ? 1.810   10.892  -8.458  1.00 37.31 ? 110 LEU A CD1 1 
ATOM   767  C CD2 . LEU A 1 100 ? 1.356   8.621   -9.416  1.00 36.55 ? 110 LEU A CD2 1 
ATOM   768  N N   . ASN A 1 101 ? 6.347   9.177   -10.874 1.00 46.82 ? 111 ASN A N   1 
ATOM   769  C CA  . ASN A 1 101 ? 7.187   9.371   -12.054 1.00 49.46 ? 111 ASN A CA  1 
ATOM   770  C C   . ASN A 1 101 ? 7.646   8.088   -12.719 1.00 49.82 ? 111 ASN A C   1 
ATOM   771  O O   . ASN A 1 101 ? 7.793   8.056   -13.936 1.00 53.85 ? 111 ASN A O   1 
ATOM   772  C CB  . ASN A 1 101 ? 8.402   10.231  -11.707 1.00 52.86 ? 111 ASN A CB  1 
ATOM   773  C CG  . ASN A 1 101 ? 8.023   11.672  -11.359 1.00 57.92 ? 111 ASN A CG  1 
ATOM   774  O OD1 . ASN A 1 101 ? 7.252   12.335  -12.073 1.00 62.19 ? 111 ASN A OD1 1 
ATOM   775  N ND2 . ASN A 1 101 ? 8.575   12.166  -10.258 1.00 59.02 ? 111 ASN A ND2 1 
ATOM   776  N N   . THR A 1 102 ? 7.888   7.039   -11.938 1.00 47.05 ? 112 THR A N   1 
ATOM   777  C CA  . THR A 1 102 ? 8.323   5.792   -12.545 1.00 45.10 ? 112 THR A CA  1 
ATOM   778  C C   . THR A 1 102 ? 7.195   4.734   -12.651 1.00 45.97 ? 112 THR A C   1 
ATOM   779  O O   . THR A 1 102 ? 7.463   3.587   -13.032 1.00 45.28 ? 112 THR A O   1 
ATOM   780  C CB  . THR A 1 102 ? 9.530   5.185   -11.806 1.00 41.51 ? 112 THR A CB  1 
ATOM   781  O OG1 . THR A 1 102 ? 9.179   4.911   -10.447 1.00 40.61 ? 112 THR A OG1 1 
ATOM   782  C CG2 . THR A 1 102 ? 10.723  6.157   -11.824 1.00 40.97 ? 112 THR A CG2 1 
ATOM   783  N N   . TYR A 1 103 ? 5.954   5.096   -12.302 1.00 46.28 ? 113 TYR A N   1 
ATOM   784  C CA  . TYR A 1 103 ? 4.814   4.160   -12.400 1.00 47.78 ? 113 TYR A CA  1 
ATOM   785  C C   . TYR A 1 103 ? 4.786   3.706   -13.849 1.00 48.06 ? 113 TYR A C   1 
ATOM   786  O O   . TYR A 1 103 ? 4.648   4.529   -14.749 1.00 49.72 ? 113 TYR A O   1 
ATOM   787  C CB  . TYR A 1 103 ? 3.471   4.844   -12.065 1.00 49.15 ? 113 TYR A CB  1 
ATOM   788  C CG  . TYR A 1 103 ? 2.237   3.928   -12.138 1.00 48.94 ? 113 TYR A CG  1 
ATOM   789  C CD1 . TYR A 1 103 ? 1.804   3.209   -11.020 1.00 52.19 ? 113 TYR A CD1 1 
ATOM   790  C CD2 . TYR A 1 103 ? 1.544   3.739   -13.340 1.00 47.16 ? 113 TYR A CD2 1 
ATOM   791  C CE1 . TYR A 1 103 ? 0.717   2.323   -11.099 1.00 51.22 ? 113 TYR A CE1 1 
ATOM   792  C CE2 . TYR A 1 103 ? 0.466   2.858   -13.428 1.00 46.38 ? 113 TYR A CE2 1 
ATOM   793  C CZ  . TYR A 1 103 ? 0.059   2.154   -12.307 1.00 48.47 ? 113 TYR A CZ  1 
ATOM   794  O OH  . TYR A 1 103 ? -1.000  1.276   -12.390 1.00 45.83 ? 113 TYR A OH  1 
ATOM   795  N N   . SER A 1 104 ? 4.887   2.405   -14.083 1.00 47.92 ? 114 SER A N   1 
ATOM   796  C CA  . SER A 1 104 ? 4.894   1.899   -15.445 1.00 47.85 ? 114 SER A CA  1 
ATOM   797  C C   . SER A 1 104 ? 3.718   0.965   -15.721 1.00 48.84 ? 114 SER A C   1 
ATOM   798  O O   . SER A 1 104 ? 3.462   0.040   -14.955 1.00 45.84 ? 114 SER A O   1 
ATOM   799  C CB  . SER A 1 104 ? 6.214   1.180   -15.689 1.00 50.15 ? 114 SER A CB  1 
ATOM   800  O OG  . SER A 1 104 ? 6.442   0.981   -17.071 1.00 58.11 ? 114 SER A OG  1 
ATOM   801  N N   . LYS A 1 105 ? 3.004   1.204   -16.819 1.00 50.92 ? 115 LYS A N   1 
ATOM   802  C CA  . LYS A 1 105 ? 1.856   0.363   -17.145 1.00 52.50 ? 115 LYS A CA  1 
ATOM   803  C C   . LYS A 1 105 ? 2.265   -1.037  -17.612 1.00 50.48 ? 115 LYS A C   1 
ATOM   804  O O   . LYS A 1 105 ? 1.446   -1.949  -17.653 1.00 50.42 ? 115 LYS A O   1 
ATOM   805  C CB  . LYS A 1 105 ? 0.948   1.078   -18.159 1.00 53.32 ? 115 LYS A CB  1 
ATOM   806  C CG  . LYS A 1 105 ? 0.151   2.226   -17.500 1.00 58.48 ? 115 LYS A CG  1 
ATOM   807  C CD  . LYS A 1 105 ? -0.623  3.102   -18.493 1.00 60.72 ? 115 LYS A CD  1 
ATOM   808  C CE  . LYS A 1 105 ? -1.172  4.387   -17.839 1.00 61.40 ? 115 LYS A CE  1 
ATOM   809  N NZ  . LYS A 1 105 ? -2.362  4.198   -16.950 1.00 62.32 ? 115 LYS A NZ  1 
ATOM   810  N N   . LYS A 1 106 ? 3.545   -1.202  -17.929 1.00 49.49 ? 116 LYS A N   1 
ATOM   811  C CA  . LYS A 1 106 ? 4.095   -2.490  -18.346 1.00 49.65 ? 116 LYS A CA  1 
ATOM   812  C C   . LYS A 1 106 ? 3.894   -3.506  -17.203 1.00 49.37 ? 116 LYS A C   1 
ATOM   813  O O   . LYS A 1 106 ? 3.754   -4.708  -17.436 1.00 46.15 ? 116 LYS A O   1 
ATOM   814  C CB  . LYS A 1 106 ? 5.590   -2.292  -18.701 1.00 49.65 ? 116 LYS A CB  1 
ATOM   815  C CG  . LYS A 1 106 ? 6.563   -3.455  -18.441 1.00 54.00 ? 116 LYS A CG  1 
ATOM   816  C CD  . LYS A 1 106 ? 7.850   -3.340  -19.306 1.00 56.06 ? 116 LYS A CD  1 
ATOM   817  C CE  . LYS A 1 106 ? 8.650   -2.033  -19.106 1.00 59.09 ? 116 LYS A CE  1 
ATOM   818  N NZ  . LYS A 1 106 ? 9.567   -2.041  -17.923 1.00 58.85 ? 116 LYS A NZ  1 
ATOM   819  N N   . TYR A 1 107 ? 3.839   -2.994  -15.973 1.00 50.17 ? 117 TYR A N   1 
ATOM   820  C CA  . TYR A 1 107 ? 3.671   -3.814  -14.775 1.00 47.30 ? 117 TYR A CA  1 
ATOM   821  C C   . TYR A 1 107 ? 2.234   -4.021  -14.276 1.00 46.21 ? 117 TYR A C   1 
ATOM   822  O O   . TYR A 1 107 ? 2.023   -4.744  -13.304 1.00 44.67 ? 117 TYR A O   1 
ATOM   823  C CB  . TYR A 1 107 ? 4.542   -3.256  -13.641 1.00 46.07 ? 117 TYR A CB  1 
ATOM   824  C CG  . TYR A 1 107 ? 6.026   -3.405  -13.906 1.00 47.46 ? 117 TYR A CG  1 
ATOM   825  C CD1 . TYR A 1 107 ? 6.616   -4.667  -13.983 1.00 48.39 ? 117 TYR A CD1 1 
ATOM   826  C CD2 . TYR A 1 107 ? 6.830   -2.290  -14.141 1.00 47.26 ? 117 TYR A CD2 1 
ATOM   827  C CE1 . TYR A 1 107 ? 7.966   -4.813  -14.297 1.00 47.90 ? 117 TYR A CE1 1 
ATOM   828  C CE2 . TYR A 1 107 ? 8.181   -2.427  -14.458 1.00 46.03 ? 117 TYR A CE2 1 
ATOM   829  C CZ  . TYR A 1 107 ? 8.740   -3.690  -14.534 1.00 46.75 ? 117 TYR A CZ  1 
ATOM   830  O OH  . TYR A 1 107 ? 10.065  -3.832  -14.872 1.00 46.06 ? 117 TYR A OH  1 
ATOM   831  N N   . MET A 1 108 ? 1.249   -3.392  -14.910 1.00 45.43 ? 118 MET A N   1 
ATOM   832  C CA  . MET A 1 108 ? -0.138  -3.617  -14.494 1.00 47.73 ? 118 MET A CA  1 
ATOM   833  C C   . MET A 1 108 ? -0.479  -5.040  -14.936 1.00 47.89 ? 118 MET A C   1 
ATOM   834  O O   . MET A 1 108 ? 0.021   -5.508  -15.959 1.00 48.33 ? 118 MET A O   1 
ATOM   835  C CB  . MET A 1 108 ? -1.110  -2.645  -15.180 1.00 50.00 ? 118 MET A CB  1 
ATOM   836  C CG  . MET A 1 108 ? -1.125  -1.223  -14.634 1.00 53.87 ? 118 MET A CG  1 
ATOM   837  S SD  . MET A 1 108 ? -2.420  -0.164  -15.356 1.00 56.21 ? 118 MET A SD  1 
ATOM   838  C CE  . MET A 1 108 ? -2.815  -1.010  -16.879 1.00 55.73 ? 118 MET A CE  1 
ATOM   839  N N   . LEU A 1 109 ? -1.316  -5.732  -14.172 1.00 46.85 ? 119 LEU A N   1 
ATOM   840  C CA  . LEU A 1 109 ? -1.706  -7.098  -14.522 1.00 47.29 ? 119 LEU A CA  1 
ATOM   841  C C   . LEU A 1 109 ? -0.518  -8.033  -14.774 1.00 45.65 ? 119 LEU A C   1 
ATOM   842  O O   . LEU A 1 109 ? -0.560  -8.861  -15.684 1.00 45.27 ? 119 LEU A O   1 
ATOM   843  C CB  . LEU A 1 109 ? -2.581  -7.085  -15.777 1.00 49.26 ? 119 LEU A CB  1 
ATOM   844  C CG  . LEU A 1 109 ? -3.948  -6.408  -15.754 1.00 49.22 ? 119 LEU A CG  1 
ATOM   845  C CD1 . LEU A 1 109 ? -4.511  -6.403  -17.161 1.00 52.91 ? 119 LEU A CD1 1 
ATOM   846  C CD2 . LEU A 1 109 ? -4.881  -7.147  -14.820 1.00 50.79 ? 119 LEU A CD2 1 
ATOM   847  N N   . TYR A 1 110 ? 0.532   -7.907  -13.969 1.00 45.18 ? 120 TYR A N   1 
ATOM   848  C CA  . TYR A 1 110 ? 1.728   -8.739  -14.119 1.00 43.10 ? 120 TYR A CA  1 
ATOM   849  C C   . TYR A 1 110 ? 1.428   -10.215 -13.826 1.00 41.04 ? 120 TYR A C   1 
ATOM   850  O O   . TYR A 1 110 ? 0.775   -10.541 -12.832 1.00 37.76 ? 120 TYR A O   1 
ATOM   851  C CB  . TYR A 1 110 ? 2.822   -8.245  -13.167 1.00 42.35 ? 120 TYR A CB  1 
ATOM   852  C CG  . TYR A 1 110 ? 4.239   -8.439  -13.663 1.00 44.50 ? 120 TYR A CG  1 
ATOM   853  C CD1 . TYR A 1 110 ? 4.703   -7.746  -14.783 1.00 45.71 ? 120 TYR A CD1 1 
ATOM   854  C CD2 . TYR A 1 110 ? 5.130   -9.281  -12.992 1.00 42.77 ? 120 TYR A CD2 1 
ATOM   855  C CE1 . TYR A 1 110 ? 6.016   -7.880  -15.223 1.00 45.58 ? 120 TYR A CE1 1 
ATOM   856  C CE2 . TYR A 1 110 ? 6.448   -9.423  -13.422 1.00 44.82 ? 120 TYR A CE2 1 
ATOM   857  C CZ  . TYR A 1 110 ? 6.885   -8.717  -14.538 1.00 47.30 ? 120 TYR A CZ  1 
ATOM   858  O OH  . TYR A 1 110 ? 8.189   -8.835  -14.972 1.00 49.21 ? 120 TYR A OH  1 
ATOM   859  N N   . PRO A 1 111 ? 1.914   -11.128 -14.684 1.00 40.17 ? 121 PRO A N   1 
ATOM   860  C CA  . PRO A 1 111 ? 1.654   -12.549 -14.444 1.00 38.72 ? 121 PRO A CA  1 
ATOM   861  C C   . PRO A 1 111 ? 2.423   -13.092 -13.241 1.00 38.35 ? 121 PRO A C   1 
ATOM   862  O O   . PRO A 1 111 ? 3.540   -12.673 -12.955 1.00 42.83 ? 121 PRO A O   1 
ATOM   863  C CB  . PRO A 1 111 ? 2.053   -13.226 -15.761 1.00 37.54 ? 121 PRO A CB  1 
ATOM   864  C CG  . PRO A 1 111 ? 2.903   -12.247 -16.497 1.00 34.47 ? 121 PRO A CG  1 
ATOM   865  C CD  . PRO A 1 111 ? 2.907   -10.926 -15.754 1.00 38.98 ? 121 PRO A CD  1 
ATOM   866  N N   . ASP A 1 112 ? 1.806   -14.026 -12.536 1.00 38.13 ? 122 ASP A N   1 
ATOM   867  C CA  . ASP A 1 112 ? 2.398   -14.631 -11.356 1.00 37.69 ? 122 ASP A CA  1 
ATOM   868  C C   . ASP A 1 112 ? 3.801   -15.180 -11.572 1.00 38.75 ? 122 ASP A C   1 
ATOM   869  O O   . ASP A 1 112 ? 4.758   -14.744 -10.941 1.00 37.70 ? 122 ASP A O   1 
ATOM   870  C CB  . ASP A 1 112 ? 1.491   -15.760 -10.860 1.00 39.44 ? 122 ASP A CB  1 
ATOM   871  C CG  . ASP A 1 112 ? 2.091   -16.533 -9.698  1.00 40.68 ? 122 ASP A CG  1 
ATOM   872  O OD1 . ASP A 1 112 ? 3.180   -17.128 -9.858  1.00 41.55 ? 122 ASP A OD1 1 
ATOM   873  O OD2 . ASP A 1 112 ? 1.464   -16.549 -8.621  1.00 43.13 ? 122 ASP A OD2 1 
ATOM   874  N N   . PHE A 1 113 ? 3.898   -16.151 -12.472 1.00 40.18 ? 124 PHE A N   1 
ATOM   875  C CA  . PHE A 1 113 ? 5.142   -16.833 -12.785 1.00 40.13 ? 124 PHE A CA  1 
ATOM   876  C C   . PHE A 1 113 ? 6.387   -15.964 -12.992 1.00 41.89 ? 124 PHE A C   1 
ATOM   877  O O   . PHE A 1 113 ? 7.500   -16.453 -12.850 1.00 43.72 ? 124 PHE A O   1 
ATOM   878  C CB  . PHE A 1 113 ? 4.912   -17.753 -13.990 1.00 39.62 ? 124 PHE A CB  1 
ATOM   879  C CG  . PHE A 1 113 ? 5.219   -17.123 -15.312 1.00 38.93 ? 124 PHE A CG  1 
ATOM   880  C CD1 . PHE A 1 113 ? 6.304   -17.572 -16.058 1.00 35.96 ? 124 PHE A CD1 1 
ATOM   881  C CD2 . PHE A 1 113 ? 4.447   -16.079 -15.811 1.00 38.45 ? 124 PHE A CD2 1 
ATOM   882  C CE1 . PHE A 1 113 ? 6.618   -17.002 -17.280 1.00 34.09 ? 124 PHE A CE1 1 
ATOM   883  C CE2 . PHE A 1 113 ? 4.756   -15.498 -17.037 1.00 38.98 ? 124 PHE A CE2 1 
ATOM   884  C CZ  . PHE A 1 113 ? 5.847   -15.961 -17.772 1.00 36.70 ? 124 PHE A CZ  1 
ATOM   885  N N   . LEU A 1 114 ? 6.217   -14.687 -13.328 1.00 43.49 ? 125 LEU A N   1 
ATOM   886  C CA  . LEU A 1 114 ? 7.378   -13.815 -13.505 1.00 44.65 ? 125 LEU A CA  1 
ATOM   887  C C   . LEU A 1 114 ? 7.855   -13.228 -12.180 1.00 45.61 ? 125 LEU A C   1 
ATOM   888  O O   . LEU A 1 114 ? 8.846   -12.528 -12.127 1.00 45.80 ? 125 LEU A O   1 
ATOM   889  C CB  . LEU A 1 114 ? 7.089   -12.681 -14.481 1.00 44.39 ? 125 LEU A CB  1 
ATOM   890  C CG  . LEU A 1 114 ? 7.160   -13.020 -15.965 1.00 44.57 ? 125 LEU A CG  1 
ATOM   891  C CD1 . LEU A 1 114 ? 6.887   -11.767 -16.781 1.00 43.48 ? 125 LEU A CD1 1 
ATOM   892  C CD2 . LEU A 1 114 ? 8.531   -13.589 -16.295 1.00 39.74 ? 125 LEU A CD2 1 
ATOM   893  N N   . CYS A 1 115 ? 7.125   -13.524 -11.113 1.00 46.36 ? 126 CYS A N   1 
ATOM   894  C CA  . CYS A 1 115 ? 7.477   -13.073 -9.788  1.00 47.75 ? 126 CYS A CA  1 
ATOM   895  C C   . CYS A 1 115 ? 8.346   -14.201 -9.204  1.00 53.82 ? 126 CYS A C   1 
ATOM   896  O O   . CYS A 1 115 ? 7.871   -15.030 -8.420  1.00 53.30 ? 126 CYS A O   1 
ATOM   897  C CB  . CYS A 1 115 ? 6.235   -12.802 -8.992  1.00 41.90 ? 126 CYS A CB  1 
ATOM   898  S SG  . CYS A 1 115 ? 5.407   -11.344 -9.662  1.00 37.29 ? 126 CYS A SG  1 
ATOM   899  N N   . LYS A 1 116 ? 9.633   -14.163 -9.590  1.00 59.29 ? 127 LYS A N   1 
ATOM   900  C CA  . LYS A 1 116 ? 10.718  -15.127 -9.241  1.00 65.00 ? 127 LYS A CA  1 
ATOM   901  C C   . LYS A 1 116 ? 11.812  -14.566 -8.271  1.00 68.93 ? 127 LYS A C   1 
ATOM   902  O O   . LYS A 1 116 ? 12.104  -13.364 -8.264  1.00 69.73 ? 127 LYS A O   1 
ATOM   903  C CB  . LYS A 1 116 ? 11.395  -15.582 -10.546 1.00 64.88 ? 127 LYS A CB  1 
ATOM   904  C CG  . LYS A 1 116 ? 12.376  -16.769 -10.438 1.00 66.62 ? 127 LYS A CG  1 
ATOM   905  C CD  . LYS A 1 116 ? 11.697  -17.964 -9.807  1.00 69.51 ? 127 LYS A CD  1 
ATOM   906  C CE  . LYS A 1 116 ? 12.702  -18.738 -8.979  1.00 70.43 ? 127 LYS A CE  1 
ATOM   907  N NZ  . LYS A 1 116 ? 12.110  -19.901 -8.273  1.00 71.13 ? 127 LYS A NZ  1 
ATOM   908  N N   . GLY A 1 117 ? 12.471  -15.448 -7.512  1.00 72.06 ? 128 GLY A N   1 
ATOM   909  C CA  . GLY A 1 117 ? 13.509  -15.022 -6.571  1.00 74.72 ? 128 GLY A CA  1 
ATOM   910  C C   . GLY A 1 117 ? 12.948  -14.973 -5.154  1.00 76.54 ? 128 GLY A C   1 
ATOM   911  O O   . GLY A 1 117 ? 11.766  -15.268 -4.955  1.00 75.48 ? 128 GLY A O   1 
ATOM   912  N N   . GLU A 1 118 ? 13.768  -14.606 -4.168  1.00 78.05 ? 129 GLU A N   1 
ATOM   913  C CA  . GLU A 1 118 ? 13.294  -14.540 -2.781  1.00 79.51 ? 129 GLU A CA  1 
ATOM   914  C C   . GLU A 1 118 ? 13.612  -13.227 -2.053  1.00 78.30 ? 129 GLU A C   1 
ATOM   915  O O   . GLU A 1 118 ? 14.652  -12.611 -2.299  1.00 78.87 ? 129 GLU A O   1 
ATOM   916  C CB  . GLU A 1 118 ? 13.851  -15.713 -1.969  1.00 80.49 ? 129 GLU A CB  1 
ATOM   917  C CG  . GLU A 1 118 ? 13.258  -15.789 -0.577  1.00 83.84 ? 129 GLU A CG  1 
ATOM   918  C CD  . GLU A 1 118 ? 11.750  -15.998 -0.598  1.00 86.78 ? 129 GLU A CD  1 
ATOM   919  O OE1 . GLU A 1 118 ? 11.075  -15.453 -1.502  1.00 87.01 ? 129 GLU A OE1 1 
ATOM   920  O OE2 . GLU A 1 118 ? 11.237  -16.698 0.301   1.00 88.50 ? 129 GLU A OE2 1 
ATOM   921  N N   . LEU A 1 119 ? 12.720  -12.815 -1.145  1.00 75.49 ? 130 LEU A N   1 
ATOM   922  C CA  . LEU A 1 119 ? 12.896  -11.565 -0.399  1.00 71.36 ? 130 LEU A CA  1 
ATOM   923  C C   . LEU A 1 119 ? 12.185  -11.503 0.976   1.00 69.60 ? 130 LEU A C   1 
ATOM   924  O O   . LEU A 1 119 ? 10.960  -11.619 1.066   1.00 69.47 ? 130 LEU A O   1 
ATOM   925  C CB  . LEU A 1 119 ? 12.435  -10.400 -1.280  1.00 70.89 ? 130 LEU A CB  1 
ATOM   926  C CG  . LEU A 1 119 ? 12.903  -9.008  -0.864  1.00 73.32 ? 130 LEU A CG  1 
ATOM   927  C CD1 . LEU A 1 119 ? 14.405  -9.024  -0.657  1.00 72.54 ? 130 LEU A CD1 1 
ATOM   928  C CD2 . LEU A 1 119 ? 12.526  -7.993  -1.927  1.00 73.76 ? 130 LEU A CD2 1 
ATOM   929  N N   . LYS A 1 120 ? 12.976  -11.303 2.034   1.00 66.11 ? 131 LYS A N   1 
ATOM   930  C CA  . LYS A 1 120 ? 12.502  -11.222 3.426   1.00 61.12 ? 131 LYS A CA  1 
ATOM   931  C C   . LYS A 1 120 ? 12.209  -9.779  3.887   1.00 57.35 ? 131 LYS A C   1 
ATOM   932  O O   . LYS A 1 120 ? 12.820  -8.826  3.398   1.00 56.38 ? 131 LYS A O   1 
ATOM   933  C CB  . LYS A 1 120 ? 13.565  -11.810 4.364   1.00 63.45 ? 131 LYS A CB  1 
ATOM   934  C CG  . LYS A 1 120 ? 13.258  -13.150 5.036   1.00 69.83 ? 131 LYS A CG  1 
ATOM   935  C CD  . LYS A 1 120 ? 14.130  -13.280 6.299   1.00 72.66 ? 131 LYS A CD  1 
ATOM   936  C CE  . LYS A 1 120 ? 14.049  -14.645 6.984   1.00 76.09 ? 131 LYS A CE  1 
ATOM   937  N NZ  . LYS A 1 120 ? 14.981  -15.647 6.375   1.00 78.79 ? 131 LYS A NZ  1 
ATOM   938  N N   . CYS A 1 121 ? 11.293  -9.629  4.845   1.00 52.90 ? 133 CYS A N   1 
ATOM   939  C CA  . CYS A 1 121 ? 10.929  -8.315  5.388   1.00 48.07 ? 133 CYS A CA  1 
ATOM   940  C C   . CYS A 1 121 ? 11.978  -7.791  6.369   1.00 47.96 ? 133 CYS A C   1 
ATOM   941  O O   . CYS A 1 121 ? 12.056  -6.555  6.549   1.00 46.27 ? 133 CYS A O   1 
ATOM   942  C CB  . CYS A 1 121 ? 9.579   -8.376  6.112   1.00 45.10 ? 133 CYS A CB  1 
ATOM   943  S SG  . CYS A 1 121 ? 8.082   -8.543  5.081   1.00 39.19 ? 133 CYS A SG  1 
ATOM   944  O OXT . CYS A 1 121 ? 12.690  -8.627  6.967   1.00 47.75 ? 133 CYS A OXT 1 
HETATM 945  C C2  . BVL B 2 .   ? -7.970  -5.113  -3.861  0.50 66.95 ? 134 BVL A C2  1 
HETATM 946  C C4  . BVL B 2 .   ? -6.306  -6.584  -2.942  0.50 66.75 ? 134 BVL A C4  1 
HETATM 947  C C5  . BVL B 2 .   ? -7.293  -7.499  -2.608  0.50 66.85 ? 134 BVL A C5  1 
HETATM 948  C C6  . BVL B 2 .   ? -8.628  -7.208  -2.906  0.50 67.45 ? 134 BVL A C6  1 
HETATM 949  O O24 . BVL B 2 .   ? -13.866 -6.872  -2.986  0.50 70.69 ? 134 BVL A O24 1 
HETATM 950  C C9  . BVL B 2 .   ? -13.011 -5.989  -3.026  0.50 70.79 ? 134 BVL A C9  1 
HETATM 951  C C8  . BVL B 2 .   ? -11.619 -6.740  -3.167  0.50 70.07 ? 134 BVL A C8  1 
HETATM 952  C C7  . BVL B 2 .   ? -10.517 -5.993  -3.314  0.50 68.15 ? 134 BVL A C7  1 
HETATM 953  C C1  . BVL B 2 .   ? -8.983  -6.014  -3.534  0.50 68.21 ? 134 BVL A C1  1 
HETATM 954  C C3  . BVL B 2 .   ? -6.638  -5.393  -3.571  0.50 66.59 ? 134 BVL A C3  1 
HETATM 955  O O25 . BVL B 2 .   ? -4.992  -6.852  -2.645  0.50 66.72 ? 134 BVL A O25 1 
HETATM 956  C C10 . BVL B 2 .   ? -13.622 -4.556  -2.769  0.50 72.09 ? 134 BVL A C10 1 
HETATM 957  C C11 . BVL B 2 .   ? -12.853 -3.325  -2.620  0.50 73.44 ? 134 BVL A C11 1 
HETATM 958  O O23 . BVL B 2 .   ? -11.528 -3.177  -2.690  0.50 74.82 ? 134 BVL A O23 1 
HETATM 959  C C12 . BVL B 2 .   ? -13.571 -2.185  -2.338  0.50 73.01 ? 134 BVL A C12 1 
HETATM 960  C C13 . BVL B 2 .   ? -14.962 -2.047  -2.144  0.50 72.46 ? 134 BVL A C13 1 
HETATM 961  O O21 . BVL B 2 .   ? -15.182 -0.697  -1.945  0.50 73.87 ? 134 BVL A O21 1 
HETATM 962  C C22 . BVL B 2 .   ? -16.058 0.425   -1.795  0.50 72.53 ? 134 BVL A C22 1 
HETATM 963  C C14 . BVL B 2 .   ? -15.925 -3.122  -2.345  0.50 71.57 ? 134 BVL A C14 1 
HETATM 964  C C15 . BVL B 2 .   ? -15.172 -4.369  -2.664  0.50 71.89 ? 134 BVL A C15 1 
HETATM 965  C C16 . BVL B 2 .   ? -17.337 -2.475  -2.110  0.50 70.92 ? 134 BVL A C16 1 
HETATM 966  C C17 . BVL B 2 .   ? -18.444 -3.308  -2.531  0.50 69.58 ? 134 BVL A C17 1 
HETATM 967  C C18 . BVL B 2 .   ? -19.785 -3.137  -2.433  0.50 70.06 ? 134 BVL A C18 1 
HETATM 968  C C20 . BVL B 2 .   ? -20.692 -2.124  -1.767  0.50 69.62 ? 134 BVL A C20 1 
HETATM 969  C C19 . BVL B 2 .   ? -20.297 -4.288  -3.195  0.50 70.06 ? 134 BVL A C19 1 
HETATM 970  O O   . HOH C 3 .   ? -6.425  -0.354  21.759  1.00 34.47 ? 135 HOH A O   1 
HETATM 971  O O   . HOH C 3 .   ? -0.707  -7.299  16.382  1.00 31.47 ? 136 HOH A O   1 
HETATM 972  O O   . HOH C 3 .   ? 7.365   2.679   -9.729  1.00 19.59 ? 137 HOH A O   1 
HETATM 973  O O   . HOH C 3 .   ? 5.083   1.521   1.851   1.00 12.53 ? 138 HOH A O   1 
HETATM 974  O O   . HOH C 3 .   ? 13.511  -5.880  8.942   1.00 26.44 ? 139 HOH A O   1 
HETATM 975  O O   . HOH C 3 .   ? -4.462  -9.608  20.402  1.00 27.14 ? 140 HOH A O   1 
HETATM 976  O O   . HOH C 3 .   ? 4.034   0.867   4.479   1.00 18.13 ? 141 HOH A O   1 
HETATM 977  O O   . HOH C 3 .   ? -7.789  -4.512  13.668  1.00 27.02 ? 142 HOH A O   1 
HETATM 978  O O   . HOH C 3 .   ? -12.020 -1.735  17.046  1.00 27.58 ? 143 HOH A O   1 
HETATM 979  O O   . HOH C 3 .   ? -2.818  -7.006  17.753  1.00 42.90 ? 144 HOH A O   1 
HETATM 980  O O   . HOH C 3 .   ? 0.361   6.587   25.382  1.00 54.92 ? 145 HOH A O   1 
HETATM 981  O O   . HOH C 3 .   ? 0.685   -7.948  -7.964  1.00 15.55 ? 146 HOH A O   1 
HETATM 982  O O   . HOH C 3 .   ? -6.399  0.026   6.121   1.00 30.91 ? 147 HOH A O   1 
HETATM 983  O O   . HOH C 3 .   ? 12.913  -8.069  -10.367 1.00 53.04 ? 148 HOH A O   1 
HETATM 984  O O   . HOH C 3 .   ? 5.168   14.727  -9.245  1.00 40.34 ? 149 HOH A O   1 
HETATM 985  O O   . HOH C 3 .   ? -4.994  -7.425  18.637  1.00 33.59 ? 150 HOH A O   1 
HETATM 986  O O   . HOH C 3 .   ? -8.231  -7.103  15.500  1.00 25.45 ? 151 HOH A O   1 
HETATM 987  O O   . HOH C 3 .   ? -8.530  -5.052  17.794  1.00 33.82 ? 152 HOH A O   1 
HETATM 988  O O   . HOH C 3 .   ? 11.738  2.542   -10.267 1.00 40.62 ? 153 HOH A O   1 
HETATM 989  O O   . HOH C 3 .   ? 9.388   1.418   -13.295 1.00 46.13 ? 154 HOH A O   1 
HETATM 990  O O   . HOH C 3 .   ? -4.886  1.759   22.796  1.00 51.26 ? 155 HOH A O   1 
HETATM 991  O O   . HOH C 3 .   ? -2.309  7.141   24.063  1.00 75.19 ? 156 HOH A O   1 
HETATM 992  O O   . HOH C 3 .   ? -8.942  4.774   -4.845  1.00 41.26 ? 157 HOH A O   1 
HETATM 993  O O   . HOH C 3 .   ? -16.123 1.338   14.323  1.00 45.00 ? 158 HOH A O   1 
HETATM 994  O O   . HOH C 3 .   ? 3.233   5.255   -7.711  1.00 19.98 ? 159 HOH A O   1 
HETATM 995  O O   . HOH C 3 .   ? 13.257  -7.085  12.181  1.00 54.85 ? 160 HOH A O   1 
HETATM 996  O O   . HOH C 3 .   ? 14.293  -3.955  -3.670  1.00 47.06 ? 161 HOH A O   1 
HETATM 997  O O   . HOH C 3 .   ? 0.678   -17.636 -6.314  1.00 62.86 ? 162 HOH A O   1 
HETATM 998  O O   . HOH C 3 .   ? 14.237  -17.806 8.537   1.00 53.55 ? 163 HOH A O   1 
HETATM 999  O O   . HOH C 3 .   ? 10.557  6.982   -8.562  1.00 29.47 ? 164 HOH A O   1 
HETATM 1000 O O   . HOH C 3 .   ? 0.435   -9.206  -5.929  1.00 45.34 ? 165 HOH A O   1 
HETATM 1001 O O   . HOH C 3 .   ? 0.148   10.684  11.392  1.00 34.70 ? 166 HOH A O   1 
HETATM 1002 O O   . HOH C 3 .   ? -5.849  4.478   23.331  1.00 49.10 ? 167 HOH A O   1 
HETATM 1003 O O   . HOH C 3 .   ? 4.152   9.577   11.379  1.00 52.25 ? 168 HOH A O   1 
HETATM 1004 O O   . HOH C 3 .   ? -1.093  11.172  14.884  1.00 45.15 ? 169 HOH A O   1 
HETATM 1005 O O   . HOH C 3 .   ? 11.826  9.609   -7.430  1.00 57.35 ? 170 HOH A O   1 
HETATM 1006 O O   . HOH C 3 .   ? -7.889  19.137  14.840  1.00 89.62 ? 171 HOH A O   1 
HETATM 1007 O O   . HOH C 3 .   ? 15.396  -8.233  2.856   1.00 44.56 ? 172 HOH A O   1 
HETATM 1008 O O   . HOH C 3 .   ? -1.291  3.198   20.292  1.00 68.77 ? 173 HOH A O   1 
HETATM 1009 O O   . HOH C 3 .   ? -14.520 -0.747  5.193   1.00 48.92 ? 174 HOH A O   1 
HETATM 1010 O O   . HOH C 3 .   ? -3.082  4.330   21.493  1.00 83.64 ? 175 HOH A O   1 
HETATM 1011 O O   . HOH C 3 .   ? 2.036   13.438  5.429   1.00 49.31 ? 176 HOH A O   1 
HETATM 1012 O O   . HOH C 3 .   ? -9.065  -2.323  16.491  1.00 23.62 ? 177 HOH A O   1 
HETATM 1013 O O   . HOH C 3 .   ? -14.072 -0.429  12.230  1.00 43.27 ? 178 HOH A O   1 
# 
